data_8JXQ
#
_entry.id   8JXQ
#
_cell.length_a   1.00
_cell.length_b   1.00
_cell.length_c   1.00
_cell.angle_alpha   90.00
_cell.angle_beta   90.00
_cell.angle_gamma   90.00
#
_symmetry.space_group_name_H-M   'P 1'
#
loop_
_entity.id
_entity.type
_entity.pdbx_description
1 polymer 'ATP-binding cassette sub-family C member 2'
2 non-polymer CHOLESTEROL
3 non-polymer '2-[3-[5-[(E)-(4-ethenyl-3-methyl-5-oxidanylidene-pyrrol-2-ylidene)methyl]-2-[[5-[(3-ethenyl-4-methyl-5-oxidanylidene-pyrrol-2-ylidene)methyl]-4-methyl-3-[3-oxidanylidene-3-(2-sulfoethylamino)propyl]-1H-pyrrol-2-yl]methyl]-4-methyl-1H-pyrrol-3-yl]propanoylamino]ethanesulfonic acid'
#
_entity_poly.entity_id   1
_entity_poly.type   'polypeptide(L)'
_entity_poly.pdbx_seq_one_letter_code
;MLEKFCNSTFWNSSFLDSPEADLPLCFEQTVLVWIPLGYLWLLAPWQLLHVYKSRTKRSSTTKLYLAKQVFVGFLLILAA
IELALVLTEDSGQATVPAVRYTNPSLYLGTWLLVLLIQYSRQWCVQKNSWFLSLFWILSILCGTFQFQTLIRTLLQGDNS
NLAYSCLFFISYGFQILILIFSAFSENNESSNNPSSIASFLSSITYSWYDSIILKGYKRPLTLEDVWEVDEEMKTKTLVS
KFETHMKRELQKARRALQRRQEKSSQQNSGARLPGLNKNQSQSQDALVLEDVEKKKKKSGTKKDVPKSWLMKALFKTFYM
VLLKSFLLKLVNDIFTFVSPQLLKLLISFASDRDTYLWIGYLCAILLFTAALIQSFCLQCYFQLCFKLGVKVRTAIMASV
YKKALTLSNLARKEYTVGETVNLMSVDAQKLMDVTNFMHMLWSSVLQIVLSIFFLWRELGPSVLAGVGVMVLVIPINAIL
STKSKTIQVKNMKNKDKRLKIMNEILSGIKILKYFAWEPSFRDQVQNLRKKELKNLLAFSQLQCVVIFVFQLTPVLVSVV
TFSVYVLVDSNNILDAQKAFTSITLFNILRFPLSMLPMMISSMLQASVSTERLEKYLGGDDLDTSAIRHDCNFDKAMQFS
EASFTWEHDSEATVRDVNLDIMAGQLVAVIGPVGSGKSSLISAMLGEMENVHGHITIKGTTAYVPQQSWIQNGTIKDNIL
FGTEFNEKRYQQVLEACALLPDLEMLPGGDLAEIGEKGINLSGGQKQRISLARATYQNLDIYLLDDPLSAVDAHVGKHIF
NKVLGPNGLLKGKTRLLVTHSMHFLPQVDEIVVLGNGTIVEKGSYSALLAKKGEFAKNLKTFLRHTGPEEEATVHDGSEE
EDDDYGLISSVEEIPEDAASITMRRENSFRRTLSRSSRSNGRHLKSLRNSLKTRNVNSLKEDEELVKGQKLIKKEFIETG
KVKFSIYLEYLQAIGLFSIFFIILAFVMNSVAFIGSNLWLSAWTSDSKIFNSTDYPASQRDMRVGVYGALGLAQGIFVFI
AHFWSAFGFVHASNILHKQLLNNILRAPMRFFDTTPTGRIVNRFAGDISTVDDTLPQSLRSWITCFLGIISTLVMICMAT
PVFTIIVIPLGIIYVSVQMFYVSTSRQLRRLDSVTRSPIYSHFSETVSGLPVIRAFEHQQRFLKHNEVRIDTNQKCVFSW
ITSNRWLAIRLELVGNLTVFFSALMMVIYRDTLSGDTVGFVLSNALNITQTLNWLVRMTSEIETNIVAVERITEYTKVEN
EAPWVTDKRPPPDWPSKGKIQFNNYQVRYRPELDLVLRGITCDIGSMEKIGVVGRTGAGKSSLTNCLFRILEAAGGQIII
DGVDIASIGLHDLREKLTIIPQDPILFSGSLRMNLDPFNNYSDEEIWKALELAHLKSFVASLQLGLSHEVTEAGGNLSIG
QRQLLCLGRALLRKSKILVLDEATAAVDLETDNLIQTTIQNEFAHCTVITIAHRLHTIMDSDKVMVLDNGKIIECGSPEE
LLQIPGPFYFMAKEAGIENVNSTKFLEDYKDDDDKVEHHHHHHHH
;
_entity_poly.pdbx_strand_id   A
#
loop_
_chem_comp.id
_chem_comp.type
_chem_comp.name
_chem_comp.formula
CLR non-polymer CHOLESTEROL 'C27 H46 O'
FEI non-polymer '2-[3-[5-[(E)-(4-ethenyl-3-methyl-5-oxidanylidene-pyrrol-2-ylidene)methyl]-2-[[5-[(3-ethenyl-4-methyl-5-oxidanylidene-pyrrol-2-ylidene)methyl]-4-methyl-3-[3-oxidanylidene-3-(2-sulfoethylamino)propyl]-1H-pyrrol-2-yl]methyl]-4-methyl-1H-pyrrol-3-yl]propanoylamino]ethanesulfonic acid' 'C37 H46 N6 O10 S2'
#
# COMPACT_ATOMS: atom_id res chain seq x y z
N MET A 1 23.07 20.72 58.84
CA MET A 1 23.91 21.18 57.71
C MET A 1 23.61 22.63 57.37
N LEU A 2 22.31 22.97 57.36
CA LEU A 2 21.85 24.32 57.05
C LEU A 2 21.11 24.95 58.21
N GLU A 3 21.34 24.45 59.44
CA GLU A 3 20.58 24.95 60.58
C GLU A 3 20.78 26.45 60.78
N LYS A 4 22.03 26.90 60.78
CA LYS A 4 22.29 28.33 60.93
C LYS A 4 21.76 29.12 59.74
N PHE A 5 21.70 28.48 58.56
CA PHE A 5 21.23 29.19 57.37
C PHE A 5 19.79 29.64 57.54
N CYS A 6 18.93 28.78 58.10
CA CYS A 6 17.53 29.13 58.34
C CYS A 6 17.27 29.51 59.79
N ASN A 7 18.05 29.01 60.73
CA ASN A 7 17.85 29.15 62.17
C ASN A 7 16.75 28.24 62.68
N SER A 8 16.05 27.52 61.80
CA SER A 8 15.03 26.56 62.18
C SER A 8 15.49 25.16 61.81
N THR A 9 14.85 24.17 62.43
CA THR A 9 15.27 22.79 62.22
C THR A 9 15.19 22.42 60.74
N PHE A 10 16.25 21.78 60.25
CA PHE A 10 16.34 21.31 58.88
C PHE A 10 16.14 19.80 58.86
N TRP A 11 15.05 19.35 58.26
CA TRP A 11 14.76 17.93 58.10
C TRP A 11 14.67 17.22 59.45
N ASN A 12 13.68 17.64 60.25
CA ASN A 12 13.28 16.88 61.42
C ASN A 12 12.38 15.75 60.93
N SER A 13 12.95 14.54 60.81
CA SER A 13 12.27 13.46 60.13
C SER A 13 10.93 13.11 60.78
N SER A 14 10.74 13.43 62.05
CA SER A 14 9.46 13.17 62.71
C SER A 14 8.34 14.04 62.17
N PHE A 15 8.66 15.09 61.41
CA PHE A 15 7.61 15.90 60.79
C PHE A 15 6.77 15.08 59.82
N LEU A 16 7.32 14.00 59.26
CA LEU A 16 6.62 13.16 58.30
C LEU A 16 6.05 11.90 58.95
N ASP A 17 5.61 12.00 60.20
CA ASP A 17 5.07 10.84 60.92
C ASP A 17 3.66 11.12 61.42
N SER A 18 3.39 12.37 61.81
CA SER A 18 2.10 12.70 62.36
C SER A 18 1.02 12.61 61.28
N PRO A 19 -0.24 12.45 61.68
CA PRO A 19 -1.32 12.41 60.67
C PRO A 19 -1.40 13.67 59.84
N GLU A 20 -0.95 14.80 60.35
CA GLU A 20 -0.89 16.06 59.61
C GLU A 20 0.58 16.36 59.34
N ALA A 21 1.09 15.81 58.25
CA ALA A 21 2.50 15.93 57.90
C ALA A 21 2.74 17.20 57.10
N ASP A 22 3.95 17.74 57.25
CA ASP A 22 4.37 18.93 56.53
C ASP A 22 5.89 18.99 56.53
N LEU A 23 6.46 19.36 55.39
CA LEU A 23 7.90 19.48 55.29
C LEU A 23 8.37 20.67 56.13
N PRO A 24 9.58 20.60 56.69
CA PRO A 24 10.10 21.76 57.43
C PRO A 24 10.18 22.97 56.52
N LEU A 25 9.78 24.13 57.06
CA LEU A 25 9.74 25.33 56.25
C LEU A 25 11.11 25.76 55.78
N CYS A 26 12.18 25.36 56.47
CA CYS A 26 13.52 25.67 56.01
C CYS A 26 13.90 24.81 54.81
N PHE A 27 13.54 23.53 54.84
CA PHE A 27 13.86 22.65 53.72
C PHE A 27 13.20 23.12 52.43
N GLU A 28 11.95 23.57 52.51
CA GLU A 28 11.26 24.03 51.32
C GLU A 28 11.95 25.25 50.72
N GLN A 29 12.40 26.18 51.55
CA GLN A 29 13.09 27.37 51.09
C GLN A 29 14.59 27.15 50.95
N THR A 30 15.05 25.90 51.00
CA THR A 30 16.49 25.61 50.96
C THR A 30 16.82 24.61 49.85
N VAL A 31 15.90 23.72 49.52
CA VAL A 31 16.14 22.72 48.49
C VAL A 31 15.07 22.69 47.42
N LEU A 32 13.87 23.24 47.65
CA LEU A 32 12.87 23.30 46.59
C LEU A 32 12.93 24.62 45.83
N VAL A 33 13.88 25.49 46.17
CA VAL A 33 14.05 26.73 45.40
C VAL A 33 15.34 26.67 44.60
N TRP A 34 16.24 25.74 44.92
CA TRP A 34 17.49 25.60 44.19
C TRP A 34 17.42 24.58 43.07
N ILE A 35 16.51 23.62 43.14
CA ILE A 35 16.28 22.69 42.04
C ILE A 35 15.80 23.47 40.82
N PRO A 36 14.77 24.33 40.93
CA PRO A 36 14.36 25.11 39.77
C PRO A 36 15.40 26.15 39.35
N LEU A 37 15.85 26.97 40.31
CA LEU A 37 16.84 27.99 39.99
C LEU A 37 18.15 27.34 39.54
N GLY A 38 18.56 26.25 40.20
CA GLY A 38 19.73 25.54 39.75
C GLY A 38 19.59 25.03 38.32
N TYR A 39 18.40 24.59 37.96
CA TYR A 39 18.16 24.10 36.60
C TYR A 39 18.36 25.21 35.58
N LEU A 40 17.91 26.42 35.91
CA LEU A 40 17.98 27.54 34.96
C LEU A 40 19.38 28.13 34.90
N TRP A 41 19.88 28.65 36.03
CA TRP A 41 21.17 29.35 36.02
C TRP A 41 22.30 28.45 35.53
N LEU A 42 22.21 27.14 35.79
CA LEU A 42 23.27 26.24 35.38
C LEU A 42 23.19 25.95 33.88
N LEU A 43 22.06 26.23 33.26
CA LEU A 43 21.82 25.82 31.87
C LEU A 43 21.49 26.98 30.95
N ALA A 44 21.30 28.20 31.49
CA ALA A 44 21.04 29.34 30.62
C ALA A 44 22.17 29.63 29.64
N PRO A 45 23.45 29.59 30.04
CA PRO A 45 24.51 29.88 29.05
C PRO A 45 24.40 29.04 27.79
N TRP A 46 24.08 27.75 27.92
CA TRP A 46 23.93 26.91 26.73
C TRP A 46 22.80 27.40 25.84
N GLN A 47 21.67 27.77 26.45
CA GLN A 47 20.48 28.16 25.70
C GLN A 47 20.47 29.64 25.35
N LEU A 48 21.51 30.39 25.70
CA LEU A 48 21.68 31.76 25.24
C LEU A 48 22.69 31.89 24.11
N LEU A 49 23.85 31.23 24.25
CA LEU A 49 24.80 31.20 23.14
C LEU A 49 24.23 30.43 21.95
N HIS A 50 23.54 29.33 22.22
CA HIS A 50 23.01 28.49 21.15
C HIS A 50 21.98 29.22 20.29
N VAL A 51 21.36 30.27 20.82
CA VAL A 51 20.39 31.05 20.07
C VAL A 51 21.07 32.20 19.33
N TYR A 52 22.12 32.77 19.90
CA TYR A 52 22.85 33.84 19.24
C TYR A 52 23.44 33.33 17.93
N LYS A 53 24.01 32.12 17.94
CA LYS A 53 24.57 31.54 16.74
C LYS A 53 23.51 31.41 15.65
N SER A 54 22.38 30.78 15.98
CA SER A 54 21.31 30.57 15.01
C SER A 54 20.37 31.78 15.00
N ARG A 55 20.95 32.94 14.70
CA ARG A 55 20.21 34.19 14.69
C ARG A 55 19.20 34.20 13.54
N THR A 56 18.12 34.95 13.75
CA THR A 56 17.07 35.09 12.75
C THR A 56 16.42 36.46 12.92
N LYS A 57 15.77 36.92 11.86
CA LYS A 57 15.10 38.22 11.90
C LYS A 57 14.07 38.25 13.02
N ARG A 58 14.09 39.32 13.80
CA ARG A 58 13.16 39.45 14.91
C ARG A 58 11.72 39.47 14.40
N SER A 59 10.86 38.70 15.06
CA SER A 59 9.45 38.67 14.71
C SER A 59 8.74 39.88 15.28
N SER A 60 7.56 40.18 14.71
CA SER A 60 6.75 41.27 15.22
C SER A 60 6.25 40.92 16.62
N THR A 61 6.40 41.86 17.54
CA THR A 61 6.02 41.62 18.93
C THR A 61 4.52 41.38 19.03
N THR A 62 4.12 40.15 19.34
CA THR A 62 2.73 39.80 19.48
C THR A 62 2.27 40.02 20.91
N LYS A 63 0.94 39.93 21.11
CA LYS A 63 0.37 40.19 22.42
C LYS A 63 0.93 39.23 23.47
N LEU A 64 1.02 37.95 23.13
CA LEU A 64 1.47 36.96 24.10
C LEU A 64 2.92 37.18 24.52
N TYR A 65 3.73 37.79 23.66
CA TYR A 65 5.11 38.08 24.08
C TYR A 65 5.15 39.20 25.10
N LEU A 66 4.37 40.26 24.89
CA LEU A 66 4.33 41.35 25.85
C LEU A 66 3.78 40.88 27.19
N ALA A 67 2.68 40.13 27.16
CA ALA A 67 2.09 39.63 28.39
C ALA A 67 3.06 38.73 29.13
N LYS A 68 3.75 37.83 28.41
CA LYS A 68 4.76 37.00 29.04
C LYS A 68 5.91 37.82 29.60
N GLN A 69 6.07 39.07 29.14
CA GLN A 69 7.14 39.91 29.65
C GLN A 69 6.67 40.76 30.83
N VAL A 70 5.43 41.21 30.80
CA VAL A 70 4.90 42.01 31.92
C VAL A 70 4.89 41.18 33.20
N PHE A 71 4.39 39.95 33.11
CA PHE A 71 4.26 39.13 34.32
C PHE A 71 5.62 38.79 34.90
N VAL A 72 6.60 38.45 34.06
CA VAL A 72 7.95 38.25 34.57
C VAL A 72 8.48 39.55 35.15
N GLY A 73 7.98 40.69 34.67
CA GLY A 73 8.32 41.95 35.30
C GLY A 73 7.76 42.06 36.70
N PHE A 74 6.54 41.55 36.90
CA PHE A 74 5.95 41.57 38.25
C PHE A 74 6.78 40.73 39.22
N LEU A 75 7.24 39.55 38.78
CA LEU A 75 8.06 38.73 39.66
C LEU A 75 9.33 39.47 40.07
N LEU A 76 9.76 40.45 39.28
CA LEU A 76 10.85 41.33 39.71
C LEU A 76 10.35 42.29 40.79
N ILE A 77 9.19 42.90 40.57
CA ILE A 77 8.65 43.85 41.54
C ILE A 77 8.35 43.14 42.86
N LEU A 78 7.71 41.98 42.79
CA LEU A 78 7.39 41.24 44.00
C LEU A 78 8.61 40.60 44.62
N ALA A 79 9.66 40.36 43.84
CA ALA A 79 10.92 39.86 44.39
C ALA A 79 11.79 40.97 44.97
N ALA A 80 11.46 42.24 44.69
CA ALA A 80 12.14 43.38 45.28
C ALA A 80 11.47 43.87 46.55
N ILE A 81 10.14 43.87 46.58
CA ILE A 81 9.43 44.24 47.79
C ILE A 81 9.80 43.29 48.92
N GLU A 82 9.95 42.01 48.62
CA GLU A 82 10.32 41.03 49.63
C GLU A 82 11.65 41.41 50.29
N LEU A 83 12.64 41.77 49.48
CA LEU A 83 13.91 42.24 50.03
C LEU A 83 13.74 43.56 50.77
N ALA A 84 12.89 44.45 50.26
CA ALA A 84 12.68 45.74 50.91
C ALA A 84 12.12 45.56 52.32
N LEU A 85 11.12 44.68 52.46
CA LEU A 85 10.50 44.47 53.76
C LEU A 85 11.41 43.77 54.75
N VAL A 86 12.54 43.23 54.29
CA VAL A 86 13.52 42.61 55.19
C VAL A 86 14.56 43.61 55.66
N LEU A 87 15.13 44.38 54.74
CA LEU A 87 16.11 45.40 55.13
C LEU A 87 15.46 46.47 55.99
N THR A 88 14.26 46.91 55.60
CA THR A 88 13.60 47.97 56.35
C THR A 88 13.29 47.54 57.77
N GLU A 89 12.80 46.31 57.95
CA GLU A 89 12.42 45.81 59.26
C GLU A 89 13.51 44.90 59.82
N THR A 95 17.10 41.32 63.81
CA THR A 95 18.06 40.33 63.34
C THR A 95 17.36 39.26 62.51
N VAL A 96 17.60 39.28 61.20
CA VAL A 96 16.99 38.31 60.29
C VAL A 96 18.08 37.37 59.79
N PRO A 97 17.76 36.12 59.47
CA PRO A 97 18.77 35.20 58.95
C PRO A 97 19.02 35.40 57.47
N ALA A 98 20.06 34.72 56.97
CA ALA A 98 20.45 34.87 55.58
C ALA A 98 19.33 34.43 54.64
N VAL A 99 18.66 33.32 54.97
CA VAL A 99 17.58 32.81 54.14
C VAL A 99 16.47 33.84 53.99
N ARG A 100 16.29 34.72 54.97
CA ARG A 100 15.23 35.71 54.92
C ARG A 100 15.47 36.79 53.87
N TYR A 101 16.73 37.05 53.51
CA TYR A 101 17.06 38.05 52.50
C TYR A 101 17.83 37.49 51.32
N THR A 102 18.26 36.23 51.36
CA THR A 102 19.02 35.64 50.27
C THR A 102 18.11 35.16 49.15
N ASN A 103 17.19 34.25 49.46
CA ASN A 103 16.27 33.70 48.47
C ASN A 103 15.52 34.82 47.74
N PRO A 104 15.06 35.86 48.44
CA PRO A 104 14.44 36.97 47.73
C PRO A 104 15.33 37.58 46.67
N SER A 105 16.63 37.70 46.93
CA SER A 105 17.54 38.27 45.94
C SER A 105 17.70 37.36 44.74
N LEU A 106 17.85 36.06 44.98
CA LEU A 106 18.04 35.12 43.87
C LEU A 106 16.87 35.18 42.89
N TYR A 107 15.67 35.53 43.37
CA TYR A 107 14.56 35.76 42.45
C TYR A 107 14.83 36.94 41.55
N LEU A 108 15.32 38.05 42.12
CA LEU A 108 15.66 39.21 41.31
C LEU A 108 16.77 38.88 40.32
N GLY A 109 17.79 38.16 40.78
CA GLY A 109 18.85 37.74 39.87
C GLY A 109 18.35 36.82 38.79
N THR A 110 17.44 35.91 39.13
CA THR A 110 16.91 34.97 38.15
C THR A 110 15.88 35.62 37.25
N TRP A 111 14.90 36.29 37.83
CA TRP A 111 13.83 36.86 37.02
C TRP A 111 14.36 37.82 35.97
N LEU A 112 15.52 38.44 36.21
CA LEU A 112 16.20 39.15 35.12
C LEU A 112 16.67 38.18 34.06
N LEU A 113 17.29 37.07 34.46
CA LEU A 113 17.78 36.09 33.49
C LEU A 113 16.61 35.52 32.69
N VAL A 114 15.53 35.16 33.37
CA VAL A 114 14.33 34.71 32.66
C VAL A 114 13.77 35.82 31.79
N LEU A 115 13.74 37.05 32.32
CA LEU A 115 13.25 38.18 31.54
C LEU A 115 14.08 38.38 30.28
N LEU A 116 15.33 37.91 30.26
CA LEU A 116 16.19 37.98 29.09
C LEU A 116 16.02 36.80 28.16
N ILE A 117 15.96 35.58 28.70
CA ILE A 117 15.76 34.41 27.85
C ILE A 117 14.45 34.46 27.10
N GLN A 118 13.40 35.00 27.69
CA GLN A 118 12.16 35.23 26.97
C GLN A 118 12.33 36.26 25.86
N TYR A 119 13.28 37.19 26.01
CA TYR A 119 13.55 38.14 24.94
C TYR A 119 14.40 37.50 23.84
N SER A 120 15.29 36.57 24.21
CA SER A 120 16.16 35.96 23.22
C SER A 120 15.39 35.05 22.27
N ARG A 121 14.32 34.40 22.77
CA ARG A 121 13.54 33.51 21.91
C ARG A 121 12.91 34.25 20.75
N GLN A 122 12.82 35.58 20.81
CA GLN A 122 12.18 36.34 19.74
C GLN A 122 12.89 36.16 18.41
N TRP A 123 14.15 35.73 18.41
CA TRP A 123 14.91 35.48 17.19
C TRP A 123 15.02 33.99 16.89
N CYS A 124 13.99 33.22 17.22
CA CYS A 124 13.99 31.79 16.98
C CYS A 124 12.60 31.36 16.50
N VAL A 125 12.57 30.28 15.72
CA VAL A 125 11.30 29.80 15.16
C VAL A 125 10.37 29.33 16.26
N GLN A 126 10.89 28.59 17.23
CA GLN A 126 10.10 28.03 18.33
C GLN A 126 10.19 29.00 19.51
N LYS A 127 9.14 29.81 19.69
CA LYS A 127 9.18 30.84 20.73
C LYS A 127 9.23 30.22 22.12
N ASN A 128 8.32 29.29 22.40
CA ASN A 128 8.20 28.67 23.72
C ASN A 128 8.88 27.31 23.66
N SER A 129 10.20 27.31 23.86
CA SER A 129 11.01 26.11 23.71
C SER A 129 10.79 25.19 24.91
N TRP A 130 11.55 24.10 24.95
CA TRP A 130 11.48 23.18 26.09
C TRP A 130 12.18 23.72 27.32
N PHE A 131 13.01 24.74 27.15
CA PHE A 131 13.84 25.20 28.27
C PHE A 131 13.00 25.95 29.29
N LEU A 132 12.41 27.08 28.92
CA LEU A 132 11.63 27.87 29.84
C LEU A 132 10.24 27.31 30.07
N SER A 133 9.73 26.48 29.17
CA SER A 133 8.44 25.82 29.37
C SER A 133 8.56 24.59 30.25
N LEU A 134 9.78 24.17 30.59
CA LEU A 134 10.01 23.08 31.52
C LEU A 134 10.64 23.56 32.82
N PHE A 135 10.85 24.87 32.97
CA PHE A 135 11.28 25.45 34.23
C PHE A 135 10.11 25.97 35.05
N TRP A 136 9.00 26.30 34.41
CA TRP A 136 7.78 26.62 35.13
C TRP A 136 7.18 25.38 35.78
N ILE A 137 7.17 24.25 35.07
CA ILE A 137 6.71 23.00 35.65
C ILE A 137 7.59 22.62 36.83
N LEU A 138 8.91 22.71 36.65
CA LEU A 138 9.83 22.35 37.72
C LEU A 138 9.75 23.29 38.91
N SER A 139 9.20 24.48 38.73
CA SER A 139 9.05 25.45 39.82
C SER A 139 7.61 25.61 40.28
N ILE A 140 6.68 24.82 39.75
CA ILE A 140 5.32 24.79 40.27
C ILE A 140 5.08 23.49 41.04
N LEU A 141 5.73 22.41 40.64
CA LEU A 141 5.71 21.17 41.40
C LEU A 141 6.74 21.16 42.52
N CYS A 142 7.64 22.14 42.55
CA CYS A 142 8.56 22.35 43.65
C CYS A 142 8.14 23.48 44.58
N GLY A 143 7.40 24.46 44.07
CA GLY A 143 6.94 25.56 44.88
C GLY A 143 5.51 25.40 45.33
N THR A 144 4.96 24.20 45.18
CA THR A 144 3.63 23.88 45.70
C THR A 144 3.67 23.22 47.07
N PHE A 145 4.77 22.58 47.44
CA PHE A 145 4.93 22.11 48.81
C PHE A 145 4.97 23.27 49.80
N GLN A 146 5.28 24.47 49.32
CA GLN A 146 5.29 25.67 50.14
C GLN A 146 3.97 26.43 50.08
N PHE A 147 3.20 26.26 49.01
CA PHE A 147 1.87 26.85 48.94
C PHE A 147 0.89 26.19 49.91
N GLN A 148 1.26 25.05 50.49
CA GLN A 148 0.43 24.37 51.47
C GLN A 148 0.95 24.61 52.89
N THR A 149 2.27 24.57 53.09
CA THR A 149 2.81 24.81 54.42
C THR A 149 2.44 26.20 54.92
N LEU A 150 2.54 27.21 54.05
CA LEU A 150 2.13 28.55 54.41
C LEU A 150 0.62 28.67 54.60
N ILE A 151 -0.16 28.08 53.70
CA ILE A 151 -1.62 28.15 53.82
C ILE A 151 -2.12 27.35 55.02
N ARG A 152 -1.51 26.20 55.32
CA ARG A 152 -1.91 25.45 56.50
C ARG A 152 -1.55 26.21 57.77
N THR A 153 -0.39 26.85 57.79
CA THR A 153 0.00 27.66 58.94
C THR A 153 -0.95 28.83 59.14
N LEU A 154 -1.34 29.49 58.05
CA LEU A 154 -2.25 30.62 58.15
C LEU A 154 -3.61 30.19 58.69
N LEU A 155 -4.11 29.04 58.24
CA LEU A 155 -5.44 28.59 58.65
C LEU A 155 -5.52 28.31 60.14
N GLN A 156 -4.39 28.17 60.83
CA GLN A 156 -4.36 27.92 62.26
C GLN A 156 -4.25 29.22 63.07
N GLY A 157 -4.45 30.36 62.42
CA GLY A 157 -4.47 31.63 63.12
C GLY A 157 -3.10 32.22 63.35
N ASP A 158 -2.05 31.50 62.95
CA ASP A 158 -0.68 31.97 63.11
C ASP A 158 -0.30 32.89 61.96
N ASN A 159 -1.03 33.99 61.85
CA ASN A 159 -0.78 34.96 60.79
C ASN A 159 0.29 35.97 61.22
N SER A 160 1.42 35.46 61.71
CA SER A 160 2.56 36.29 62.05
C SER A 160 3.55 36.40 60.90
N ASN A 161 3.29 35.73 59.78
CA ASN A 161 4.14 35.78 58.60
C ASN A 161 3.32 36.15 57.38
N LEU A 162 2.23 36.92 57.57
CA LEU A 162 1.36 37.27 56.46
C LEU A 162 2.04 38.14 55.41
N ALA A 163 3.18 38.74 55.74
CA ALA A 163 3.92 39.53 54.76
C ALA A 163 4.57 38.63 53.72
N TYR A 164 5.38 37.67 54.17
CA TYR A 164 6.02 36.75 53.24
C TYR A 164 5.00 35.85 52.55
N SER A 165 3.90 35.55 53.23
CA SER A 165 2.91 34.64 52.66
C SER A 165 2.06 35.29 51.60
N CYS A 166 1.56 36.50 51.87
CA CYS A 166 0.72 37.19 50.89
C CYS A 166 1.48 37.47 49.59
N LEU A 167 2.82 37.53 49.65
CA LEU A 167 3.60 37.69 48.43
C LEU A 167 3.73 36.37 47.69
N PHE A 168 4.11 35.30 48.41
CA PHE A 168 4.26 34.00 47.78
C PHE A 168 2.95 33.49 47.19
N PHE A 169 1.82 33.83 47.81
CA PHE A 169 0.52 33.40 47.29
C PHE A 169 0.12 34.13 46.02
N ILE A 170 0.83 35.19 45.65
CA ILE A 170 0.60 35.88 44.40
C ILE A 170 1.73 35.64 43.41
N SER A 171 2.96 35.54 43.89
CA SER A 171 4.07 35.17 43.02
C SER A 171 3.86 33.78 42.45
N TYR A 172 3.42 32.84 43.30
CA TYR A 172 3.11 31.50 42.83
C TYR A 172 1.88 31.49 41.92
N GLY A 173 1.00 32.48 42.06
CA GLY A 173 -0.14 32.58 41.16
C GLY A 173 0.21 33.05 39.77
N PHE A 174 1.43 33.54 39.57
CA PHE A 174 1.90 33.96 38.25
C PHE A 174 2.66 32.84 37.54
N GLN A 175 3.52 32.11 38.25
CA GLN A 175 4.20 30.99 37.64
C GLN A 175 3.22 30.01 37.02
N ILE A 176 2.06 29.82 37.64
CA ILE A 176 1.02 28.97 37.08
C ILE A 176 0.19 29.70 36.04
N LEU A 177 0.39 31.00 35.86
CA LEU A 177 -0.26 31.77 34.81
C LEU A 177 0.66 32.09 33.65
N ILE A 178 1.97 32.22 33.90
CA ILE A 178 2.92 32.36 32.81
C ILE A 178 3.02 31.05 32.03
N LEU A 179 2.95 29.92 32.73
CA LEU A 179 3.01 28.64 32.03
C LEU A 179 1.85 28.47 31.06
N ILE A 180 0.65 28.90 31.46
CA ILE A 180 -0.50 28.80 30.57
C ILE A 180 -0.26 29.62 29.30
N PHE A 181 0.26 30.84 29.45
CA PHE A 181 0.62 31.63 28.28
C PHE A 181 1.79 31.03 27.51
N SER A 182 2.59 30.17 28.16
CA SER A 182 3.74 29.59 27.49
C SER A 182 3.32 28.53 26.47
N ALA A 183 2.30 27.73 26.79
CA ALA A 183 1.88 26.67 25.89
C ALA A 183 1.44 27.22 24.54
N PHE A 184 0.66 28.29 24.53
CA PHE A 184 0.21 28.90 23.29
C PHE A 184 1.41 29.36 22.48
N SER A 185 1.55 28.83 21.27
CA SER A 185 2.51 29.40 20.32
C SER A 185 1.95 29.19 18.91
N GLU A 186 1.18 30.16 18.45
CA GLU A 186 0.91 30.36 17.04
C GLU A 186 1.05 31.86 16.76
N ASN A 187 2.29 32.30 16.57
CA ASN A 187 2.62 33.70 16.43
C ASN A 187 3.11 34.05 15.04
N ASN A 188 2.91 33.14 14.08
CA ASN A 188 3.36 33.34 12.71
C ASN A 188 2.81 32.19 11.89
N GLU A 189 3.15 32.20 10.59
CA GLU A 189 2.91 31.05 9.73
C GLU A 189 4.20 30.46 9.21
N SER A 190 5.33 30.74 9.87
CA SER A 190 6.61 30.16 9.47
C SER A 190 6.50 28.64 9.43
N SER A 191 6.99 28.07 8.32
CA SER A 191 6.84 26.64 8.07
C SER A 191 5.41 26.35 7.67
N ASN A 192 5.22 25.70 6.52
CA ASN A 192 3.88 25.36 6.06
C ASN A 192 3.20 24.38 7.01
N ASN A 193 3.96 23.73 7.87
CA ASN A 193 3.41 22.81 8.88
C ASN A 193 3.60 23.44 10.25
N PRO A 194 2.57 23.47 11.11
CA PRO A 194 2.78 24.02 12.47
C PRO A 194 3.61 23.12 13.37
N SER A 195 4.16 22.03 12.82
CA SER A 195 4.97 21.14 13.64
C SER A 195 6.20 21.83 14.20
N SER A 196 6.70 22.87 13.56
CA SER A 196 7.94 23.53 13.96
C SER A 196 7.73 24.87 14.64
N ILE A 197 6.51 25.39 14.68
CA ILE A 197 6.23 26.63 15.40
C ILE A 197 5.53 26.38 16.72
N ALA A 198 5.03 25.16 16.95
CA ALA A 198 4.31 24.81 18.16
C ALA A 198 5.22 24.85 19.37
N SER A 199 4.63 25.12 20.53
CA SER A 199 5.37 25.24 21.77
C SER A 199 5.76 23.84 22.27
N PHE A 200 6.26 23.77 23.49
CA PHE A 200 6.61 22.48 24.08
C PHE A 200 5.36 21.73 24.50
N LEU A 201 4.53 22.34 25.36
CA LEU A 201 3.30 21.69 25.79
C LEU A 201 2.34 21.41 24.65
N SER A 202 2.63 21.91 23.44
CA SER A 202 1.83 21.59 22.27
C SER A 202 2.59 20.74 21.27
N SER A 203 3.81 20.32 21.60
CA SER A 203 4.57 19.41 20.76
C SER A 203 4.74 18.04 21.37
N ILE A 204 4.58 17.90 22.68
CA ILE A 204 4.57 16.60 23.33
C ILE A 204 3.17 16.00 23.37
N THR A 205 2.12 16.83 23.37
CA THR A 205 0.77 16.31 23.29
C THR A 205 0.24 16.28 21.86
N TYR A 206 1.05 16.68 20.89
CA TYR A 206 0.64 16.69 19.48
C TYR A 206 -0.68 17.43 19.30
N SER A 207 -0.83 18.54 20.02
CA SER A 207 -2.02 19.37 19.92
C SER A 207 -1.95 20.34 18.75
N TRP A 208 -0.85 20.35 18.00
CA TRP A 208 -0.79 21.09 16.75
C TRP A 208 -1.45 20.34 15.60
N TYR A 209 -1.87 19.11 15.83
CA TYR A 209 -2.46 18.26 14.81
C TYR A 209 -3.97 18.37 14.76
N ASP A 210 -4.57 19.15 15.66
CA ASP A 210 -6.03 19.27 15.67
C ASP A 210 -6.56 19.94 14.40
N SER A 211 -5.77 20.80 13.77
CA SER A 211 -6.24 21.46 12.56
C SER A 211 -6.49 20.44 11.44
N ILE A 212 -5.59 19.49 11.27
CA ILE A 212 -5.79 18.46 10.25
C ILE A 212 -7.05 17.65 10.55
N ILE A 213 -7.25 17.29 11.81
CA ILE A 213 -8.38 16.45 12.18
C ILE A 213 -9.72 17.18 12.06
N LEU A 214 -9.78 18.44 12.43
CA LEU A 214 -10.97 19.26 12.22
C LEU A 214 -11.21 19.59 10.75
N LYS A 215 -10.21 19.35 9.90
CA LYS A 215 -10.35 19.53 8.46
C LYS A 215 -10.77 18.26 7.74
N GLY A 216 -10.18 17.11 8.10
CA GLY A 216 -10.58 15.85 7.50
C GLY A 216 -11.89 15.31 8.01
N TYR A 217 -12.34 15.77 9.17
CA TYR A 217 -13.64 15.35 9.71
C TYR A 217 -14.80 15.99 8.97
N LYS A 218 -14.60 17.16 8.37
CA LYS A 218 -15.65 17.82 7.61
C LYS A 218 -15.63 17.45 6.14
N ARG A 219 -14.44 17.32 5.55
CA ARG A 219 -14.25 17.12 4.13
C ARG A 219 -13.39 15.90 3.90
N PRO A 220 -13.24 15.46 2.65
CA PRO A 220 -12.25 14.41 2.35
C PRO A 220 -10.87 15.00 2.12
N LEU A 221 -9.88 14.54 2.87
CA LEU A 221 -8.54 15.09 2.76
C LEU A 221 -7.99 14.90 1.35
N THR A 222 -7.26 15.90 0.88
CA THR A 222 -6.52 15.84 -0.36
C THR A 222 -5.03 16.02 -0.05
N LEU A 223 -4.20 15.77 -1.05
CA LEU A 223 -2.76 15.85 -0.84
C LEU A 223 -2.29 17.25 -0.46
N GLU A 224 -3.11 18.28 -0.69
CA GLU A 224 -2.75 19.64 -0.32
C GLU A 224 -3.11 19.97 1.13
N ASP A 225 -4.17 19.38 1.66
CA ASP A 225 -4.55 19.62 3.05
C ASP A 225 -3.49 19.09 4.02
N VAL A 226 -2.63 18.19 3.57
CA VAL A 226 -1.55 17.64 4.38
C VAL A 226 -0.30 18.46 4.09
N TRP A 227 0.25 19.09 5.12
CA TRP A 227 1.38 19.99 4.93
C TRP A 227 2.64 19.21 4.56
N GLU A 228 3.51 19.88 3.80
CA GLU A 228 4.77 19.28 3.37
C GLU A 228 5.67 19.05 4.57
N VAL A 229 6.58 18.08 4.46
CA VAL A 229 7.55 17.82 5.52
C VAL A 229 8.56 18.95 5.55
N ASP A 230 9.34 19.04 6.63
CA ASP A 230 10.30 20.12 6.78
C ASP A 230 11.46 19.91 5.81
N GLU A 231 12.44 20.82 5.84
CA GLU A 231 13.60 20.73 4.96
C GLU A 231 14.59 19.66 5.39
N GLU A 232 14.70 19.39 6.69
CA GLU A 232 15.64 18.37 7.17
C GLU A 232 15.18 16.96 6.84
N MET A 233 13.94 16.78 6.38
CA MET A 233 13.39 15.47 6.09
C MET A 233 13.12 15.24 4.61
N LYS A 234 13.18 16.28 3.78
CA LYS A 234 12.93 16.11 2.36
C LYS A 234 13.94 15.14 1.75
N THR A 235 13.65 14.69 0.54
CA THR A 235 14.48 13.70 -0.13
C THR A 235 15.80 14.27 -0.64
N LYS A 236 15.79 15.47 -1.22
CA LYS A 236 17.03 16.04 -1.74
C LYS A 236 18.04 16.30 -0.64
N THR A 237 17.60 16.45 0.61
CA THR A 237 18.52 16.63 1.73
C THR A 237 18.96 15.31 2.34
N LEU A 238 18.05 14.34 2.42
CA LEU A 238 18.41 13.02 2.95
C LEU A 238 19.45 12.34 2.06
N VAL A 239 19.26 12.43 0.75
CA VAL A 239 20.16 11.79 -0.20
C VAL A 239 21.48 12.53 -0.23
N SER A 240 21.51 13.75 0.32
CA SER A 240 22.75 14.50 0.43
C SER A 240 23.57 14.04 1.63
N LYS A 241 22.93 13.94 2.80
CA LYS A 241 23.63 13.45 3.98
C LYS A 241 24.06 12.00 3.80
N PHE A 242 23.19 11.18 3.22
CA PHE A 242 23.51 9.76 3.05
C PHE A 242 24.65 9.57 2.05
N GLU A 243 24.71 10.40 1.01
CA GLU A 243 25.70 10.20 -0.03
C GLU A 243 27.12 10.27 0.53
N THR A 244 27.41 11.31 1.31
CA THR A 244 28.78 11.49 1.81
C THR A 244 29.22 10.33 2.68
N HIS A 245 28.30 9.65 3.35
CA HIS A 245 28.62 8.47 4.14
C HIS A 245 28.52 7.19 3.34
N MET A 246 27.64 7.13 2.35
CA MET A 246 27.54 5.95 1.51
C MET A 246 28.85 5.70 0.76
N LYS A 247 29.45 6.77 0.22
CA LYS A 247 30.67 6.61 -0.56
C LYS A 247 31.87 6.31 0.33
N ARG A 248 31.96 6.97 1.49
CA ARG A 248 33.12 6.76 2.36
C ARG A 248 33.22 5.30 2.80
N GLU A 249 32.14 4.76 3.36
CA GLU A 249 32.15 3.36 3.76
C GLU A 249 32.33 2.45 2.55
N LEU A 250 31.64 2.75 1.46
CA LEU A 250 31.82 1.97 0.23
C LEU A 250 33.26 2.09 -0.26
N GLN A 251 33.83 3.29 -0.20
CA GLN A 251 35.22 3.48 -0.60
C GLN A 251 36.14 2.53 0.16
N LYS A 252 36.14 2.62 1.49
CA LYS A 252 36.96 1.73 2.29
C LYS A 252 36.47 0.30 2.25
N ALA A 253 35.19 0.08 1.93
CA ALA A 253 34.71 -1.29 1.76
C ALA A 253 35.41 -1.97 0.59
N ARG A 254 35.60 -1.24 -0.51
CA ARG A 254 36.36 -1.78 -1.64
C ARG A 254 37.84 -1.89 -1.32
N ARG A 255 38.33 -1.12 -0.33
CA ARG A 255 39.72 -1.24 0.09
C ARG A 255 40.01 -2.63 0.62
N ALA A 256 39.15 -3.12 1.52
CA ALA A 256 39.36 -4.44 2.10
C ALA A 256 39.16 -5.56 1.10
N LEU A 257 38.50 -5.29 -0.03
CA LEU A 257 38.27 -6.33 -1.02
C LEU A 257 39.58 -6.88 -1.58
N GLN A 258 40.66 -6.12 -1.50
CA GLN A 258 41.96 -6.58 -1.99
C GLN A 258 43.06 -6.27 -0.99
N SER A 308 30.36 -5.88 4.00
CA SER A 308 29.17 -5.17 4.44
C SER A 308 29.49 -3.71 4.74
N TRP A 309 28.75 -2.81 4.10
CA TRP A 309 29.03 -1.38 4.23
C TRP A 309 27.79 -0.55 4.46
N LEU A 310 26.60 -1.10 4.18
CA LEU A 310 25.39 -0.30 4.24
C LEU A 310 25.02 0.12 5.65
N MET A 311 25.13 -0.77 6.63
CA MET A 311 24.70 -0.43 7.98
C MET A 311 25.70 0.45 8.71
N LYS A 312 26.95 0.52 8.25
CA LYS A 312 27.86 1.54 8.75
C LYS A 312 27.54 2.91 8.21
N ALA A 313 27.01 3.01 6.99
CA ALA A 313 26.64 4.27 6.37
C ALA A 313 25.22 4.70 6.73
N LEU A 314 24.43 3.83 7.35
CA LEU A 314 23.11 4.20 7.83
C LEU A 314 23.09 4.50 9.32
N PHE A 315 23.95 3.86 10.11
CA PHE A 315 24.08 4.23 11.52
C PHE A 315 24.78 5.58 11.67
N LYS A 316 25.83 5.84 10.90
CA LYS A 316 26.51 7.12 10.97
C LYS A 316 25.59 8.25 10.56
N THR A 317 24.83 8.07 9.48
CA THR A 317 23.96 9.15 9.01
C THR A 317 22.93 9.53 10.07
N PHE A 318 22.32 8.54 10.70
CA PHE A 318 21.34 8.77 11.77
C PHE A 318 21.90 8.14 13.04
N TYR A 319 22.73 8.90 13.75
CA TYR A 319 23.18 8.52 15.08
C TYR A 319 22.89 9.62 16.10
N MET A 320 22.20 10.67 15.67
CA MET A 320 21.59 11.63 16.58
C MET A 320 20.10 11.36 16.76
N VAL A 321 19.57 10.34 16.11
CA VAL A 321 18.20 9.89 16.36
C VAL A 321 18.18 8.51 17.00
N LEU A 322 19.23 7.71 16.81
CA LEU A 322 19.33 6.45 17.54
C LEU A 322 19.72 6.70 19.00
N LEU A 323 20.45 7.78 19.24
CA LEU A 323 20.83 8.16 20.60
C LEU A 323 19.82 9.08 21.25
N LYS A 324 19.06 9.84 20.45
CA LYS A 324 18.05 10.74 21.01
C LYS A 324 16.82 9.96 21.47
N SER A 325 16.46 8.91 20.75
CA SER A 325 15.33 8.06 21.10
C SER A 325 15.75 6.86 21.95
N PHE A 326 17.04 6.68 22.19
CA PHE A 326 17.50 5.66 23.12
C PHE A 326 17.39 6.11 24.57
N LEU A 327 17.32 7.40 24.83
CA LEU A 327 17.14 7.93 26.17
C LEU A 327 15.69 8.14 26.53
N LEU A 328 14.76 7.90 25.59
CA LEU A 328 13.34 7.92 25.89
C LEU A 328 12.75 6.52 26.05
N LYS A 329 13.30 5.52 25.37
CA LYS A 329 12.93 4.14 25.67
C LYS A 329 13.54 3.67 26.98
N LEU A 330 14.67 4.24 27.39
CA LEU A 330 15.28 3.94 28.67
C LEU A 330 14.56 4.59 29.83
N VAL A 331 14.06 5.81 29.65
CA VAL A 331 13.24 6.43 30.68
C VAL A 331 11.89 5.73 30.77
N ASN A 332 11.30 5.40 29.62
CA ASN A 332 10.02 4.71 29.62
C ASN A 332 10.09 3.39 30.37
N ASP A 333 11.23 2.71 30.34
CA ASP A 333 11.40 1.47 31.09
C ASP A 333 11.59 1.71 32.56
N ILE A 334 12.16 2.85 32.96
CA ILE A 334 12.24 3.18 34.37
C ILE A 334 10.86 3.52 34.93
N PHE A 335 10.05 4.22 34.14
CA PHE A 335 8.73 4.66 34.57
C PHE A 335 7.64 3.65 34.29
N THR A 336 7.97 2.46 33.76
CA THR A 336 6.99 1.42 33.55
C THR A 336 6.86 0.48 34.74
N PHE A 337 7.87 0.41 35.60
CA PHE A 337 7.80 -0.39 36.82
C PHE A 337 7.51 0.47 38.04
N VAL A 338 7.19 1.75 37.85
CA VAL A 338 6.76 2.57 38.97
C VAL A 338 5.33 2.19 39.37
N SER A 339 4.42 2.18 38.41
CA SER A 339 3.03 1.84 38.72
C SER A 339 2.90 0.46 39.34
N PRO A 340 3.51 -0.59 38.79
CA PRO A 340 3.47 -1.88 39.48
C PRO A 340 3.99 -1.83 40.91
N GLN A 341 4.92 -0.92 41.20
CA GLN A 341 5.46 -0.76 42.54
C GLN A 341 4.80 0.38 43.30
N LEU A 342 3.77 1.01 42.72
CA LEU A 342 3.06 2.09 43.38
C LEU A 342 1.65 1.69 43.81
N LEU A 343 1.09 0.62 43.25
CA LEU A 343 -0.12 0.03 43.81
C LEU A 343 0.21 -0.98 44.89
N LYS A 344 1.48 -1.35 45.05
CA LYS A 344 1.89 -2.14 46.20
C LYS A 344 1.77 -1.33 47.49
N LEU A 345 1.60 -0.01 47.40
CA LEU A 345 1.35 0.84 48.55
C LEU A 345 -0.12 1.14 48.75
N LEU A 346 -0.87 1.35 47.67
CA LEU A 346 -2.32 1.52 47.78
C LEU A 346 -3.02 0.24 48.22
N ILE A 347 -2.34 -0.90 48.17
CA ILE A 347 -2.90 -2.15 48.65
C ILE A 347 -2.55 -2.30 50.12
N SER A 348 -1.29 -2.01 50.45
CA SER A 348 -0.89 -1.99 51.87
C SER A 348 -1.61 -0.88 52.62
N PHE A 349 -1.76 0.29 51.98
CA PHE A 349 -2.45 1.40 52.61
C PHE A 349 -3.89 1.03 52.97
N ALA A 350 -4.60 0.41 52.04
CA ALA A 350 -5.98 0.03 52.28
C ALA A 350 -6.10 -1.19 53.19
N SER A 351 -5.04 -1.97 53.35
CA SER A 351 -5.07 -3.10 54.27
C SER A 351 -5.23 -2.63 55.70
N ASP A 352 -4.54 -1.56 56.07
CA ASP A 352 -4.57 -1.03 57.43
C ASP A 352 -5.42 0.24 57.47
N ARG A 353 -6.31 0.31 58.46
CA ARG A 353 -7.05 1.54 58.72
C ARG A 353 -6.33 2.46 59.68
N ASP A 354 -5.06 2.16 60.01
CA ASP A 354 -4.32 3.01 60.94
C ASP A 354 -3.44 4.02 60.22
N THR A 355 -3.02 3.72 58.99
CA THR A 355 -2.13 4.61 58.26
C THR A 355 -2.77 5.98 58.09
N TYR A 356 -1.94 6.95 57.70
CA TYR A 356 -2.36 8.33 57.57
C TYR A 356 -2.90 8.59 56.18
N LEU A 357 -3.93 9.43 56.10
CA LEU A 357 -4.55 9.72 54.82
C LEU A 357 -3.54 10.28 53.82
N TRP A 358 -2.62 11.13 54.30
CA TRP A 358 -1.71 11.81 53.38
C TRP A 358 -0.86 10.80 52.59
N ILE A 359 -0.64 9.61 53.14
CA ILE A 359 0.01 8.57 52.37
C ILE A 359 -0.92 8.06 51.27
N GLY A 360 -2.23 8.07 51.53
CA GLY A 360 -3.18 7.57 50.55
C GLY A 360 -3.26 8.43 49.31
N TYR A 361 -3.29 9.75 49.46
CA TYR A 361 -3.40 10.65 48.33
C TYR A 361 -2.06 10.94 47.68
N LEU A 362 -0.94 10.62 48.33
CA LEU A 362 0.37 10.80 47.73
C LEU A 362 0.78 9.64 46.86
N CYS A 363 0.11 8.49 46.95
CA CYS A 363 0.29 7.40 46.02
C CYS A 363 -0.80 7.36 44.97
N ALA A 364 -1.87 8.14 45.16
CA ALA A 364 -2.88 8.34 44.13
C ALA A 364 -2.55 9.52 43.22
N ILE A 365 -1.53 10.29 43.55
CA ILE A 365 -1.06 11.38 42.71
C ILE A 365 0.20 10.99 41.95
N LEU A 366 1.18 10.40 42.63
CA LEU A 366 2.34 9.86 41.96
C LEU A 366 1.99 8.69 41.05
N LEU A 367 0.80 8.12 41.20
CA LEU A 367 0.31 7.08 40.30
C LEU A 367 -0.42 7.66 39.09
N PHE A 368 -0.62 8.98 39.07
CA PHE A 368 -1.15 9.66 37.89
C PHE A 368 -0.16 10.65 37.30
N THR A 369 0.81 11.13 38.08
CA THR A 369 1.88 11.98 37.55
C THR A 369 3.06 11.17 37.03
N ALA A 370 3.30 9.97 37.56
CA ALA A 370 4.31 9.08 37.02
C ALA A 370 3.79 8.25 35.86
N ALA A 371 2.47 8.18 35.68
CA ALA A 371 1.87 7.56 34.51
C ALA A 371 1.51 8.57 33.43
N LEU A 372 1.65 9.85 33.71
CA LEU A 372 1.51 10.89 32.69
C LEU A 372 2.82 11.21 32.01
N ILE A 373 3.93 11.14 32.75
CA ILE A 373 5.25 11.32 32.16
C ILE A 373 5.66 10.14 31.29
N GLN A 374 5.09 8.96 31.52
CA GLN A 374 5.39 7.78 30.74
C GLN A 374 4.55 7.69 29.48
N SER A 375 3.51 8.51 29.34
CA SER A 375 2.75 8.60 28.11
C SER A 375 3.26 9.72 27.22
N PHE A 376 4.21 10.53 27.68
CA PHE A 376 4.91 11.49 26.86
C PHE A 376 6.29 11.02 26.46
N CYS A 377 7.04 10.41 27.38
CA CYS A 377 8.34 9.86 27.03
C CYS A 377 8.19 8.67 26.09
N LEU A 378 6.98 8.16 25.93
CA LEU A 378 6.74 7.05 25.01
C LEU A 378 6.30 7.56 23.65
N GLN A 379 5.19 8.30 23.61
CA GLN A 379 4.69 8.79 22.32
C GLN A 379 5.67 9.76 21.67
N CYS A 380 6.58 10.34 22.47
CA CYS A 380 7.65 11.13 21.89
C CYS A 380 8.81 10.23 21.46
N TYR A 381 8.75 8.96 21.83
CA TYR A 381 9.73 7.99 21.34
C TYR A 381 9.21 7.27 20.10
N PHE A 382 7.91 7.03 20.02
CA PHE A 382 7.34 6.37 18.86
C PHE A 382 7.38 7.26 17.61
N GLN A 383 7.57 8.56 17.76
CA GLN A 383 7.73 9.44 16.62
C GLN A 383 9.18 9.57 16.19
N LEU A 384 10.13 9.34 17.08
CA LEU A 384 11.53 9.26 16.70
C LEU A 384 11.89 7.95 16.00
N CYS A 385 11.21 6.87 16.33
CA CYS A 385 11.43 5.59 15.66
C CYS A 385 10.67 5.50 14.34
N PHE A 386 9.44 6.00 14.29
CA PHE A 386 8.64 5.95 13.08
C PHE A 386 9.01 7.06 12.10
N LYS A 387 9.84 8.01 12.51
CA LYS A 387 10.44 8.97 11.59
C LYS A 387 11.76 8.49 11.01
N LEU A 388 12.48 7.63 11.73
CA LEU A 388 13.70 7.03 11.23
C LEU A 388 13.43 5.88 10.27
N GLY A 389 12.17 5.47 10.13
CA GLY A 389 11.82 4.44 9.18
C GLY A 389 11.47 5.02 7.83
N VAL A 390 10.70 6.09 7.81
CA VAL A 390 10.35 6.79 6.57
C VAL A 390 11.54 7.60 6.10
N LYS A 391 12.58 7.70 6.93
CA LYS A 391 13.82 8.35 6.55
C LYS A 391 14.91 7.36 6.17
N VAL A 392 14.75 6.09 6.53
CA VAL A 392 15.72 5.08 6.13
C VAL A 392 15.27 4.38 4.86
N ARG A 393 13.99 4.50 4.52
CA ARG A 393 13.50 4.00 3.24
C ARG A 393 13.38 5.10 2.19
N THR A 394 13.78 6.32 2.52
CA THR A 394 13.86 7.39 1.54
C THR A 394 15.29 7.70 1.13
N ALA A 395 16.27 7.41 1.96
CA ALA A 395 17.67 7.45 1.58
C ALA A 395 18.10 6.17 0.87
N ILE A 396 17.21 5.20 0.74
CA ILE A 396 17.49 3.95 0.04
C ILE A 396 16.64 3.89 -1.22
N MET A 397 15.40 4.37 -1.14
CA MET A 397 14.61 4.53 -2.35
C MET A 397 15.24 5.56 -3.29
N ALA A 398 15.54 6.76 -2.77
CA ALA A 398 16.07 7.81 -3.63
C ALA A 398 17.53 7.57 -3.98
N SER A 399 18.19 6.64 -3.28
CA SER A 399 19.57 6.30 -3.59
C SER A 399 19.68 5.09 -4.51
N VAL A 400 18.62 4.31 -4.65
CA VAL A 400 18.60 3.25 -5.65
C VAL A 400 18.23 3.79 -7.02
N TYR A 401 17.24 4.69 -7.06
CA TYR A 401 16.93 5.38 -8.31
C TYR A 401 18.17 6.06 -8.88
N LYS A 402 18.85 6.87 -8.06
CA LYS A 402 20.01 7.60 -8.55
C LYS A 402 21.10 6.66 -9.05
N LYS A 403 21.10 5.41 -8.60
CA LYS A 403 22.04 4.41 -9.08
C LYS A 403 21.53 3.65 -10.30
N ALA A 404 20.22 3.61 -10.53
CA ALA A 404 19.70 2.97 -11.72
C ALA A 404 20.17 3.68 -12.97
N LEU A 405 20.44 4.99 -12.88
CA LEU A 405 20.80 5.77 -14.05
C LEU A 405 22.29 5.77 -14.35
N THR A 406 23.10 5.11 -13.53
CA THR A 406 24.54 5.08 -13.73
C THR A 406 25.11 3.68 -13.49
N LEU A 407 24.33 2.65 -13.78
CA LEU A 407 24.78 1.28 -13.61
C LEU A 407 25.27 0.71 -14.94
N SER A 408 26.45 0.13 -14.92
CA SER A 408 27.01 -0.47 -16.13
C SER A 408 26.07 -1.55 -16.65
N ASN A 409 25.69 -1.44 -17.93
CA ASN A 409 24.76 -2.40 -18.50
C ASN A 409 25.31 -3.82 -18.50
N LEU A 410 26.63 -3.99 -18.37
CA LEU A 410 27.17 -5.33 -18.15
C LEU A 410 26.67 -5.90 -16.83
N ALA A 411 26.58 -5.06 -15.80
CA ALA A 411 26.08 -5.46 -14.49
C ALA A 411 24.62 -5.08 -14.29
N ARG A 412 23.86 -4.94 -15.37
CA ARG A 412 22.43 -4.71 -15.31
C ARG A 412 21.62 -5.81 -15.97
N LYS A 413 22.16 -6.46 -17.01
CA LYS A 413 21.45 -7.57 -17.63
C LYS A 413 21.21 -8.72 -16.65
N GLU A 414 22.02 -8.81 -15.59
CA GLU A 414 21.79 -9.81 -14.55
C GLU A 414 20.55 -9.50 -13.72
N TYR A 415 20.01 -8.29 -13.80
CA TYR A 415 18.79 -7.90 -13.12
C TYR A 415 17.66 -7.81 -14.13
N THR A 416 16.45 -8.08 -13.66
CA THR A 416 15.24 -8.01 -14.48
C THR A 416 14.37 -6.86 -14.02
N VAL A 417 13.72 -6.19 -14.97
CA VAL A 417 12.94 -5.00 -14.70
C VAL A 417 11.85 -5.32 -13.68
N GLY A 418 11.41 -6.58 -13.64
CA GLY A 418 10.43 -6.99 -12.66
C GLY A 418 10.98 -7.20 -11.27
N GLU A 419 12.30 -7.36 -11.14
CA GLU A 419 12.95 -7.56 -9.85
C GLU A 419 13.78 -6.37 -9.40
N THR A 420 14.46 -5.69 -10.31
CA THR A 420 15.16 -4.47 -9.93
C THR A 420 14.19 -3.46 -9.32
N VAL A 421 12.93 -3.50 -9.74
CA VAL A 421 11.89 -2.67 -9.11
C VAL A 421 11.58 -3.13 -7.70
N ASN A 422 11.75 -4.41 -7.40
CA ASN A 422 11.45 -4.93 -6.07
C ASN A 422 12.45 -4.44 -5.03
N LEU A 423 13.58 -3.89 -5.43
CA LEU A 423 14.50 -3.28 -4.47
C LEU A 423 13.89 -2.08 -3.78
N MET A 424 12.83 -1.49 -4.35
CA MET A 424 12.10 -0.41 -3.71
C MET A 424 10.85 -0.88 -3.00
N SER A 425 10.35 -2.08 -3.30
CA SER A 425 9.05 -2.53 -2.83
C SER A 425 9.11 -3.51 -1.68
N VAL A 426 10.13 -4.38 -1.62
CA VAL A 426 10.24 -5.36 -0.56
C VAL A 426 11.57 -5.31 0.16
N ASP A 427 12.64 -4.80 -0.44
CA ASP A 427 13.93 -4.71 0.21
C ASP A 427 14.18 -3.35 0.86
N ALA A 428 13.45 -2.32 0.45
CA ALA A 428 13.55 -1.00 1.06
C ALA A 428 12.44 -0.76 2.06
N GLN A 429 11.34 -1.51 1.97
CA GLN A 429 10.30 -1.48 2.99
C GLN A 429 10.46 -2.54 4.06
N LYS A 430 11.39 -3.48 3.88
CA LYS A 430 11.79 -4.37 4.95
C LYS A 430 12.86 -3.74 5.85
N LEU A 431 13.46 -2.65 5.41
CA LEU A 431 14.32 -1.82 6.26
C LEU A 431 13.56 -0.69 6.91
N MET A 432 12.36 -0.36 6.43
CA MET A 432 11.50 0.57 7.13
C MET A 432 10.84 -0.08 8.34
N ASP A 433 10.56 -1.37 8.27
CA ASP A 433 9.87 -2.08 9.34
C ASP A 433 10.83 -2.67 10.38
N VAL A 434 12.13 -2.59 10.15
CA VAL A 434 13.11 -3.06 11.13
C VAL A 434 13.65 -1.94 12.00
N THR A 435 13.72 -0.70 11.49
CA THR A 435 14.09 0.43 12.31
C THR A 435 12.93 0.97 13.13
N ASN A 436 11.70 0.57 12.83
CA ASN A 436 10.57 0.99 13.63
C ASN A 436 10.62 0.39 15.02
N PHE A 437 11.20 -0.80 15.16
CA PHE A 437 11.36 -1.44 16.46
C PHE A 437 12.75 -2.05 16.59
N MET A 438 13.77 -1.33 16.11
CA MET A 438 15.14 -1.79 16.32
C MET A 438 15.61 -1.56 17.75
N HIS A 439 14.85 -0.82 18.56
CA HIS A 439 15.21 -0.55 19.94
C HIS A 439 14.67 -1.60 20.90
N MET A 440 13.94 -2.59 20.41
CA MET A 440 13.51 -3.70 21.25
C MET A 440 14.55 -4.81 21.35
N LEU A 441 15.72 -4.63 20.73
CA LEU A 441 16.80 -5.57 20.92
C LEU A 441 17.34 -5.51 22.34
N TRP A 442 17.44 -4.29 22.89
CA TRP A 442 17.88 -4.10 24.26
C TRP A 442 16.75 -3.71 25.20
N SER A 443 15.67 -3.14 24.70
CA SER A 443 14.54 -2.75 25.54
C SER A 443 13.66 -3.93 25.90
N SER A 444 13.71 -5.02 25.14
CA SER A 444 13.01 -6.25 25.49
C SER A 444 13.88 -7.21 26.27
N VAL A 445 15.17 -6.92 26.42
CA VAL A 445 16.01 -7.70 27.34
C VAL A 445 16.14 -6.98 28.67
N LEU A 446 15.75 -5.71 28.71
CA LEU A 446 15.75 -4.94 29.95
C LEU A 446 14.37 -4.95 30.63
N GLN A 447 13.29 -5.06 29.86
CA GLN A 447 11.97 -5.21 30.48
C GLN A 447 11.76 -6.65 30.96
N ILE A 448 12.61 -7.58 30.52
CA ILE A 448 12.53 -8.95 30.99
C ILE A 448 13.42 -9.15 32.21
N VAL A 449 14.62 -8.59 32.19
CA VAL A 449 15.54 -8.76 33.31
C VAL A 449 15.03 -8.02 34.53
N LEU A 450 14.15 -7.03 34.32
CA LEU A 450 13.60 -6.26 35.43
C LEU A 450 12.29 -6.86 35.93
N SER A 451 11.34 -7.13 35.03
CA SER A 451 10.07 -7.69 35.45
C SER A 451 10.23 -9.07 36.09
N ILE A 452 11.36 -9.74 35.87
CA ILE A 452 11.66 -10.97 36.56
C ILE A 452 12.33 -10.72 37.90
N PHE A 453 13.05 -9.60 38.06
CA PHE A 453 13.61 -9.24 39.34
C PHE A 453 12.55 -8.74 40.32
N PHE A 454 11.65 -7.87 39.85
CA PHE A 454 10.58 -7.37 40.72
C PHE A 454 9.58 -8.46 41.06
N LEU A 455 9.34 -9.42 40.17
CA LEU A 455 8.56 -10.59 40.54
C LEU A 455 9.28 -11.43 41.59
N TRP A 456 10.59 -11.58 41.45
CA TRP A 456 11.34 -12.39 42.40
C TRP A 456 11.25 -11.82 43.81
N ARG A 457 11.28 -10.48 43.93
CA ARG A 457 11.25 -9.86 45.24
C ARG A 457 9.97 -10.21 46.00
N GLU A 458 8.89 -10.54 45.29
CA GLU A 458 7.61 -10.85 45.92
C GLU A 458 7.40 -12.34 46.12
N LEU A 459 7.42 -13.12 45.04
CA LEU A 459 7.06 -14.53 45.09
C LEU A 459 8.28 -15.45 45.19
N GLY A 460 9.48 -14.90 45.29
CA GLY A 460 10.66 -15.69 45.51
C GLY A 460 10.98 -16.61 44.34
N PRO A 461 11.76 -17.67 44.60
CA PRO A 461 12.17 -18.57 43.52
C PRO A 461 11.00 -19.25 42.83
N SER A 462 9.84 -19.27 43.48
CA SER A 462 8.68 -19.96 42.91
C SER A 462 8.28 -19.40 41.55
N VAL A 463 8.52 -18.11 41.30
CA VAL A 463 8.07 -17.50 40.05
C VAL A 463 8.74 -18.10 38.83
N LEU A 464 9.87 -18.79 39.00
CA LEU A 464 10.49 -19.47 37.86
C LEU A 464 9.50 -20.40 37.19
N ALA A 465 8.62 -21.02 37.97
CA ALA A 465 7.54 -21.81 37.38
C ALA A 465 6.65 -20.93 36.53
N GLY A 466 6.36 -19.72 37.00
CA GLY A 466 5.55 -18.81 36.20
C GLY A 466 6.23 -18.40 34.91
N VAL A 467 7.52 -18.06 34.98
CA VAL A 467 8.26 -17.69 33.79
C VAL A 467 8.44 -18.89 32.88
N GLY A 468 8.65 -20.06 33.46
CA GLY A 468 8.86 -21.27 32.68
C GLY A 468 7.71 -21.60 31.75
N VAL A 469 6.53 -21.06 32.05
CA VAL A 469 5.38 -21.25 31.17
C VAL A 469 5.41 -20.30 30.00
N MET A 470 5.71 -19.02 30.25
CA MET A 470 5.77 -18.05 29.15
C MET A 470 6.88 -18.39 28.17
N VAL A 471 8.04 -18.83 28.67
CA VAL A 471 9.13 -19.20 27.77
C VAL A 471 8.74 -20.40 26.92
N LEU A 472 7.98 -21.34 27.49
CA LEU A 472 7.51 -22.50 26.75
C LEU A 472 6.43 -22.14 25.72
N VAL A 473 6.05 -20.88 25.64
CA VAL A 473 5.19 -20.41 24.56
C VAL A 473 6.00 -19.89 23.38
N ILE A 474 7.26 -19.50 23.60
CA ILE A 474 8.11 -19.09 22.48
C ILE A 474 8.22 -20.18 21.43
N PRO A 475 8.52 -21.43 21.77
CA PRO A 475 8.51 -22.48 20.73
C PRO A 475 7.18 -22.60 20.02
N ILE A 476 6.07 -22.42 20.73
CA ILE A 476 4.75 -22.53 20.11
C ILE A 476 4.41 -21.30 19.29
N ASN A 477 4.96 -20.14 19.62
CA ASN A 477 4.74 -18.93 18.83
C ASN A 477 5.66 -18.83 17.63
N ALA A 478 6.68 -19.68 17.55
CA ALA A 478 7.58 -19.71 16.40
C ALA A 478 7.32 -20.88 15.47
N ILE A 479 6.59 -21.90 15.91
CA ILE A 479 6.25 -23.05 15.07
C ILE A 479 4.87 -22.92 14.45
N LEU A 480 3.97 -22.14 15.05
CA LEU A 480 2.69 -21.83 14.41
C LEU A 480 2.76 -20.55 13.59
N SER A 481 3.89 -19.84 13.63
CA SER A 481 4.13 -18.73 12.71
C SER A 481 4.85 -19.19 11.45
N THR A 482 5.75 -20.17 11.57
CA THR A 482 6.35 -20.77 10.39
C THR A 482 5.31 -21.53 9.57
N LYS A 483 4.51 -22.37 10.23
CA LYS A 483 3.47 -23.12 9.56
C LYS A 483 2.33 -22.24 9.06
N SER A 484 2.28 -20.97 9.49
CA SER A 484 1.32 -20.03 8.94
C SER A 484 1.79 -19.46 7.62
N LYS A 485 3.09 -19.14 7.51
CA LYS A 485 3.64 -18.67 6.25
C LYS A 485 3.53 -19.75 5.18
N THR A 486 3.81 -20.99 5.55
CA THR A 486 3.78 -22.09 4.59
C THR A 486 2.42 -22.18 3.91
N ILE A 487 1.34 -22.20 4.69
CA ILE A 487 0.00 -22.28 4.12
C ILE A 487 -0.42 -20.98 3.48
N GLN A 488 0.31 -19.90 3.70
CA GLN A 488 0.04 -18.63 3.03
C GLN A 488 0.71 -18.56 1.67
N VAL A 489 2.03 -18.80 1.64
CA VAL A 489 2.74 -18.81 0.36
C VAL A 489 2.28 -19.98 -0.50
N LYS A 490 2.06 -21.15 0.11
CA LYS A 490 1.54 -22.27 -0.64
C LYS A 490 0.21 -21.96 -1.31
N ASN A 491 -0.56 -21.02 -0.75
CA ASN A 491 -1.84 -20.63 -1.31
C ASN A 491 -1.71 -19.60 -2.42
N MET A 492 -0.53 -18.98 -2.57
CA MET A 492 -0.35 -18.02 -3.66
C MET A 492 -0.51 -18.66 -5.03
N LYS A 493 -0.23 -19.97 -5.14
CA LYS A 493 -0.43 -20.67 -6.41
C LYS A 493 -1.89 -20.64 -6.81
N ASN A 494 -2.78 -20.99 -5.87
CA ASN A 494 -4.22 -20.96 -6.14
C ASN A 494 -4.79 -19.54 -6.05
N LYS A 495 -4.04 -18.59 -5.50
CA LYS A 495 -4.45 -17.20 -5.55
C LYS A 495 -4.20 -16.60 -6.93
N ASP A 496 -3.15 -17.05 -7.61
CA ASP A 496 -2.81 -16.53 -8.93
C ASP A 496 -3.56 -17.27 -10.03
N LYS A 497 -3.42 -18.61 -10.09
CA LYS A 497 -4.09 -19.36 -11.15
C LYS A 497 -5.60 -19.22 -11.10
N ARG A 498 -6.17 -18.90 -9.94
CA ARG A 498 -7.59 -18.57 -9.88
C ARG A 498 -7.87 -17.25 -10.59
N LEU A 499 -7.00 -16.25 -10.41
CA LEU A 499 -7.17 -14.98 -11.09
C LEU A 499 -6.88 -15.10 -12.57
N LYS A 500 -5.92 -15.95 -12.96
CA LYS A 500 -5.62 -16.14 -14.37
C LYS A 500 -6.87 -16.54 -15.15
N ILE A 501 -7.61 -17.53 -14.63
CA ILE A 501 -8.83 -17.97 -15.28
C ILE A 501 -9.86 -16.85 -15.36
N MET A 502 -10.06 -16.13 -14.25
CA MET A 502 -11.08 -15.07 -14.24
C MET A 502 -10.85 -14.05 -15.34
N ASN A 503 -9.58 -13.77 -15.67
CA ASN A 503 -9.29 -12.87 -16.77
C ASN A 503 -9.84 -13.43 -18.08
N GLU A 504 -9.67 -14.73 -18.30
CA GLU A 504 -10.17 -15.35 -19.53
C GLU A 504 -11.69 -15.29 -19.60
N ILE A 505 -12.35 -15.53 -18.47
CA ILE A 505 -13.82 -15.49 -18.46
C ILE A 505 -14.32 -14.10 -18.81
N LEU A 506 -13.72 -13.08 -18.20
CA LEU A 506 -14.16 -11.71 -18.46
C LEU A 506 -13.71 -11.23 -19.82
N SER A 507 -12.46 -11.52 -20.20
CA SER A 507 -11.95 -11.17 -21.52
C SER A 507 -12.39 -12.26 -22.50
N GLY A 508 -13.63 -12.14 -22.95
CA GLY A 508 -14.22 -13.14 -23.83
C GLY A 508 -15.55 -13.65 -23.33
N ILE A 509 -16.19 -12.89 -22.44
CA ILE A 509 -17.50 -13.30 -21.92
C ILE A 509 -18.50 -13.41 -23.07
N LYS A 510 -18.42 -12.49 -24.04
CA LYS A 510 -19.35 -12.52 -25.16
C LYS A 510 -19.38 -13.90 -25.82
N ILE A 511 -18.21 -14.45 -26.12
CA ILE A 511 -18.14 -15.80 -26.65
C ILE A 511 -18.66 -16.80 -25.64
N LEU A 512 -18.28 -16.63 -24.37
CA LEU A 512 -18.71 -17.55 -23.33
C LEU A 512 -20.22 -17.64 -23.22
N LYS A 513 -20.94 -16.57 -23.59
CA LYS A 513 -22.40 -16.58 -23.55
C LYS A 513 -23.03 -17.12 -24.83
N TYR A 514 -22.29 -17.14 -25.94
CA TYR A 514 -22.85 -17.72 -27.16
C TYR A 514 -23.09 -19.21 -27.00
N PHE A 515 -22.11 -19.94 -26.47
CA PHE A 515 -22.29 -21.34 -26.16
C PHE A 515 -22.84 -21.51 -24.75
N ALA A 516 -23.33 -22.71 -24.45
CA ALA A 516 -23.86 -23.03 -23.13
C ALA A 516 -22.70 -23.46 -22.23
N TRP A 517 -21.74 -22.56 -22.09
CA TRP A 517 -20.50 -22.82 -21.38
C TRP A 517 -20.42 -22.12 -20.03
N GLU A 518 -21.53 -21.57 -19.53
CA GLU A 518 -21.48 -20.88 -18.24
C GLU A 518 -21.22 -21.86 -17.10
N PRO A 519 -22.06 -22.87 -16.84
CA PRO A 519 -21.75 -23.79 -15.74
C PRO A 519 -20.42 -24.49 -15.91
N SER A 520 -19.95 -24.66 -17.15
CA SER A 520 -18.65 -25.26 -17.37
C SER A 520 -17.55 -24.43 -16.71
N PHE A 521 -17.64 -23.11 -16.84
CA PHE A 521 -16.66 -22.23 -16.21
C PHE A 521 -17.06 -21.81 -14.81
N ARG A 522 -18.37 -21.82 -14.48
CA ARG A 522 -18.78 -21.55 -13.11
C ARG A 522 -18.22 -22.58 -12.14
N ASP A 523 -18.25 -23.85 -12.52
CA ASP A 523 -17.72 -24.92 -11.69
C ASP A 523 -16.20 -25.04 -11.78
N GLN A 524 -15.58 -24.47 -12.81
CA GLN A 524 -14.13 -24.47 -12.90
C GLN A 524 -13.50 -23.61 -11.82
N VAL A 525 -14.11 -22.46 -11.50
CA VAL A 525 -13.59 -21.61 -10.44
C VAL A 525 -13.99 -22.16 -9.08
N GLN A 526 -15.26 -22.55 -8.93
CA GLN A 526 -15.73 -23.10 -7.67
C GLN A 526 -14.87 -24.29 -7.25
N ASN A 527 -14.69 -25.26 -8.15
CA ASN A 527 -13.79 -26.36 -7.87
C ASN A 527 -12.36 -25.88 -7.65
N LEU A 528 -12.00 -24.73 -8.21
CA LEU A 528 -10.68 -24.14 -8.01
C LEU A 528 -10.59 -23.30 -6.75
N ARG A 529 -11.72 -23.01 -6.10
CA ARG A 529 -11.71 -22.25 -4.86
C ARG A 529 -11.73 -23.18 -3.64
N LYS A 530 -12.44 -24.30 -3.72
CA LYS A 530 -12.47 -25.23 -2.61
C LYS A 530 -11.06 -25.65 -2.20
N LYS A 531 -10.15 -25.76 -3.17
CA LYS A 531 -8.76 -26.05 -2.88
C LYS A 531 -7.99 -24.84 -2.38
N GLU A 532 -8.67 -23.70 -2.20
CA GLU A 532 -8.08 -22.52 -1.57
C GLU A 532 -8.64 -22.29 -0.18
N LEU A 533 -9.93 -22.52 0.03
CA LEU A 533 -10.50 -22.40 1.37
C LEU A 533 -9.90 -23.43 2.32
N LYS A 534 -9.71 -24.67 1.84
CA LYS A 534 -9.09 -25.69 2.68
C LYS A 534 -7.73 -25.22 3.18
N ASN A 535 -7.02 -24.42 2.40
CA ASN A 535 -5.78 -23.79 2.84
C ASN A 535 -6.03 -22.44 3.52
N LEU A 536 -7.30 -22.07 3.68
CA LEU A 536 -7.69 -20.90 4.46
C LEU A 536 -8.34 -21.29 5.78
N LEU A 537 -9.31 -22.22 5.75
CA LEU A 537 -9.84 -22.76 6.99
C LEU A 537 -8.74 -23.36 7.85
N ALA A 538 -7.71 -23.92 7.22
CA ALA A 538 -6.54 -24.45 7.91
C ALA A 538 -5.51 -23.37 8.21
N PHE A 539 -5.72 -22.16 7.72
CA PHE A 539 -4.86 -21.02 8.03
C PHE A 539 -5.45 -20.11 9.09
N SER A 540 -6.77 -19.97 9.13
CA SER A 540 -7.44 -19.21 10.18
C SER A 540 -7.48 -19.96 11.50
N GLN A 541 -7.25 -21.27 11.50
CA GLN A 541 -7.11 -22.05 12.72
C GLN A 541 -5.69 -22.02 13.26
N LEU A 542 -4.73 -21.51 12.49
CA LEU A 542 -3.36 -21.34 12.96
C LEU A 542 -3.07 -19.90 13.35
N GLN A 543 -4.06 -19.01 13.22
CA GLN A 543 -3.98 -17.67 13.78
C GLN A 543 -4.94 -17.44 14.93
N CYS A 544 -5.94 -18.31 15.09
CA CYS A 544 -6.79 -18.32 16.27
C CYS A 544 -6.25 -19.26 17.34
N VAL A 545 -5.10 -19.88 17.11
CA VAL A 545 -4.38 -20.62 18.13
C VAL A 545 -3.12 -19.90 18.57
N VAL A 546 -2.60 -18.97 17.78
CA VAL A 546 -1.49 -18.14 18.20
C VAL A 546 -1.96 -16.96 19.06
N ILE A 547 -3.22 -16.55 18.92
CA ILE A 547 -3.79 -15.53 19.79
C ILE A 547 -4.39 -16.15 21.04
N PHE A 548 -5.09 -17.28 20.89
CA PHE A 548 -5.65 -17.98 22.03
C PHE A 548 -4.55 -18.32 23.04
N VAL A 549 -3.35 -18.62 22.54
CA VAL A 549 -2.21 -18.89 23.42
C VAL A 549 -1.51 -17.61 23.87
N PHE A 550 -1.87 -16.47 23.31
CA PHE A 550 -1.39 -15.17 23.78
C PHE A 550 -2.36 -14.50 24.74
N GLN A 551 -3.66 -14.65 24.50
CA GLN A 551 -4.66 -14.07 25.39
C GLN A 551 -4.76 -14.86 26.69
N LEU A 552 -4.52 -16.17 26.63
CA LEU A 552 -4.61 -17.03 27.80
C LEU A 552 -3.27 -17.19 28.51
N THR A 553 -2.20 -16.59 28.00
CA THR A 553 -0.91 -16.67 28.68
C THR A 553 -0.93 -16.08 30.09
N PRO A 554 -1.42 -14.86 30.31
CA PRO A 554 -1.44 -14.31 31.67
C PRO A 554 -2.39 -15.02 32.62
N VAL A 555 -3.28 -15.86 32.09
CA VAL A 555 -4.24 -16.59 32.91
C VAL A 555 -3.66 -17.93 33.31
N LEU A 556 -2.69 -18.42 32.54
CA LEU A 556 -2.06 -19.69 32.86
C LEU A 556 -0.86 -19.51 33.77
N VAL A 557 -0.15 -18.40 33.63
CA VAL A 557 0.99 -18.12 34.51
C VAL A 557 0.49 -17.76 35.91
N SER A 558 -0.63 -17.04 35.97
CA SER A 558 -1.23 -16.71 37.26
C SER A 558 -1.71 -17.95 38.01
N VAL A 559 -2.07 -19.01 37.29
CA VAL A 559 -2.53 -20.23 37.93
C VAL A 559 -1.35 -21.07 38.37
N VAL A 560 -0.32 -21.18 37.54
CA VAL A 560 0.85 -21.96 37.90
C VAL A 560 1.65 -21.29 39.01
N THR A 561 1.82 -19.97 38.93
CA THR A 561 2.69 -19.28 39.89
C THR A 561 2.13 -19.35 41.30
N PHE A 562 0.85 -18.98 41.47
CA PHE A 562 0.24 -19.04 42.79
C PHE A 562 0.09 -20.48 43.26
N SER A 563 -0.35 -21.37 42.37
CA SER A 563 -0.54 -22.76 42.75
C SER A 563 0.76 -23.44 43.14
N VAL A 564 1.91 -22.86 42.78
CA VAL A 564 3.20 -23.39 43.20
C VAL A 564 3.79 -22.59 44.37
N TYR A 565 3.48 -21.30 44.46
CA TYR A 565 3.95 -20.50 45.60
C TYR A 565 3.35 -21.01 46.90
N VAL A 566 2.07 -21.39 46.88
CA VAL A 566 1.37 -21.79 48.09
C VAL A 566 1.38 -23.30 48.30
N LEU A 567 2.09 -24.05 47.45
CA LEU A 567 2.20 -25.50 47.59
C LEU A 567 3.63 -25.98 47.78
N VAL A 568 4.59 -25.31 47.15
CA VAL A 568 5.98 -25.78 47.22
C VAL A 568 6.50 -25.81 48.65
N ASP A 569 5.90 -25.04 49.54
CA ASP A 569 6.39 -24.97 50.91
C ASP A 569 5.34 -24.28 51.77
N SER A 570 5.15 -24.79 52.98
CA SER A 570 4.32 -24.10 53.95
C SER A 570 4.99 -22.79 54.35
N ASN A 571 4.29 -22.01 55.17
CA ASN A 571 4.68 -20.66 55.58
C ASN A 571 4.56 -19.66 54.44
N ASN A 572 4.14 -20.08 53.25
CA ASN A 572 3.90 -19.19 52.13
C ASN A 572 2.40 -18.92 52.04
N ILE A 573 2.01 -17.68 52.31
CA ILE A 573 0.60 -17.29 52.32
C ILE A 573 0.44 -16.11 51.39
N LEU A 574 -0.57 -16.17 50.51
CA LEU A 574 -0.81 -15.08 49.58
C LEU A 574 -1.40 -13.88 50.31
N ASP A 575 -0.92 -12.70 49.94
CA ASP A 575 -1.48 -11.42 50.37
C ASP A 575 -1.86 -10.62 49.13
N ALA A 576 -2.52 -9.50 49.33
CA ALA A 576 -2.83 -8.60 48.23
C ALA A 576 -1.60 -7.85 47.76
N GLN A 577 -0.52 -7.85 48.53
CA GLN A 577 0.76 -7.28 48.12
C GLN A 577 1.66 -8.29 47.43
N LYS A 578 1.20 -9.52 47.25
CA LYS A 578 1.91 -10.55 46.50
C LYS A 578 1.14 -11.02 45.29
N ALA A 579 -0.19 -11.06 45.38
CA ALA A 579 -1.01 -11.64 44.32
C ALA A 579 -1.42 -10.61 43.27
N PHE A 580 -1.64 -9.36 43.67
CA PHE A 580 -2.17 -8.36 42.76
C PHE A 580 -1.11 -7.40 42.25
N THR A 581 0.05 -7.31 42.90
CA THR A 581 1.17 -6.56 42.36
C THR A 581 2.12 -7.44 41.56
N SER A 582 1.85 -8.73 41.48
CA SER A 582 2.56 -9.64 40.59
C SER A 582 1.71 -10.06 39.41
N ILE A 583 0.38 -9.95 39.52
CA ILE A 583 -0.49 -10.12 38.36
C ILE A 583 -0.33 -8.98 37.38
N THR A 584 -0.07 -7.76 37.85
CA THR A 584 0.21 -6.62 37.00
C THR A 584 1.69 -6.54 36.62
N LEU A 585 2.51 -7.45 37.15
CA LEU A 585 3.88 -7.61 36.70
C LEU A 585 4.04 -8.70 35.66
N PHE A 586 3.05 -9.58 35.51
CA PHE A 586 3.04 -10.57 34.44
C PHE A 586 2.48 -10.01 33.14
N ASN A 587 1.97 -8.77 33.15
CA ASN A 587 1.56 -8.11 31.92
C ASN A 587 2.68 -7.28 31.32
N ILE A 588 3.56 -6.73 32.15
CA ILE A 588 4.75 -6.07 31.62
C ILE A 588 5.65 -7.08 30.94
N LEU A 589 5.73 -8.30 31.48
CA LEU A 589 6.60 -9.34 30.95
C LEU A 589 5.94 -10.20 29.89
N ARG A 590 4.62 -10.08 29.68
CA ARG A 590 3.96 -10.89 28.68
C ARG A 590 4.42 -10.54 27.28
N PHE A 591 4.39 -9.25 26.93
CA PHE A 591 4.66 -8.85 25.55
C PHE A 591 6.13 -8.98 25.20
N PRO A 592 7.07 -8.34 25.91
CA PRO A 592 8.48 -8.46 25.55
C PRO A 592 8.92 -9.90 25.35
N LEU A 593 8.36 -10.82 26.12
CA LEU A 593 8.74 -12.22 26.05
C LEU A 593 7.91 -13.02 25.05
N SER A 594 6.92 -12.40 24.40
CA SER A 594 6.11 -13.07 23.40
C SER A 594 6.24 -12.43 22.03
N MET A 595 7.21 -11.54 21.83
CA MET A 595 7.50 -10.97 20.54
C MET A 595 8.89 -11.30 20.04
N LEU A 596 9.79 -11.74 20.92
CA LEU A 596 11.14 -12.06 20.46
C LEU A 596 11.16 -13.03 19.29
N PRO A 597 10.38 -14.11 19.28
CA PRO A 597 10.35 -14.96 18.09
C PRO A 597 9.92 -14.21 16.85
N MET A 598 8.99 -13.27 17.00
CA MET A 598 8.51 -12.50 15.87
C MET A 598 9.52 -11.43 15.48
N MET A 599 10.33 -10.97 16.44
CA MET A 599 11.29 -9.92 16.17
C MET A 599 12.56 -10.48 15.54
N ILE A 600 13.25 -11.36 16.27
CA ILE A 600 14.51 -11.90 15.78
C ILE A 600 14.35 -12.74 14.52
N SER A 601 13.12 -13.06 14.14
CA SER A 601 12.84 -13.65 12.84
C SER A 601 12.47 -12.59 11.80
N SER A 602 12.47 -11.31 12.20
CA SER A 602 12.21 -10.23 11.26
C SER A 602 13.41 -9.33 11.03
N MET A 603 14.49 -9.48 11.81
CA MET A 603 15.77 -8.85 11.48
C MET A 603 16.66 -9.79 10.70
N LEU A 604 16.62 -11.09 11.00
CA LEU A 604 17.28 -12.08 10.18
C LEU A 604 16.68 -12.18 8.79
N GLN A 605 15.41 -11.78 8.63
CA GLN A 605 14.80 -11.65 7.32
C GLN A 605 15.19 -10.35 6.62
N ALA A 606 15.54 -9.31 7.38
CA ALA A 606 15.99 -8.04 6.83
C ALA A 606 17.50 -8.02 6.60
N SER A 607 18.21 -9.04 7.07
CA SER A 607 19.63 -9.19 6.79
C SER A 607 19.90 -9.78 5.42
N VAL A 608 18.89 -10.34 4.76
CA VAL A 608 19.03 -10.79 3.38
C VAL A 608 18.59 -9.72 2.39
N SER A 609 17.92 -8.67 2.85
CA SER A 609 17.55 -7.54 2.00
C SER A 609 18.61 -6.46 1.97
N THR A 610 19.20 -6.13 3.13
CA THR A 610 20.33 -5.22 3.14
C THR A 610 21.50 -5.78 2.35
N GLU A 611 21.53 -7.11 2.17
CA GLU A 611 22.57 -7.72 1.36
C GLU A 611 22.32 -7.46 -0.12
N ARG A 612 21.06 -7.28 -0.50
CA ARG A 612 20.73 -7.00 -1.90
C ARG A 612 21.09 -5.57 -2.27
N LEU A 613 20.57 -4.60 -1.52
CA LEU A 613 20.92 -3.21 -1.76
C LEU A 613 22.42 -3.01 -1.70
N GLU A 614 23.09 -3.64 -0.75
CA GLU A 614 24.55 -3.61 -0.67
C GLU A 614 25.21 -4.17 -1.91
N LYS A 615 24.51 -5.02 -2.68
CA LYS A 615 25.05 -5.57 -3.91
C LYS A 615 24.64 -4.76 -5.13
N TYR A 616 23.52 -4.04 -5.04
CA TYR A 616 23.07 -3.20 -6.15
C TYR A 616 23.72 -1.82 -6.09
N LEU A 617 23.62 -1.15 -4.94
CA LEU A 617 24.19 0.19 -4.82
C LEU A 617 25.70 0.17 -5.04
N GLY A 618 26.39 -0.83 -4.49
CA GLY A 618 27.82 -0.89 -4.60
C GLY A 618 28.30 -1.61 -5.85
N GLY A 619 27.58 -1.43 -6.97
CA GLY A 619 27.93 -2.03 -8.23
C GLY A 619 28.93 -1.21 -9.00
N ASP A 620 29.18 -1.67 -10.23
CA ASP A 620 30.09 -0.98 -11.13
C ASP A 620 29.37 0.20 -11.77
N ASP A 621 30.10 1.02 -12.53
CA ASP A 621 29.54 2.18 -13.20
C ASP A 621 29.93 2.15 -14.67
N LEU A 622 29.00 2.58 -15.51
CA LEU A 622 29.22 2.56 -16.95
C LEU A 622 30.45 3.39 -17.28
N ASP A 623 31.31 2.84 -18.15
CA ASP A 623 32.54 3.50 -18.55
C ASP A 623 32.28 4.30 -19.82
N THR A 624 32.40 5.62 -19.72
CA THR A 624 32.28 6.51 -20.87
C THR A 624 33.62 7.09 -21.31
N SER A 625 34.73 6.50 -20.86
CA SER A 625 36.05 6.99 -21.26
C SER A 625 36.25 6.83 -22.77
N ALA A 626 35.73 5.74 -23.33
CA ALA A 626 35.91 5.48 -24.75
C ALA A 626 35.30 6.58 -25.61
N ILE A 627 34.11 7.03 -25.25
CA ILE A 627 33.40 8.07 -26.01
C ILE A 627 33.94 9.40 -25.51
N ARG A 628 34.61 10.12 -26.42
CA ARG A 628 35.15 11.44 -26.09
C ARG A 628 34.24 12.52 -26.66
N HIS A 629 34.15 13.65 -25.96
CA HIS A 629 33.36 14.79 -26.41
C HIS A 629 34.29 15.98 -26.61
N ASP A 630 34.39 16.47 -27.84
CA ASP A 630 35.22 17.62 -28.17
C ASP A 630 34.36 18.62 -28.94
N CYS A 631 34.28 19.85 -28.41
CA CYS A 631 33.50 20.89 -29.05
C CYS A 631 34.20 21.50 -30.27
N ASN A 632 35.52 21.35 -30.36
CA ASN A 632 36.29 21.92 -31.45
C ASN A 632 36.52 20.92 -32.58
N PHE A 633 35.98 19.71 -32.48
CA PHE A 633 36.19 18.69 -33.50
C PHE A 633 35.50 19.09 -34.80
N ASP A 634 36.22 18.95 -35.91
CA ASP A 634 35.66 19.32 -37.20
C ASP A 634 34.53 18.39 -37.62
N LYS A 635 34.63 17.10 -37.32
CA LYS A 635 33.64 16.12 -37.72
C LYS A 635 32.64 15.87 -36.59
N ALA A 636 31.40 15.56 -36.97
CA ALA A 636 30.37 15.28 -35.98
C ALA A 636 30.68 14.00 -35.21
N MET A 637 30.95 12.91 -35.93
CA MET A 637 31.32 11.64 -35.31
C MET A 637 32.48 11.04 -36.07
N GLN A 638 33.29 10.23 -35.39
CA GLN A 638 34.45 9.60 -35.98
C GLN A 638 34.77 8.31 -35.24
N PHE A 639 35.19 7.29 -35.98
CA PHE A 639 35.64 6.04 -35.40
C PHE A 639 37.13 5.87 -35.71
N SER A 640 37.94 5.71 -34.66
CA SER A 640 39.38 5.49 -34.80
C SER A 640 39.69 4.11 -34.25
N GLU A 641 39.82 3.13 -35.15
CA GLU A 641 40.17 1.75 -34.78
C GLU A 641 39.39 1.31 -33.54
N ALA A 642 38.10 1.65 -33.51
CA ALA A 642 37.26 1.38 -32.36
C ALA A 642 36.68 -0.02 -32.45
N SER A 643 36.87 -0.82 -31.40
CA SER A 643 36.33 -2.16 -31.30
C SER A 643 35.55 -2.29 -30.01
N PHE A 644 34.37 -2.90 -30.09
CA PHE A 644 33.48 -3.03 -28.95
C PHE A 644 33.01 -4.47 -28.83
N THR A 645 32.96 -4.96 -27.59
CA THR A 645 32.53 -6.31 -27.29
C THR A 645 31.47 -6.27 -26.19
N TRP A 646 30.41 -7.06 -26.36
CA TRP A 646 29.34 -7.10 -25.37
C TRP A 646 29.84 -7.65 -24.04
N GLU A 647 30.78 -8.58 -24.06
CA GLU A 647 31.33 -9.17 -22.84
C GLU A 647 32.84 -9.27 -22.97
N HIS A 648 33.54 -9.02 -21.86
CA HIS A 648 34.99 -9.08 -21.88
C HIS A 648 35.49 -10.42 -22.37
N ASP A 649 34.76 -11.50 -22.09
CA ASP A 649 35.15 -12.84 -22.50
C ASP A 649 34.63 -13.22 -23.89
N SER A 650 33.91 -12.32 -24.56
CA SER A 650 33.32 -12.59 -25.86
C SER A 650 34.04 -11.79 -26.95
N GLU A 651 34.18 -12.42 -28.11
CA GLU A 651 34.83 -11.76 -29.24
C GLU A 651 34.07 -10.50 -29.61
N ALA A 652 34.83 -9.46 -30.01
CA ALA A 652 34.23 -8.17 -30.31
C ALA A 652 33.21 -8.29 -31.43
N THR A 653 32.03 -7.70 -31.20
CA THR A 653 31.01 -7.66 -32.24
C THR A 653 31.32 -6.61 -33.29
N VAL A 654 31.96 -5.51 -32.89
CA VAL A 654 32.41 -4.47 -33.81
C VAL A 654 33.94 -4.48 -33.75
N ARG A 655 34.58 -4.70 -34.89
CA ARG A 655 36.01 -4.94 -34.97
C ARG A 655 36.67 -3.87 -35.84
N ASP A 656 37.59 -3.12 -35.24
CA ASP A 656 38.44 -2.16 -35.97
C ASP A 656 37.63 -1.37 -37.00
N VAL A 657 36.65 -0.62 -36.52
CA VAL A 657 35.83 0.20 -37.40
C VAL A 657 36.47 1.58 -37.53
N ASN A 658 36.74 1.99 -38.76
CA ASN A 658 37.24 3.33 -39.07
C ASN A 658 36.19 4.03 -39.92
N LEU A 659 35.59 5.08 -39.36
CA LEU A 659 34.48 5.77 -40.00
C LEU A 659 34.52 7.24 -39.61
N ASP A 660 34.35 8.11 -40.58
CA ASP A 660 34.35 9.56 -40.37
C ASP A 660 33.07 10.13 -40.95
N ILE A 661 32.39 10.98 -40.18
CA ILE A 661 31.08 11.51 -40.55
C ILE A 661 31.14 13.02 -40.43
N MET A 662 30.65 13.72 -41.45
CA MET A 662 30.62 15.17 -41.43
C MET A 662 29.27 15.66 -40.90
N ALA A 663 29.29 16.84 -40.30
CA ALA A 663 28.08 17.41 -39.72
C ALA A 663 27.02 17.63 -40.80
N GLY A 664 25.76 17.32 -40.47
CA GLY A 664 24.65 17.59 -41.34
C GLY A 664 24.41 16.56 -42.42
N GLN A 665 25.21 15.50 -42.47
CA GLN A 665 25.08 14.51 -43.54
C GLN A 665 24.13 13.40 -43.14
N LEU A 666 23.29 12.99 -44.11
CA LEU A 666 22.38 11.86 -43.93
C LEU A 666 23.13 10.61 -44.38
N VAL A 667 23.20 9.61 -43.50
CA VAL A 667 23.99 8.41 -43.74
C VAL A 667 23.16 7.19 -43.37
N ALA A 668 23.28 6.13 -44.16
CA ALA A 668 22.55 4.90 -43.95
C ALA A 668 23.52 3.75 -43.75
N VAL A 669 23.22 2.87 -42.80
CA VAL A 669 24.02 1.69 -42.50
C VAL A 669 23.17 0.48 -42.84
N ILE A 670 23.73 -0.44 -43.63
CA ILE A 670 23.00 -1.60 -44.12
C ILE A 670 23.87 -2.84 -43.94
N GLY A 671 23.20 -3.99 -43.93
CA GLY A 671 23.87 -5.27 -43.78
C GLY A 671 22.89 -6.39 -43.49
N PRO A 672 23.35 -7.63 -43.54
CA PRO A 672 22.47 -8.76 -43.23
C PRO A 672 22.11 -8.81 -41.75
N VAL A 673 20.99 -9.47 -41.47
CA VAL A 673 20.55 -9.62 -40.08
C VAL A 673 21.66 -10.30 -39.29
N GLY A 674 21.96 -9.75 -38.12
CA GLY A 674 23.05 -10.26 -37.31
C GLY A 674 24.43 -9.78 -37.71
N SER A 675 24.51 -8.77 -38.58
CA SER A 675 25.80 -8.24 -39.00
C SER A 675 26.37 -7.21 -38.03
N GLY A 676 25.64 -6.86 -36.98
CA GLY A 676 26.11 -5.91 -36.01
C GLY A 676 25.62 -4.49 -36.19
N LYS A 677 24.58 -4.26 -37.00
CA LYS A 677 24.09 -2.91 -37.21
C LYS A 677 23.61 -2.30 -35.90
N SER A 678 22.76 -3.01 -35.17
CA SER A 678 22.28 -2.49 -33.89
C SER A 678 23.43 -2.36 -32.89
N SER A 679 24.49 -3.14 -33.05
CA SER A 679 25.65 -3.01 -32.18
C SER A 679 26.36 -1.69 -32.42
N LEU A 680 26.42 -1.25 -33.67
CA LEU A 680 27.11 0.00 -33.99
C LEU A 680 26.42 1.18 -33.30
N ILE A 681 25.09 1.25 -33.38
CA ILE A 681 24.37 2.34 -32.75
C ILE A 681 24.53 2.27 -31.23
N SER A 682 24.58 1.06 -30.69
CA SER A 682 24.78 0.90 -29.25
C SER A 682 26.14 1.45 -28.83
N ALA A 683 27.17 1.21 -29.64
CA ALA A 683 28.50 1.70 -29.30
C ALA A 683 28.53 3.23 -29.27
N MET A 684 27.78 3.87 -30.17
CA MET A 684 27.78 5.33 -30.23
C MET A 684 27.32 5.93 -28.91
N LEU A 685 26.29 5.36 -28.29
CA LEU A 685 25.75 5.88 -27.05
C LEU A 685 26.66 5.63 -25.85
N GLY A 686 27.71 4.82 -26.01
CA GLY A 686 28.55 4.45 -24.89
C GLY A 686 28.07 3.25 -24.11
N GLU A 687 26.96 2.63 -24.55
CA GLU A 687 26.46 1.44 -23.90
C GLU A 687 27.41 0.26 -24.00
N MET A 688 28.09 0.10 -25.13
CA MET A 688 28.92 -1.07 -25.39
C MET A 688 30.31 -0.88 -24.80
N GLU A 689 30.92 -1.98 -24.40
CA GLU A 689 32.25 -1.93 -23.79
C GLU A 689 33.32 -1.78 -24.86
N ASN A 690 34.37 -1.04 -24.53
CA ASN A 690 35.44 -0.77 -25.48
C ASN A 690 36.59 -1.75 -25.31
N VAL A 691 37.06 -2.31 -26.41
CA VAL A 691 38.28 -3.12 -26.41
C VAL A 691 39.50 -2.26 -26.70
N HIS A 692 39.46 -1.50 -27.79
CA HIS A 692 40.51 -0.56 -28.13
C HIS A 692 39.94 0.49 -29.07
N GLY A 693 40.63 1.61 -29.16
CA GLY A 693 40.16 2.73 -29.95
C GLY A 693 39.28 3.67 -29.15
N HIS A 694 38.73 4.66 -29.85
CA HIS A 694 37.90 5.66 -29.22
C HIS A 694 36.94 6.26 -30.24
N ILE A 695 35.91 6.92 -29.73
CA ILE A 695 34.92 7.59 -30.57
C ILE A 695 34.83 9.04 -30.11
N THR A 696 34.89 9.97 -31.06
CA THR A 696 34.80 11.40 -30.79
C THR A 696 33.45 11.90 -31.28
N ILE A 697 32.74 12.64 -30.43
CA ILE A 697 31.40 13.12 -30.72
C ILE A 697 31.34 14.61 -30.43
N LYS A 698 30.64 15.35 -31.30
CA LYS A 698 30.46 16.78 -31.16
C LYS A 698 28.97 17.10 -31.26
N GLY A 699 28.42 17.68 -30.20
CA GLY A 699 27.03 18.06 -30.16
C GLY A 699 26.19 17.00 -29.46
N THR A 700 24.97 17.40 -29.11
CA THR A 700 24.02 16.53 -28.45
C THR A 700 23.61 15.40 -29.37
N THR A 701 23.12 14.31 -28.79
CA THR A 701 22.75 13.12 -29.53
C THR A 701 21.32 12.72 -29.20
N ALA A 702 20.52 12.47 -30.22
CA ALA A 702 19.18 11.92 -30.07
C ALA A 702 19.20 10.46 -30.52
N TYR A 703 18.35 9.64 -29.93
CA TYR A 703 18.35 8.21 -30.17
C TYR A 703 16.93 7.70 -30.32
N VAL A 704 16.73 6.82 -31.30
CA VAL A 704 15.42 6.22 -31.58
C VAL A 704 15.57 4.70 -31.52
N PRO A 705 15.17 4.05 -30.43
CA PRO A 705 15.38 2.61 -30.32
C PRO A 705 14.53 1.84 -31.33
N GLN A 706 15.04 0.66 -31.70
CA GLN A 706 14.26 -0.23 -32.55
C GLN A 706 12.95 -0.61 -31.88
N GLN A 707 13.00 -0.90 -30.58
CA GLN A 707 11.80 -1.08 -29.78
C GLN A 707 11.47 0.28 -29.18
N SER A 708 10.35 0.86 -29.60
CA SER A 708 9.98 2.18 -29.11
C SER A 708 9.59 2.12 -27.64
N TRP A 709 10.11 3.06 -26.86
CA TRP A 709 9.83 3.15 -25.44
C TRP A 709 8.88 4.32 -25.20
N ILE A 710 7.71 4.03 -24.64
CA ILE A 710 6.68 5.03 -24.40
C ILE A 710 6.39 5.08 -22.91
N GLN A 711 6.51 6.27 -22.33
CA GLN A 711 6.25 6.46 -20.91
C GLN A 711 4.76 6.32 -20.63
N ASN A 712 4.41 6.47 -19.36
CA ASN A 712 3.01 6.48 -18.94
C ASN A 712 2.52 7.92 -18.87
N GLY A 713 1.55 8.25 -19.70
CA GLY A 713 1.06 9.62 -19.74
C GLY A 713 0.35 9.90 -21.05
N THR A 714 0.22 11.18 -21.36
CA THR A 714 -0.46 11.60 -22.58
C THR A 714 0.52 11.62 -23.75
N ILE A 715 -0.06 11.61 -24.95
CA ILE A 715 0.77 11.67 -26.16
C ILE A 715 1.55 12.97 -26.20
N LYS A 716 0.93 14.07 -25.75
CA LYS A 716 1.61 15.35 -25.68
C LYS A 716 2.82 15.26 -24.76
N ASP A 717 2.67 14.59 -23.62
CA ASP A 717 3.75 14.50 -22.65
C ASP A 717 4.96 13.77 -23.24
N ASN A 718 4.74 12.61 -23.85
CA ASN A 718 5.85 11.83 -24.38
C ASN A 718 6.61 12.60 -25.45
N ILE A 719 5.90 13.25 -26.36
CA ILE A 719 6.55 13.99 -27.43
C ILE A 719 7.37 15.13 -26.85
N LEU A 720 6.81 15.86 -25.89
CA LEU A 720 7.53 16.96 -25.28
C LEU A 720 8.76 16.47 -24.53
N PHE A 721 8.62 15.40 -23.75
CA PHE A 721 9.74 14.82 -23.01
C PHE A 721 10.45 15.87 -22.16
N GLY A 722 9.67 16.69 -21.46
CA GLY A 722 10.24 17.63 -20.52
C GLY A 722 10.69 18.95 -21.13
N THR A 723 10.38 19.17 -22.41
CA THR A 723 10.73 20.43 -23.03
C THR A 723 9.51 21.35 -23.11
N GLU A 724 9.77 22.65 -23.10
CA GLU A 724 8.69 23.62 -23.14
C GLU A 724 7.84 23.43 -24.39
N PHE A 725 6.53 23.56 -24.24
CA PHE A 725 5.61 23.35 -25.34
C PHE A 725 5.59 24.57 -26.26
N ASN A 726 5.96 24.36 -27.52
CA ASN A 726 5.89 25.39 -28.56
C ASN A 726 4.83 24.94 -29.55
N GLU A 727 3.73 25.68 -29.63
CA GLU A 727 2.61 25.27 -30.45
C GLU A 727 3.02 25.14 -31.91
N LYS A 728 3.71 26.15 -32.44
CA LYS A 728 4.10 26.12 -33.85
C LYS A 728 4.96 24.92 -34.16
N ARG A 729 6.03 24.71 -33.38
CA ARG A 729 6.91 23.59 -33.63
C ARG A 729 6.19 22.26 -33.39
N TYR A 730 5.37 22.18 -32.35
CA TYR A 730 4.73 20.93 -32.00
C TYR A 730 3.82 20.44 -33.13
N GLN A 731 3.02 21.34 -33.70
CA GLN A 731 2.16 20.95 -34.81
C GLN A 731 2.98 20.56 -36.04
N GLN A 732 4.09 21.26 -36.28
CA GLN A 732 4.94 20.93 -37.42
C GLN A 732 5.46 19.50 -37.33
N VAL A 733 5.81 19.06 -36.11
CA VAL A 733 6.32 17.70 -35.95
C VAL A 733 5.23 16.67 -36.21
N LEU A 734 4.01 16.93 -35.72
CA LEU A 734 2.93 15.98 -35.91
C LEU A 734 2.64 15.76 -37.38
N GLU A 735 2.45 16.85 -38.14
CA GLU A 735 2.24 16.72 -39.57
C GLU A 735 3.45 16.09 -40.25
N ALA A 736 4.66 16.50 -39.83
CA ALA A 736 5.87 15.88 -40.36
C ALA A 736 5.96 14.42 -39.99
N CYS A 737 5.42 14.04 -38.83
CA CYS A 737 5.42 12.65 -38.37
C CYS A 737 4.16 11.91 -38.79
N ALA A 738 3.25 12.55 -39.54
CA ALA A 738 2.04 11.89 -40.02
C ALA A 738 1.23 11.33 -38.86
N LEU A 739 1.24 12.05 -37.73
CA LEU A 739 0.50 11.64 -36.55
C LEU A 739 -0.89 12.25 -36.48
N LEU A 740 -1.19 13.25 -37.31
CA LEU A 740 -2.50 13.88 -37.25
C LEU A 740 -3.64 12.87 -37.46
N PRO A 741 -3.59 12.00 -38.46
CA PRO A 741 -4.66 10.98 -38.55
C PRO A 741 -4.76 10.10 -37.32
N ASP A 742 -3.62 9.77 -36.71
CA ASP A 742 -3.64 8.94 -35.50
C ASP A 742 -4.34 9.67 -34.36
N LEU A 743 -4.03 10.95 -34.18
CA LEU A 743 -4.67 11.72 -33.11
C LEU A 743 -6.17 11.83 -33.32
N GLU A 744 -6.60 12.02 -34.57
CA GLU A 744 -8.02 12.20 -34.84
C GLU A 744 -8.82 10.96 -34.44
N MET A 745 -8.30 9.76 -34.75
CA MET A 745 -9.00 8.54 -34.38
C MET A 745 -9.11 8.39 -32.86
N LEU A 746 -8.07 8.73 -32.12
CA LEU A 746 -8.13 8.65 -30.66
C LEU A 746 -9.20 9.60 -30.13
N PRO A 747 -10.04 9.16 -29.19
CA PRO A 747 -11.07 10.07 -28.65
C PRO A 747 -10.50 11.30 -27.97
N GLY A 748 -9.32 11.20 -27.35
CA GLY A 748 -8.77 12.32 -26.61
C GLY A 748 -7.72 13.10 -27.37
N GLY A 749 -7.40 12.66 -28.58
CA GLY A 749 -6.39 13.35 -29.36
C GLY A 749 -5.03 13.25 -28.71
N ASP A 750 -4.27 14.34 -28.78
CA ASP A 750 -2.92 14.35 -28.21
C ASP A 750 -2.94 14.23 -26.69
N LEU A 751 -4.07 14.48 -26.05
CA LEU A 751 -4.20 14.30 -24.60
C LEU A 751 -4.57 12.88 -24.22
N ALA A 752 -4.76 11.99 -25.20
CA ALA A 752 -5.12 10.62 -24.89
C ALA A 752 -4.08 9.98 -23.98
N GLU A 753 -4.54 9.34 -22.91
CA GLU A 753 -3.66 8.72 -21.95
C GLU A 753 -3.11 7.42 -22.53
N ILE A 754 -1.79 7.22 -22.41
CA ILE A 754 -1.14 6.03 -22.92
C ILE A 754 -1.01 5.02 -21.79
N GLY A 755 -1.45 3.80 -22.03
CA GLY A 755 -1.30 2.74 -21.06
C GLY A 755 0.14 2.27 -20.96
N GLU A 756 0.35 1.26 -20.11
CA GLU A 756 1.68 0.71 -19.93
C GLU A 756 2.22 0.17 -21.25
N LYS A 757 3.41 0.67 -21.63
CA LYS A 757 4.09 0.22 -22.84
C LYS A 757 3.22 0.43 -24.09
N GLY A 758 2.42 1.49 -24.11
CA GLY A 758 1.61 1.79 -25.29
C GLY A 758 0.68 0.68 -25.71
N ILE A 759 -0.03 0.06 -24.77
CA ILE A 759 -0.94 -1.04 -25.08
C ILE A 759 -2.06 -0.52 -25.97
N ASN A 760 -2.37 0.77 -25.87
CA ASN A 760 -3.40 1.40 -26.67
C ASN A 760 -2.92 1.81 -28.05
N LEU A 761 -1.64 1.63 -28.36
CA LEU A 761 -1.04 2.10 -29.60
C LEU A 761 -0.49 0.92 -30.39
N SER A 762 -0.53 1.04 -31.72
CA SER A 762 0.02 0.00 -32.57
C SER A 762 1.54 0.10 -32.65
N GLY A 763 2.17 -0.98 -33.11
CA GLY A 763 3.61 -0.97 -33.26
C GLY A 763 4.09 0.11 -34.20
N GLY A 764 3.43 0.25 -35.35
CA GLY A 764 3.78 1.33 -36.25
C GLY A 764 3.57 2.69 -35.63
N GLN A 765 2.49 2.85 -34.86
CA GLN A 765 2.24 4.11 -34.18
C GLN A 765 3.39 4.44 -33.23
N LYS A 766 3.73 3.51 -32.34
CA LYS A 766 4.74 3.78 -31.33
C LYS A 766 6.02 4.33 -31.97
N GLN A 767 6.45 3.73 -33.08
CA GLN A 767 7.68 4.17 -33.73
C GLN A 767 7.58 5.62 -34.17
N ARG A 768 6.42 6.03 -34.70
CA ARG A 768 6.24 7.41 -35.10
C ARG A 768 6.33 8.35 -33.89
N ILE A 769 5.73 7.96 -32.77
CA ILE A 769 5.80 8.79 -31.57
C ILE A 769 7.24 8.89 -31.08
N SER A 770 7.95 7.77 -31.07
CA SER A 770 9.35 7.79 -30.66
C SER A 770 10.17 8.68 -31.58
N LEU A 771 9.93 8.60 -32.89
CA LEU A 771 10.58 9.51 -33.82
C LEU A 771 10.16 10.96 -33.55
N ALA A 772 8.86 11.18 -33.31
CA ALA A 772 8.39 12.53 -33.06
C ALA A 772 9.09 13.13 -31.84
N ARG A 773 9.36 12.31 -30.82
CA ARG A 773 10.06 12.79 -29.64
C ARG A 773 11.45 13.32 -30.01
N ALA A 774 12.20 12.55 -30.79
CA ALA A 774 13.54 12.98 -31.18
C ALA A 774 13.49 14.21 -32.08
N THR A 775 12.57 14.21 -33.04
CA THR A 775 12.49 15.32 -33.99
C THR A 775 12.17 16.63 -33.27
N TYR A 776 11.24 16.59 -32.32
CA TYR A 776 10.88 17.78 -31.58
C TYR A 776 12.06 18.33 -30.78
N GLN A 777 12.86 17.45 -30.18
CA GLN A 777 13.91 17.90 -29.26
C GLN A 777 14.97 18.72 -29.95
N ASN A 778 15.15 18.56 -31.27
CA ASN A 778 16.08 19.39 -32.03
C ASN A 778 17.51 19.27 -31.50
N LEU A 779 18.10 18.08 -31.62
CA LEU A 779 19.48 17.89 -31.19
C LEU A 779 20.42 17.91 -32.40
N ASP A 780 21.71 17.96 -32.11
CA ASP A 780 22.73 18.10 -33.16
C ASP A 780 22.93 16.81 -33.95
N ILE A 781 22.97 15.67 -33.29
CA ILE A 781 23.17 14.38 -33.94
C ILE A 781 21.92 13.54 -33.73
N TYR A 782 21.52 12.81 -34.76
CA TYR A 782 20.39 11.90 -34.68
C TYR A 782 20.87 10.48 -34.93
N LEU A 783 20.53 9.57 -34.03
CA LEU A 783 20.78 8.14 -34.20
C LEU A 783 19.44 7.45 -34.33
N LEU A 784 19.26 6.71 -35.42
CA LEU A 784 17.98 6.05 -35.72
C LEU A 784 18.26 4.56 -35.89
N ASP A 785 17.44 3.74 -35.25
CA ASP A 785 17.59 2.28 -35.32
C ASP A 785 16.34 1.70 -35.96
N ASP A 786 16.36 1.61 -37.29
CA ASP A 786 15.26 1.03 -38.06
C ASP A 786 13.92 1.67 -37.70
N PRO A 787 13.82 3.00 -37.79
CA PRO A 787 12.57 3.67 -37.39
C PRO A 787 11.41 3.44 -38.34
N LEU A 788 11.65 2.97 -39.56
CA LEU A 788 10.61 2.83 -40.57
C LEU A 788 10.15 1.39 -40.77
N SER A 789 10.61 0.46 -39.94
CA SER A 789 10.27 -0.94 -40.15
C SER A 789 8.80 -1.21 -39.85
N ALA A 790 8.25 -0.59 -38.81
CA ALA A 790 6.90 -0.88 -38.35
C ALA A 790 5.85 0.00 -39.00
N VAL A 791 6.23 0.87 -39.94
CA VAL A 791 5.30 1.77 -40.59
C VAL A 791 5.12 1.35 -42.03
N ASP A 792 4.01 1.79 -42.63
CA ASP A 792 3.72 1.43 -44.02
C ASP A 792 4.67 2.14 -44.96
N ALA A 793 4.79 1.57 -46.18
CA ALA A 793 5.71 2.14 -47.15
C ALA A 793 5.40 3.59 -47.45
N HIS A 794 4.13 3.90 -47.76
CA HIS A 794 3.76 5.27 -48.09
C HIS A 794 4.04 6.20 -46.91
N VAL A 795 3.71 5.76 -45.69
CA VAL A 795 4.02 6.55 -44.51
C VAL A 795 5.51 6.75 -44.39
N GLY A 796 6.29 5.68 -44.61
CA GLY A 796 7.73 5.81 -44.57
C GLY A 796 8.24 6.82 -45.57
N LYS A 797 7.69 6.82 -46.78
CA LYS A 797 8.07 7.83 -47.76
C LYS A 797 7.74 9.23 -47.26
N HIS A 798 6.54 9.40 -46.69
CA HIS A 798 6.16 10.70 -46.14
C HIS A 798 7.07 11.10 -44.99
N ILE A 799 7.35 10.16 -44.09
CA ILE A 799 8.24 10.45 -42.97
C ILE A 799 9.64 10.79 -43.48
N PHE A 800 10.14 10.00 -44.42
CA PHE A 800 11.49 10.24 -44.92
C PHE A 800 11.59 11.60 -45.62
N ASN A 801 10.58 11.93 -46.44
CA ASN A 801 10.64 13.17 -47.19
C ASN A 801 10.48 14.38 -46.27
N LYS A 802 9.59 14.28 -45.28
CA LYS A 802 9.28 15.42 -44.42
C LYS A 802 10.16 15.52 -43.19
N VAL A 803 10.84 14.45 -42.80
CA VAL A 803 11.62 14.45 -41.56
C VAL A 803 13.07 14.10 -41.86
N LEU A 804 13.31 12.91 -42.41
CA LEU A 804 14.66 12.39 -42.56
C LEU A 804 15.32 12.81 -43.87
N GLY A 805 14.54 13.14 -44.89
CA GLY A 805 15.09 13.40 -46.20
C GLY A 805 15.73 14.76 -46.29
N PRO A 806 16.35 15.03 -47.45
CA PRO A 806 17.02 16.33 -47.64
C PRO A 806 16.06 17.51 -47.50
N ASN A 807 14.78 17.32 -47.79
CA ASN A 807 13.79 18.37 -47.68
C ASN A 807 13.02 18.32 -46.36
N GLY A 808 13.45 17.46 -45.42
CA GLY A 808 12.73 17.31 -44.18
C GLY A 808 13.11 18.35 -43.14
N LEU A 809 12.52 18.21 -41.95
CA LEU A 809 12.79 19.14 -40.86
C LEU A 809 14.24 19.05 -40.40
N LEU A 810 14.81 17.85 -40.42
CA LEU A 810 16.15 17.61 -39.88
C LEU A 810 17.24 17.78 -40.94
N LYS A 811 17.01 18.61 -41.96
CA LYS A 811 17.99 18.77 -43.02
C LYS A 811 19.32 19.28 -42.50
N GLY A 812 19.28 20.24 -41.57
CA GLY A 812 20.49 20.85 -41.05
C GLY A 812 21.18 20.08 -39.94
N LYS A 813 20.66 18.92 -39.57
CA LYS A 813 21.22 18.12 -38.49
C LYS A 813 21.81 16.82 -39.03
N THR A 814 22.88 16.37 -38.38
CA THR A 814 23.48 15.09 -38.72
C THR A 814 22.48 13.97 -38.43
N ARG A 815 22.34 13.04 -39.37
CA ARG A 815 21.39 11.95 -39.27
C ARG A 815 22.08 10.64 -39.59
N LEU A 816 21.86 9.63 -38.75
CA LEU A 816 22.32 8.27 -38.99
C LEU A 816 21.09 7.38 -39.00
N LEU A 817 20.92 6.60 -40.07
CA LEU A 817 19.72 5.81 -40.29
C LEU A 817 20.10 4.35 -40.54
N VAL A 818 19.94 3.52 -39.52
CA VAL A 818 20.06 2.08 -39.69
C VAL A 818 18.73 1.54 -40.20
N THR A 819 18.75 1.00 -41.42
CA THR A 819 17.50 0.62 -42.08
C THR A 819 17.70 -0.68 -42.85
N HIS A 820 16.63 -1.47 -42.94
CA HIS A 820 16.59 -2.63 -43.81
C HIS A 820 15.92 -2.35 -45.14
N SER A 821 15.49 -1.11 -45.38
CA SER A 821 14.81 -0.77 -46.62
C SER A 821 15.80 -0.15 -47.60
N MET A 822 15.89 -0.73 -48.79
CA MET A 822 16.86 -0.27 -49.78
C MET A 822 16.32 0.85 -50.66
N HIS A 823 15.08 1.29 -50.44
CA HIS A 823 14.46 2.26 -51.34
C HIS A 823 15.00 3.66 -51.09
N PHE A 824 15.34 4.00 -49.85
CA PHE A 824 15.79 5.34 -49.51
C PHE A 824 17.28 5.56 -49.80
N LEU A 825 18.03 4.50 -50.06
CA LEU A 825 19.47 4.65 -50.24
C LEU A 825 19.86 5.68 -51.30
N PRO A 826 19.24 5.75 -52.47
CA PRO A 826 19.67 6.73 -53.48
C PRO A 826 19.62 8.16 -53.00
N GLN A 827 18.75 8.48 -52.03
CA GLN A 827 18.65 9.81 -51.47
C GLN A 827 19.57 10.02 -50.28
N VAL A 828 20.42 9.05 -49.96
CA VAL A 828 21.33 9.13 -48.81
C VAL A 828 22.66 9.70 -49.28
N ASP A 829 23.24 10.58 -48.46
CA ASP A 829 24.52 11.16 -48.81
C ASP A 829 25.63 10.11 -48.85
N GLU A 830 25.65 9.20 -47.88
CA GLU A 830 26.67 8.16 -47.82
C GLU A 830 26.06 6.89 -47.25
N ILE A 831 26.50 5.75 -47.77
CA ILE A 831 25.98 4.44 -47.37
C ILE A 831 27.15 3.61 -46.85
N VAL A 832 26.93 2.94 -45.71
CA VAL A 832 27.94 2.09 -45.09
C VAL A 832 27.40 0.67 -45.08
N VAL A 833 28.24 -0.28 -45.45
CA VAL A 833 27.87 -1.70 -45.49
C VAL A 833 28.63 -2.41 -44.37
N LEU A 834 27.90 -3.10 -43.50
CA LEU A 834 28.48 -3.81 -42.38
C LEU A 834 28.48 -5.31 -42.65
N GLY A 835 29.66 -5.93 -42.50
CA GLY A 835 29.76 -7.37 -42.67
C GLY A 835 30.57 -8.02 -41.57
N ASN A 836 29.93 -8.91 -40.82
CA ASN A 836 30.60 -9.65 -39.74
C ASN A 836 31.30 -8.70 -38.78
N GLY A 837 30.62 -7.60 -38.42
CA GLY A 837 31.15 -6.65 -37.47
C GLY A 837 32.21 -5.71 -38.02
N THR A 838 32.40 -5.67 -39.32
CA THR A 838 33.39 -4.81 -39.95
C THR A 838 32.78 -4.08 -41.13
N ILE A 839 33.31 -2.88 -41.41
CA ILE A 839 32.83 -2.07 -42.52
C ILE A 839 33.40 -2.65 -43.80
N VAL A 840 32.59 -3.42 -44.52
CA VAL A 840 33.04 -4.04 -45.76
C VAL A 840 33.23 -2.99 -46.85
N GLU A 841 32.31 -2.03 -46.94
CA GLU A 841 32.36 -1.03 -47.99
C GLU A 841 31.65 0.24 -47.53
N LYS A 842 32.13 1.38 -48.00
CA LYS A 842 31.54 2.67 -47.69
C LYS A 842 31.65 3.60 -48.89
N GLY A 843 30.57 4.29 -49.19
CA GLY A 843 30.56 5.23 -50.30
C GLY A 843 29.15 5.64 -50.66
N SER A 844 29.07 6.52 -51.65
CA SER A 844 27.78 7.00 -52.13
C SER A 844 27.10 5.92 -52.97
N TYR A 845 25.79 6.10 -53.16
CA TYR A 845 24.99 5.09 -53.85
C TYR A 845 25.56 4.78 -55.23
N SER A 846 25.85 5.82 -56.01
CA SER A 846 26.40 5.61 -57.34
C SER A 846 27.76 4.92 -57.27
N ALA A 847 28.62 5.34 -56.34
CA ALA A 847 29.94 4.75 -56.25
C ALA A 847 29.87 3.26 -55.92
N LEU A 848 29.00 2.88 -54.98
CA LEU A 848 28.89 1.47 -54.62
C LEU A 848 28.41 0.64 -55.80
N LEU A 849 27.45 1.16 -56.57
CA LEU A 849 26.95 0.41 -57.72
C LEU A 849 28.05 0.18 -58.74
N ALA A 850 28.89 1.19 -58.99
CA ALA A 850 29.99 1.03 -59.93
C ALA A 850 30.99 -0.02 -59.45
N LYS A 851 31.30 -0.04 -58.15
CA LYS A 851 32.28 -0.99 -57.63
C LYS A 851 31.84 -2.43 -57.81
N LYS A 852 30.54 -2.69 -57.97
CA LYS A 852 30.03 -4.06 -58.15
C LYS A 852 30.44 -4.96 -56.99
N GLY A 853 30.42 -4.40 -55.78
CA GLY A 853 30.81 -5.14 -54.59
C GLY A 853 29.64 -5.90 -53.99
N GLU A 854 29.78 -6.21 -52.69
CA GLU A 854 28.72 -6.93 -52.00
C GLU A 854 27.40 -6.17 -52.04
N PHE A 855 27.45 -4.85 -51.94
CA PHE A 855 26.23 -4.05 -52.01
C PHE A 855 25.51 -4.28 -53.33
N ALA A 856 26.25 -4.24 -54.44
CA ALA A 856 25.64 -4.52 -55.73
C ALA A 856 25.16 -5.96 -55.81
N LYS A 857 25.94 -6.91 -55.28
CA LYS A 857 25.52 -8.31 -55.30
C LYS A 857 24.22 -8.49 -54.51
N ASN A 858 24.14 -7.90 -53.32
CA ASN A 858 22.90 -7.97 -52.54
C ASN A 858 21.78 -7.22 -53.24
N LEU A 859 22.08 -6.06 -53.83
CA LEU A 859 21.05 -5.30 -54.54
C LEU A 859 20.48 -6.10 -55.69
N LYS A 860 21.34 -6.78 -56.45
CA LYS A 860 20.84 -7.62 -57.54
C LYS A 860 19.98 -8.75 -57.00
N THR A 861 20.39 -9.36 -55.89
CA THR A 861 19.58 -10.41 -55.28
C THR A 861 18.23 -9.85 -54.84
N PHE A 862 18.22 -8.67 -54.22
CA PHE A 862 16.96 -8.05 -53.84
C PHE A 862 16.11 -7.72 -55.07
N LEU A 863 16.74 -7.18 -56.10
CA LEU A 863 16.02 -6.83 -57.32
C LEU A 863 15.43 -8.06 -58.01
N ARG A 864 16.19 -9.16 -58.08
CA ARG A 864 15.69 -10.37 -58.72
C ARG A 864 14.43 -10.91 -58.06
N HIS A 865 14.28 -10.73 -56.74
CA HIS A 865 13.07 -11.12 -56.05
C HIS A 865 11.90 -10.17 -56.30
N THR A 866 12.17 -8.95 -56.72
CA THR A 866 11.13 -7.99 -57.06
C THR A 866 10.98 -7.94 -58.57
N GLY A 867 9.87 -8.48 -59.08
CA GLY A 867 9.63 -8.52 -60.51
C GLY A 867 9.62 -7.15 -61.15
N LYS A 963 -23.46 3.77 7.66
CA LYS A 963 -23.98 2.60 6.98
C LYS A 963 -23.96 1.40 7.90
N PHE A 964 -25.08 0.68 7.95
CA PHE A 964 -25.18 -0.53 8.76
C PHE A 964 -25.75 -1.72 7.98
N SER A 965 -26.24 -1.50 6.77
CA SER A 965 -26.69 -2.62 5.94
C SER A 965 -25.51 -3.52 5.57
N ILE A 966 -24.37 -2.91 5.24
CA ILE A 966 -23.19 -3.71 4.88
C ILE A 966 -22.74 -4.56 6.05
N TYR A 967 -22.72 -3.99 7.26
CA TYR A 967 -22.33 -4.75 8.43
C TYR A 967 -23.25 -5.93 8.68
N LEU A 968 -24.47 -5.91 8.13
CA LEU A 968 -25.38 -7.03 8.27
C LEU A 968 -25.19 -8.08 7.18
N GLU A 969 -24.88 -7.66 5.95
CA GLU A 969 -24.72 -8.61 4.87
C GLU A 969 -23.58 -9.59 5.14
N TYR A 970 -22.45 -9.08 5.64
CA TYR A 970 -21.39 -9.97 6.09
C TYR A 970 -21.83 -10.78 7.30
N LEU A 971 -22.47 -10.12 8.27
CA LEU A 971 -22.82 -10.78 9.52
C LEU A 971 -23.84 -11.88 9.28
N GLN A 972 -24.81 -11.63 8.40
CA GLN A 972 -25.76 -12.67 8.03
C GLN A 972 -25.08 -13.82 7.31
N ALA A 973 -24.11 -13.53 6.45
CA ALA A 973 -23.41 -14.58 5.71
C ALA A 973 -22.71 -15.55 6.65
N ILE A 974 -22.08 -15.05 7.72
CA ILE A 974 -21.49 -15.92 8.73
C ILE A 974 -22.50 -16.90 9.31
N GLY A 975 -23.78 -16.55 9.31
CA GLY A 975 -24.81 -17.38 9.91
C GLY A 975 -25.17 -16.85 11.28
N LEU A 976 -26.30 -16.16 11.39
CA LEU A 976 -26.66 -15.56 12.66
C LEU A 976 -26.78 -16.59 13.78
N PHE A 977 -27.05 -17.85 13.43
CA PHE A 977 -27.04 -18.90 14.44
C PHE A 977 -25.63 -19.10 15.00
N SER A 978 -24.63 -19.12 14.11
CA SER A 978 -23.24 -19.30 14.52
C SER A 978 -22.66 -18.05 15.15
N ILE A 979 -23.40 -16.94 15.13
CA ILE A 979 -22.94 -15.71 15.75
C ILE A 979 -23.40 -15.62 17.20
N PHE A 980 -24.46 -16.35 17.56
CA PHE A 980 -24.94 -16.36 18.93
C PHE A 980 -24.02 -17.18 19.83
N PHE A 981 -23.30 -18.14 19.26
CA PHE A 981 -22.45 -19.02 20.03
C PHE A 981 -20.98 -18.62 20.02
N ILE A 982 -20.61 -17.59 19.26
CA ILE A 982 -19.27 -17.04 19.32
C ILE A 982 -19.28 -15.64 19.92
N ILE A 983 -20.44 -15.17 20.34
CA ILE A 983 -20.54 -14.02 21.24
C ILE A 983 -20.99 -14.41 22.63
N LEU A 984 -21.76 -15.49 22.78
CA LEU A 984 -22.06 -16.03 24.09
C LEU A 984 -20.87 -16.72 24.73
N ALA A 985 -19.98 -17.30 23.92
CA ALA A 985 -18.77 -17.93 24.43
C ALA A 985 -17.64 -16.94 24.65
N PHE A 986 -17.78 -15.70 24.17
CA PHE A 986 -16.86 -14.63 24.53
C PHE A 986 -17.31 -13.93 25.80
N VAL A 987 -18.61 -13.60 25.89
CA VAL A 987 -19.13 -12.96 27.09
C VAL A 987 -19.05 -13.90 28.28
N MET A 988 -19.09 -15.21 28.04
CA MET A 988 -18.92 -16.16 29.13
C MET A 988 -17.45 -16.28 29.51
N ASN A 989 -16.56 -15.70 28.71
CA ASN A 989 -15.17 -15.59 29.12
C ASN A 989 -14.94 -14.34 29.97
N SER A 990 -15.66 -13.26 29.67
CA SER A 990 -15.63 -12.06 30.50
C SER A 990 -16.37 -12.26 31.82
N VAL A 991 -17.10 -13.37 31.96
CA VAL A 991 -17.72 -13.72 33.22
C VAL A 991 -16.88 -14.71 34.02
N ALA A 992 -16.00 -15.47 33.37
CA ALA A 992 -15.04 -16.29 34.09
C ALA A 992 -13.74 -15.54 34.36
N PHE A 993 -13.63 -14.31 33.86
CA PHE A 993 -12.50 -13.44 34.23
C PHE A 993 -12.85 -12.62 35.46
N ILE A 994 -14.02 -12.00 35.47
CA ILE A 994 -14.48 -11.31 36.67
C ILE A 994 -14.60 -12.27 37.84
N GLY A 995 -14.95 -13.53 37.57
CA GLY A 995 -15.04 -14.53 38.62
C GLY A 995 -13.68 -15.04 39.06
N SER A 996 -12.72 -15.07 38.13
CA SER A 996 -11.39 -15.57 38.46
C SER A 996 -10.61 -14.64 39.37
N ASN A 997 -10.70 -13.32 39.15
CA ASN A 997 -10.09 -12.35 40.04
C ASN A 997 -10.92 -12.05 41.27
N LEU A 998 -12.25 -11.98 41.11
CA LEU A 998 -13.13 -11.82 42.27
C LEU A 998 -12.98 -12.97 43.25
N TRP A 999 -12.54 -14.13 42.79
CA TRP A 999 -12.22 -15.25 43.67
C TRP A 999 -10.88 -15.08 44.35
N LEU A 1000 -9.92 -14.43 43.70
CA LEU A 1000 -8.62 -14.18 44.29
C LEU A 1000 -8.67 -13.15 45.41
N SER A 1001 -9.48 -12.11 45.28
CA SER A 1001 -9.69 -11.19 46.39
C SER A 1001 -10.33 -11.86 47.59
N ALA A 1002 -11.06 -12.95 47.37
CA ALA A 1002 -11.62 -13.75 48.45
C ALA A 1002 -10.64 -14.82 48.93
N TRP A 1003 -9.50 -14.95 48.27
CA TRP A 1003 -8.43 -15.85 48.69
C TRP A 1003 -7.35 -15.13 49.48
N THR A 1004 -6.93 -13.94 49.03
CA THR A 1004 -5.97 -13.16 49.78
C THR A 1004 -6.52 -12.70 51.12
N SER A 1005 -7.84 -12.68 51.28
CA SER A 1005 -8.43 -12.30 52.56
C SER A 1005 -8.06 -13.28 53.67
N ASP A 1006 -7.60 -14.48 53.30
CA ASP A 1006 -7.22 -15.46 54.32
C ASP A 1006 -6.08 -14.95 55.18
N SER A 1007 -5.14 -14.21 54.57
CA SER A 1007 -3.99 -13.71 55.33
C SER A 1007 -4.44 -12.87 56.52
N LYS A 1008 -5.56 -12.17 56.41
CA LYS A 1008 -6.08 -11.34 57.48
C LYS A 1008 -6.92 -12.11 58.48
N ILE A 1009 -7.12 -13.41 58.27
CA ILE A 1009 -7.89 -14.24 59.19
C ILE A 1009 -6.96 -15.29 59.79
N PHE A 1010 -6.39 -16.13 58.93
CA PHE A 1010 -5.48 -17.18 59.36
C PHE A 1010 -4.04 -16.67 59.28
N ASN A 1011 -3.07 -17.56 59.50
CA ASN A 1011 -1.66 -17.23 59.41
C ASN A 1011 -0.91 -18.50 59.03
N SER A 1012 0.41 -18.45 59.15
CA SER A 1012 1.23 -19.59 58.78
C SER A 1012 0.93 -20.82 59.62
N THR A 1013 0.30 -20.65 60.79
CA THR A 1013 0.03 -21.76 61.70
C THR A 1013 -1.37 -22.32 61.54
N ASP A 1014 -2.37 -21.44 61.39
CA ASP A 1014 -3.77 -21.83 61.39
C ASP A 1014 -4.37 -21.83 59.99
N TYR A 1015 -3.61 -22.26 58.99
CA TYR A 1015 -4.07 -22.32 57.60
C TYR A 1015 -4.07 -23.79 57.17
N PRO A 1016 -5.20 -24.49 57.27
CA PRO A 1016 -5.19 -25.93 56.99
C PRO A 1016 -5.16 -26.26 55.52
N ALA A 1017 -4.66 -27.46 55.22
CA ALA A 1017 -4.66 -27.93 53.84
C ALA A 1017 -6.07 -28.13 53.32
N SER A 1018 -7.02 -28.45 54.20
CA SER A 1018 -8.41 -28.58 53.77
C SER A 1018 -8.93 -27.27 53.22
N GLN A 1019 -8.44 -26.14 53.72
CA GLN A 1019 -8.82 -24.84 53.21
C GLN A 1019 -7.85 -24.31 52.16
N ARG A 1020 -6.61 -24.78 52.17
CA ARG A 1020 -5.60 -24.36 51.21
C ARG A 1020 -5.71 -25.09 49.87
N ASP A 1021 -6.58 -26.09 49.78
CA ASP A 1021 -6.80 -26.82 48.54
C ASP A 1021 -8.05 -26.41 47.80
N MET A 1022 -9.10 -25.97 48.48
CA MET A 1022 -10.26 -25.42 47.80
C MET A 1022 -9.96 -24.09 47.14
N ARG A 1023 -8.85 -23.43 47.51
CA ARG A 1023 -8.44 -22.20 46.85
C ARG A 1023 -7.64 -22.50 45.60
N VAL A 1024 -6.54 -23.25 45.75
CA VAL A 1024 -5.71 -23.63 44.60
C VAL A 1024 -6.46 -24.50 43.61
N GLY A 1025 -7.52 -25.18 44.04
CA GLY A 1025 -8.29 -26.03 43.16
C GLY A 1025 -9.32 -25.25 42.37
N VAL A 1026 -10.18 -24.50 43.07
CA VAL A 1026 -11.20 -23.72 42.40
C VAL A 1026 -10.60 -22.63 41.52
N TYR A 1027 -9.38 -22.19 41.79
CA TYR A 1027 -8.70 -21.27 40.90
C TYR A 1027 -8.16 -21.98 39.66
N GLY A 1028 -7.75 -23.23 39.80
CA GLY A 1028 -7.38 -24.04 38.66
C GLY A 1028 -8.55 -24.50 37.83
N ALA A 1029 -9.77 -24.36 38.33
CA ALA A 1029 -10.97 -24.60 37.55
C ALA A 1029 -11.50 -23.35 36.88
N LEU A 1030 -11.25 -22.16 37.44
CA LEU A 1030 -11.53 -20.91 36.77
C LEU A 1030 -10.37 -20.48 35.88
N GLY A 1031 -9.29 -21.24 35.85
CA GLY A 1031 -8.19 -20.98 34.96
C GLY A 1031 -8.28 -21.80 33.69
N LEU A 1032 -9.17 -22.80 33.68
CA LEU A 1032 -9.48 -23.55 32.47
C LEU A 1032 -10.92 -23.31 32.03
N ALA A 1033 -11.75 -22.68 32.85
CA ALA A 1033 -13.05 -22.22 32.41
C ALA A 1033 -12.94 -21.05 31.45
N GLN A 1034 -11.79 -20.38 31.39
CA GLN A 1034 -11.50 -19.43 30.34
C GLN A 1034 -10.77 -20.07 29.16
N GLY A 1035 -10.14 -21.23 29.36
CA GLY A 1035 -9.49 -21.93 28.28
C GLY A 1035 -10.38 -22.87 27.50
N ILE A 1036 -11.67 -22.91 27.82
CA ILE A 1036 -12.62 -23.71 27.05
C ILE A 1036 -13.76 -22.79 26.60
N PHE A 1037 -13.61 -21.49 26.82
CA PHE A 1037 -14.50 -20.51 26.23
C PHE A 1037 -13.75 -19.55 25.32
N VAL A 1038 -12.44 -19.39 25.51
CA VAL A 1038 -11.62 -18.64 24.57
C VAL A 1038 -11.16 -19.53 23.43
N PHE A 1039 -11.27 -20.85 23.59
CA PHE A 1039 -10.96 -21.79 22.53
C PHE A 1039 -12.20 -22.25 21.78
N ILE A 1040 -13.34 -22.33 22.45
CA ILE A 1040 -14.59 -22.65 21.76
C ILE A 1040 -15.15 -21.44 21.03
N ALA A 1041 -14.67 -20.24 21.36
CA ALA A 1041 -15.11 -19.03 20.69
C ALA A 1041 -14.15 -18.56 19.62
N HIS A 1042 -12.94 -19.12 19.57
CA HIS A 1042 -11.96 -18.76 18.56
C HIS A 1042 -11.89 -19.76 17.41
N PHE A 1043 -12.23 -21.03 17.66
CA PHE A 1043 -12.35 -21.98 16.56
C PHE A 1043 -13.67 -21.81 15.83
N TRP A 1044 -14.77 -21.74 16.57
CA TRP A 1044 -16.08 -21.58 15.97
C TRP A 1044 -16.14 -20.27 15.20
N SER A 1045 -15.30 -19.30 15.58
CA SER A 1045 -15.20 -18.08 14.80
C SER A 1045 -14.52 -18.33 13.47
N ALA A 1046 -13.47 -19.15 13.46
CA ALA A 1046 -12.76 -19.45 12.22
C ALA A 1046 -13.69 -20.13 11.22
N PHE A 1047 -14.46 -21.11 11.68
CA PHE A 1047 -15.41 -21.76 10.79
C PHE A 1047 -16.48 -20.80 10.29
N GLY A 1048 -16.71 -19.71 11.00
CA GLY A 1048 -17.74 -18.77 10.60
C GLY A 1048 -17.24 -17.66 9.70
N PHE A 1049 -15.92 -17.49 9.63
CA PHE A 1049 -15.32 -16.46 8.80
C PHE A 1049 -14.79 -17.00 7.48
N VAL A 1050 -14.52 -18.29 7.39
CA VAL A 1050 -14.20 -18.92 6.11
C VAL A 1050 -15.43 -19.60 5.52
N HIS A 1051 -16.58 -19.45 6.15
CA HIS A 1051 -17.86 -19.83 5.55
C HIS A 1051 -18.62 -18.64 5.01
N ALA A 1052 -18.48 -17.46 5.61
CA ALA A 1052 -19.02 -16.24 5.05
C ALA A 1052 -18.29 -15.82 3.78
N SER A 1053 -16.98 -16.07 3.70
CA SER A 1053 -16.25 -15.86 2.46
C SER A 1053 -16.65 -16.87 1.39
N ASN A 1054 -16.90 -18.11 1.79
CA ASN A 1054 -17.34 -19.12 0.84
C ASN A 1054 -18.70 -18.80 0.24
N ILE A 1055 -19.55 -18.07 0.96
CA ILE A 1055 -20.90 -17.76 0.51
C ILE A 1055 -21.01 -16.31 0.04
N LEU A 1056 -19.89 -15.61 -0.08
CA LEU A 1056 -19.84 -14.30 -0.70
C LEU A 1056 -19.25 -14.37 -2.10
N HIS A 1057 -18.11 -15.06 -2.25
CA HIS A 1057 -17.59 -15.33 -3.59
C HIS A 1057 -18.56 -16.18 -4.39
N LYS A 1058 -19.18 -17.16 -3.74
CA LYS A 1058 -20.06 -18.09 -4.45
C LYS A 1058 -21.24 -17.35 -5.08
N GLN A 1059 -21.83 -16.40 -4.36
CA GLN A 1059 -22.95 -15.65 -4.92
C GLN A 1059 -22.47 -14.68 -5.98
N LEU A 1060 -21.38 -13.97 -5.72
CA LEU A 1060 -20.86 -13.01 -6.68
C LEU A 1060 -20.58 -13.69 -8.02
N LEU A 1061 -19.83 -14.78 -7.99
CA LEU A 1061 -19.47 -15.47 -9.22
C LEU A 1061 -20.71 -16.02 -9.93
N ASN A 1062 -21.75 -16.37 -9.16
CA ASN A 1062 -22.97 -16.91 -9.73
C ASN A 1062 -23.98 -15.84 -10.09
N ASN A 1063 -23.59 -14.58 -10.08
CA ASN A 1063 -24.48 -13.49 -10.49
C ASN A 1063 -23.94 -12.69 -11.67
N ILE A 1064 -22.64 -12.35 -11.66
CA ILE A 1064 -22.08 -11.66 -12.80
C ILE A 1064 -22.09 -12.55 -14.03
N LEU A 1065 -21.90 -13.85 -13.84
CA LEU A 1065 -22.00 -14.81 -14.94
C LEU A 1065 -23.42 -14.93 -15.47
N ARG A 1066 -24.39 -14.27 -14.85
CA ARG A 1066 -25.77 -14.23 -15.32
C ARG A 1066 -26.20 -12.79 -15.55
N ALA A 1067 -25.26 -11.92 -15.92
CA ALA A 1067 -25.56 -10.51 -16.09
C ALA A 1067 -25.78 -10.19 -17.57
N PRO A 1068 -26.70 -9.29 -17.91
CA PRO A 1068 -26.87 -8.94 -19.32
C PRO A 1068 -25.62 -8.33 -19.91
N MET A 1069 -25.43 -8.55 -21.20
CA MET A 1069 -24.19 -8.14 -21.86
C MET A 1069 -23.93 -6.65 -21.68
N ARG A 1070 -24.98 -5.84 -21.57
CA ARG A 1070 -24.80 -4.40 -21.37
C ARG A 1070 -23.93 -4.13 -20.14
N PHE A 1071 -24.10 -4.93 -19.09
CA PHE A 1071 -23.37 -4.70 -17.85
C PHE A 1071 -21.87 -4.85 -18.06
N PHE A 1072 -21.45 -5.88 -18.80
CA PHE A 1072 -20.02 -6.11 -18.98
C PHE A 1072 -19.37 -5.01 -19.79
N ASP A 1073 -20.00 -4.59 -20.89
CA ASP A 1073 -19.40 -3.58 -21.75
C ASP A 1073 -19.24 -2.25 -21.01
N THR A 1074 -20.28 -1.84 -20.28
CA THR A 1074 -20.23 -0.55 -19.59
C THR A 1074 -19.07 -0.50 -18.61
N THR A 1075 -19.09 -1.38 -17.61
CA THR A 1075 -18.03 -1.38 -16.62
C THR A 1075 -16.73 -1.90 -17.23
N PRO A 1076 -15.59 -1.27 -16.96
CA PRO A 1076 -14.32 -1.79 -17.46
C PRO A 1076 -13.94 -3.08 -16.76
N THR A 1077 -13.12 -3.88 -17.44
CA THR A 1077 -12.65 -5.13 -16.85
C THR A 1077 -11.81 -4.90 -15.60
N GLY A 1078 -11.32 -3.69 -15.38
CA GLY A 1078 -10.55 -3.42 -14.18
C GLY A 1078 -11.36 -3.61 -12.91
N ARG A 1079 -12.61 -3.15 -12.93
CA ARG A 1079 -13.47 -3.31 -11.76
C ARG A 1079 -13.76 -4.78 -11.48
N ILE A 1080 -14.37 -5.46 -12.47
CA ILE A 1080 -14.89 -6.80 -12.23
C ILE A 1080 -13.78 -7.75 -11.83
N VAL A 1081 -12.54 -7.50 -12.25
CA VAL A 1081 -11.41 -8.33 -11.88
C VAL A 1081 -10.80 -7.91 -10.55
N ASN A 1082 -11.26 -6.80 -9.97
CA ASN A 1082 -10.82 -6.40 -8.65
C ASN A 1082 -11.69 -6.97 -7.54
N ARG A 1083 -12.96 -7.24 -7.82
CA ARG A 1083 -13.84 -7.87 -6.83
C ARG A 1083 -13.48 -9.33 -6.60
N PHE A 1084 -12.47 -9.86 -7.29
CA PHE A 1084 -11.89 -11.15 -6.97
C PHE A 1084 -10.42 -11.05 -6.55
N ALA A 1085 -9.77 -9.93 -6.82
CA ALA A 1085 -8.34 -9.78 -6.55
C ALA A 1085 -8.07 -9.12 -5.21
N GLY A 1086 -8.57 -7.90 -5.02
CA GLY A 1086 -8.24 -7.12 -3.85
C GLY A 1086 -9.36 -7.03 -2.82
N ASP A 1087 -10.53 -7.58 -3.16
CA ASP A 1087 -11.68 -7.50 -2.27
C ASP A 1087 -11.93 -8.83 -1.55
N ILE A 1088 -12.02 -9.91 -2.32
CA ILE A 1088 -12.21 -11.24 -1.74
C ILE A 1088 -10.91 -11.68 -1.07
N SER A 1089 -9.84 -10.92 -1.29
CA SER A 1089 -8.58 -11.16 -0.59
C SER A 1089 -8.54 -10.52 0.78
N THR A 1090 -9.50 -9.65 1.10
CA THR A 1090 -9.65 -9.10 2.44
C THR A 1090 -10.72 -9.79 3.26
N VAL A 1091 -11.91 -10.00 2.68
CA VAL A 1091 -12.95 -10.78 3.35
C VAL A 1091 -12.44 -12.15 3.80
N ASP A 1092 -11.36 -12.63 3.21
CA ASP A 1092 -10.77 -13.92 3.55
C ASP A 1092 -9.71 -13.85 4.63
N ASP A 1093 -8.75 -12.92 4.51
CA ASP A 1093 -7.56 -12.92 5.36
C ASP A 1093 -7.53 -11.81 6.39
N THR A 1094 -7.86 -10.57 6.01
CA THR A 1094 -7.64 -9.43 6.88
C THR A 1094 -8.86 -9.00 7.69
N LEU A 1095 -10.07 -9.24 7.18
CA LEU A 1095 -11.27 -8.82 7.91
C LEU A 1095 -11.57 -9.80 9.04
N PRO A 1096 -11.45 -11.11 8.82
CA PRO A 1096 -11.69 -12.05 9.93
C PRO A 1096 -10.85 -11.77 11.16
N GLN A 1097 -9.58 -11.41 10.97
CA GLN A 1097 -8.69 -11.17 12.11
C GLN A 1097 -8.99 -9.85 12.80
N SER A 1098 -9.71 -8.94 12.15
CA SER A 1098 -10.01 -7.65 12.74
C SER A 1098 -11.32 -7.62 13.53
N LEU A 1099 -12.34 -8.37 13.11
CA LEU A 1099 -13.55 -8.48 13.90
C LEU A 1099 -13.36 -9.30 15.15
N ARG A 1100 -12.38 -10.20 15.16
CA ARG A 1100 -12.09 -11.02 16.33
C ARG A 1100 -11.36 -10.25 17.42
N SER A 1101 -10.52 -9.29 17.05
CA SER A 1101 -9.79 -8.46 18.01
C SER A 1101 -10.62 -7.30 18.52
N TRP A 1102 -11.81 -7.07 17.97
CA TRP A 1102 -12.73 -6.06 18.47
C TRP A 1102 -13.68 -6.61 19.52
N ILE A 1103 -14.18 -7.82 19.35
CA ILE A 1103 -15.04 -8.42 20.37
C ILE A 1103 -14.22 -8.76 21.60
N THR A 1104 -13.00 -9.25 21.44
CA THR A 1104 -12.14 -9.57 22.56
C THR A 1104 -11.58 -8.33 23.25
N CYS A 1105 -11.53 -7.19 22.57
CA CYS A 1105 -11.16 -5.92 23.18
C CYS A 1105 -12.33 -5.23 23.85
N PHE A 1106 -13.48 -5.15 23.17
CA PHE A 1106 -14.62 -4.47 23.76
C PHE A 1106 -15.08 -5.14 25.05
N LEU A 1107 -15.00 -6.47 25.11
CA LEU A 1107 -15.35 -7.16 26.33
C LEU A 1107 -14.21 -7.12 27.35
N GLY A 1108 -13.00 -6.79 26.90
CA GLY A 1108 -11.91 -6.55 27.83
C GLY A 1108 -11.98 -5.23 28.55
N ILE A 1109 -12.86 -4.33 28.11
CA ILE A 1109 -13.07 -3.05 28.78
C ILE A 1109 -14.40 -2.98 29.51
N ILE A 1110 -15.43 -3.69 29.04
CA ILE A 1110 -16.68 -3.76 29.78
C ILE A 1110 -16.54 -4.65 31.00
N SER A 1111 -15.61 -5.61 30.97
CA SER A 1111 -15.34 -6.40 32.16
C SER A 1111 -14.54 -5.60 33.18
N THR A 1112 -13.56 -4.83 32.72
CA THR A 1112 -12.75 -4.01 33.61
C THR A 1112 -13.53 -2.82 34.17
N LEU A 1113 -14.66 -2.47 33.57
CA LEU A 1113 -15.56 -1.47 34.13
C LEU A 1113 -16.64 -2.10 35.00
N VAL A 1114 -16.65 -3.42 35.13
CA VAL A 1114 -17.60 -4.12 35.98
C VAL A 1114 -16.90 -4.48 37.29
N MET A 1115 -15.57 -4.58 37.24
CA MET A 1115 -14.79 -4.74 38.44
C MET A 1115 -14.55 -3.41 39.15
N ILE A 1116 -14.20 -2.37 38.39
CA ILE A 1116 -14.00 -1.05 38.99
C ILE A 1116 -15.29 -0.53 39.61
N CYS A 1117 -16.44 -0.98 39.11
CA CYS A 1117 -17.71 -0.41 39.54
C CYS A 1117 -18.32 -1.19 40.70
N MET A 1118 -18.18 -2.52 40.69
CA MET A 1118 -18.77 -3.31 41.76
C MET A 1118 -18.10 -3.04 43.10
N ALA A 1119 -16.87 -2.53 43.09
CA ALA A 1119 -16.21 -2.17 44.35
C ALA A 1119 -16.73 -0.83 44.86
N THR A 1120 -16.69 0.20 44.02
CA THR A 1120 -17.16 1.54 44.36
C THR A 1120 -18.22 1.95 43.35
N PRO A 1121 -19.50 1.69 43.63
CA PRO A 1121 -20.54 2.04 42.66
C PRO A 1121 -20.58 3.51 42.31
N VAL A 1122 -20.07 4.39 43.17
CA VAL A 1122 -20.05 5.81 42.86
C VAL A 1122 -19.18 6.10 41.64
N PHE A 1123 -18.30 5.17 41.27
CA PHE A 1123 -17.48 5.38 40.08
C PHE A 1123 -18.30 5.38 38.80
N THR A 1124 -19.51 4.85 38.83
CA THR A 1124 -20.32 4.79 37.62
C THR A 1124 -20.61 6.18 37.06
N ILE A 1125 -20.75 7.18 37.93
CA ILE A 1125 -21.05 8.54 37.48
C ILE A 1125 -19.84 9.21 36.86
N ILE A 1126 -18.65 8.64 37.01
CA ILE A 1126 -17.44 9.18 36.41
C ILE A 1126 -17.24 8.65 34.99
N VAL A 1127 -17.73 7.44 34.72
CA VAL A 1127 -17.57 6.85 33.39
C VAL A 1127 -18.26 7.72 32.35
N ILE A 1128 -19.41 8.29 32.68
CA ILE A 1128 -20.15 9.10 31.71
C ILE A 1128 -19.30 10.27 31.21
N PRO A 1129 -18.67 11.07 32.07
CA PRO A 1129 -17.73 12.08 31.55
C PRO A 1129 -16.62 11.49 30.70
N LEU A 1130 -16.09 10.31 31.07
CA LEU A 1130 -15.02 9.68 30.30
C LEU A 1130 -15.54 9.05 29.02
N GLY A 1131 -16.73 8.46 29.06
CA GLY A 1131 -17.28 7.87 27.84
C GLY A 1131 -17.44 8.88 26.73
N ILE A 1132 -17.92 10.08 27.07
CA ILE A 1132 -18.04 11.13 26.05
C ILE A 1132 -16.67 11.51 25.51
N ILE A 1133 -15.65 11.59 26.37
CA ILE A 1133 -14.31 11.89 25.91
C ILE A 1133 -13.81 10.79 24.98
N TYR A 1134 -14.00 9.52 25.35
CA TYR A 1134 -13.58 8.40 24.52
C TYR A 1134 -14.38 8.27 23.24
N VAL A 1135 -15.71 8.42 23.30
CA VAL A 1135 -16.53 8.39 22.10
C VAL A 1135 -16.25 9.56 21.16
N SER A 1136 -15.95 10.74 21.70
CA SER A 1136 -15.59 11.87 20.86
C SER A 1136 -14.26 11.67 20.16
N VAL A 1137 -13.32 10.99 20.81
CA VAL A 1137 -12.08 10.61 20.15
C VAL A 1137 -12.29 9.49 19.15
N GLN A 1138 -13.32 8.66 19.34
CA GLN A 1138 -13.64 7.65 18.35
C GLN A 1138 -14.00 8.28 17.01
N MET A 1139 -14.87 9.29 17.03
CA MET A 1139 -15.33 9.90 15.79
C MET A 1139 -14.19 10.60 15.07
N PHE A 1140 -13.37 11.35 15.80
CA PHE A 1140 -12.39 12.21 15.16
C PHE A 1140 -11.22 11.43 14.59
N TYR A 1141 -10.73 10.42 15.32
CA TYR A 1141 -9.59 9.66 14.81
C TYR A 1141 -9.99 8.76 13.65
N VAL A 1142 -11.12 8.06 13.77
CA VAL A 1142 -11.54 7.14 12.72
C VAL A 1142 -11.78 7.89 11.42
N SER A 1143 -12.44 9.05 11.50
CA SER A 1143 -12.75 9.82 10.30
C SER A 1143 -11.50 10.25 9.56
N THR A 1144 -10.44 10.58 10.31
CA THR A 1144 -9.24 11.13 9.70
C THR A 1144 -8.14 10.09 9.50
N SER A 1145 -8.15 9.00 10.27
CA SER A 1145 -7.12 7.99 10.09
C SER A 1145 -7.38 7.17 8.84
N ARG A 1146 -8.65 7.00 8.46
CA ARG A 1146 -8.97 6.28 7.24
C ARG A 1146 -8.54 7.07 6.01
N GLN A 1147 -8.85 8.37 5.99
CA GLN A 1147 -8.53 9.20 4.83
C GLN A 1147 -7.04 9.37 4.61
N LEU A 1148 -6.21 9.03 5.61
CA LEU A 1148 -4.77 9.25 5.49
C LEU A 1148 -4.00 7.99 5.14
N ARG A 1149 -4.55 6.80 5.41
CA ARG A 1149 -3.91 5.56 4.98
C ARG A 1149 -4.54 5.00 3.71
N ARG A 1150 -5.52 5.70 3.14
CA ARG A 1150 -5.96 5.48 1.77
C ARG A 1150 -5.40 6.53 0.82
N LEU A 1151 -4.86 7.62 1.36
CA LEU A 1151 -4.01 8.54 0.61
C LEU A 1151 -2.56 8.11 0.62
N ASP A 1152 -2.24 7.02 1.33
CA ASP A 1152 -0.90 6.46 1.32
C ASP A 1152 -0.70 5.46 0.20
N SER A 1153 -1.62 4.51 0.05
CA SER A 1153 -1.57 3.58 -1.08
C SER A 1153 -1.83 4.28 -2.41
N VAL A 1154 -2.68 5.31 -2.41
CA VAL A 1154 -2.98 6.02 -3.65
C VAL A 1154 -1.71 6.60 -4.27
N THR A 1155 -0.76 7.02 -3.47
CA THR A 1155 0.49 7.57 -3.95
C THR A 1155 1.68 6.80 -3.39
N ARG A 1156 1.52 5.49 -3.22
CA ARG A 1156 2.63 4.60 -2.92
C ARG A 1156 3.16 3.89 -4.15
N SER A 1157 2.30 3.63 -5.13
CA SER A 1157 2.67 2.94 -6.35
C SER A 1157 3.40 3.86 -7.33
N PRO A 1158 2.94 5.11 -7.53
CA PRO A 1158 3.64 6.01 -8.45
C PRO A 1158 5.15 6.02 -8.25
N ILE A 1159 5.61 5.77 -7.03
CA ILE A 1159 7.05 5.63 -6.82
C ILE A 1159 7.59 4.43 -7.58
N TYR A 1160 6.86 3.32 -7.56
CA TYR A 1160 7.28 2.09 -8.21
C TYR A 1160 6.92 2.10 -9.70
N SER A 1161 5.69 2.44 -10.03
CA SER A 1161 5.28 2.54 -11.43
C SER A 1161 6.25 3.42 -12.21
N HIS A 1162 6.63 4.55 -11.61
CA HIS A 1162 7.62 5.42 -12.25
C HIS A 1162 8.97 4.72 -12.37
N PHE A 1163 9.37 3.97 -11.33
CA PHE A 1163 10.67 3.31 -11.35
C PHE A 1163 10.77 2.27 -12.45
N SER A 1164 9.66 1.62 -12.80
CA SER A 1164 9.69 0.67 -13.92
C SER A 1164 10.01 1.38 -15.22
N GLU A 1165 9.43 2.56 -15.45
CA GLU A 1165 9.67 3.28 -16.68
C GLU A 1165 11.14 3.63 -16.86
N THR A 1166 11.75 4.24 -15.83
CA THR A 1166 13.11 4.71 -15.94
C THR A 1166 14.15 3.60 -16.01
N VAL A 1167 13.78 2.38 -15.63
CA VAL A 1167 14.73 1.27 -15.66
C VAL A 1167 14.56 0.42 -16.91
N SER A 1168 13.32 0.27 -17.39
CA SER A 1168 13.11 -0.44 -18.64
C SER A 1168 13.53 0.40 -19.83
N GLY A 1169 13.19 1.69 -19.82
CA GLY A 1169 13.56 2.57 -20.90
C GLY A 1169 14.80 3.39 -20.56
N LEU A 1170 15.70 2.79 -19.79
CA LEU A 1170 16.90 3.51 -19.37
C LEU A 1170 17.80 3.94 -20.52
N PRO A 1171 18.13 3.10 -21.51
CA PRO A 1171 19.10 3.54 -22.52
C PRO A 1171 18.67 4.76 -23.29
N VAL A 1172 17.35 4.95 -23.47
CA VAL A 1172 16.87 6.16 -24.14
C VAL A 1172 17.21 7.39 -23.32
N ILE A 1173 17.01 7.32 -22.00
CA ILE A 1173 17.18 8.50 -21.15
C ILE A 1173 18.62 8.99 -21.20
N ARG A 1174 19.59 8.08 -21.09
CA ARG A 1174 20.98 8.48 -21.10
C ARG A 1174 21.43 9.01 -22.45
N ALA A 1175 20.67 8.76 -23.52
CA ALA A 1175 21.06 9.23 -24.84
C ALA A 1175 20.84 10.74 -24.98
N PHE A 1176 19.71 11.25 -24.48
CA PHE A 1176 19.41 12.67 -24.56
C PHE A 1176 20.08 13.48 -23.46
N GLU A 1177 20.80 12.83 -22.54
CA GLU A 1177 21.38 13.44 -21.36
C GLU A 1177 20.31 13.89 -20.37
N HIS A 1178 19.06 13.47 -20.56
CA HIS A 1178 17.98 13.84 -19.66
C HIS A 1178 17.90 12.87 -18.49
N GLN A 1179 19.04 12.66 -17.82
CA GLN A 1179 19.09 11.82 -16.62
C GLN A 1179 19.16 12.66 -15.35
N GLN A 1180 18.94 13.96 -15.45
CA GLN A 1180 18.90 14.83 -14.29
C GLN A 1180 17.52 15.41 -14.02
N ARG A 1181 16.61 15.37 -14.99
CA ARG A 1181 15.21 15.73 -14.76
C ARG A 1181 14.39 14.54 -14.27
N PHE A 1182 15.02 13.36 -14.15
CA PHE A 1182 14.36 12.18 -13.60
C PHE A 1182 14.68 12.00 -12.13
N LEU A 1183 15.90 12.29 -11.70
CA LEU A 1183 16.18 12.35 -10.27
C LEU A 1183 15.23 13.32 -9.58
N LYS A 1184 15.10 14.53 -10.12
CA LYS A 1184 14.15 15.49 -9.57
C LYS A 1184 12.71 15.03 -9.73
N HIS A 1185 12.45 14.06 -10.60
CA HIS A 1185 11.12 13.49 -10.75
C HIS A 1185 10.92 12.23 -9.91
N ASN A 1186 11.97 11.75 -9.23
CA ASN A 1186 11.83 10.69 -8.24
C ASN A 1186 12.17 11.18 -6.84
N GLU A 1187 12.63 12.42 -6.71
CA GLU A 1187 12.69 13.10 -5.43
C GLU A 1187 11.44 13.91 -5.16
N VAL A 1188 10.48 13.88 -6.09
CA VAL A 1188 9.19 14.53 -5.90
C VAL A 1188 8.05 13.52 -5.80
N ARG A 1189 8.25 12.28 -6.23
CA ARG A 1189 7.29 11.22 -6.01
C ARG A 1189 7.50 10.50 -4.68
N ILE A 1190 8.61 10.76 -4.01
CA ILE A 1190 8.82 10.27 -2.65
C ILE A 1190 8.42 11.33 -1.63
N ASP A 1191 8.78 12.59 -1.87
CA ASP A 1191 8.34 13.66 -0.99
C ASP A 1191 6.82 13.78 -0.95
N THR A 1192 6.13 13.27 -1.96
CA THR A 1192 4.67 13.30 -1.94
C THR A 1192 4.10 12.09 -1.21
N ASN A 1193 4.97 11.16 -0.83
CA ASN A 1193 4.55 10.04 0.01
C ASN A 1193 4.84 10.32 1.48
N GLN A 1194 6.05 10.82 1.76
CA GLN A 1194 6.42 11.17 3.12
C GLN A 1194 5.36 12.07 3.75
N LYS A 1195 4.88 13.05 2.98
CA LYS A 1195 3.85 13.94 3.49
C LYS A 1195 2.58 13.20 3.86
N CYS A 1196 2.34 12.01 3.31
CA CYS A 1196 1.16 11.23 3.61
C CYS A 1196 1.43 10.08 4.57
N VAL A 1197 2.67 9.58 4.62
CA VAL A 1197 3.02 8.57 5.60
C VAL A 1197 3.31 9.20 6.96
N PHE A 1198 4.05 10.30 6.98
CA PHE A 1198 4.36 10.99 8.22
C PHE A 1198 3.16 11.73 8.80
N SER A 1199 2.15 12.04 7.99
CA SER A 1199 0.93 12.64 8.51
C SER A 1199 -0.02 11.60 9.08
N TRP A 1200 0.29 10.31 8.91
CA TRP A 1200 -0.43 9.23 9.56
C TRP A 1200 0.30 8.71 10.79
N ILE A 1201 1.63 8.78 10.79
CA ILE A 1201 2.40 8.36 11.95
C ILE A 1201 2.09 9.22 13.15
N THR A 1202 1.84 10.52 12.94
CA THR A 1202 1.50 11.43 14.03
C THR A 1202 0.00 11.58 14.21
N SER A 1203 -0.79 10.70 13.61
CA SER A 1203 -2.21 10.62 13.90
C SER A 1203 -2.55 9.52 14.88
N ASN A 1204 -1.63 8.57 15.09
CA ASN A 1204 -1.72 7.63 16.20
C ASN A 1204 -1.00 8.14 17.44
N ARG A 1205 -0.39 9.32 17.37
CA ARG A 1205 0.23 9.97 18.51
C ARG A 1205 -0.71 10.94 19.21
N TRP A 1206 -1.48 11.72 18.45
CA TRP A 1206 -2.48 12.58 19.07
C TRP A 1206 -3.55 11.74 19.74
N LEU A 1207 -3.70 10.48 19.33
CA LEU A 1207 -4.65 9.53 19.89
C LEU A 1207 -4.08 8.84 21.12
N ALA A 1208 -2.89 8.26 20.99
CA ALA A 1208 -2.30 7.53 22.11
C ALA A 1208 -2.07 8.41 23.32
N ILE A 1209 -2.04 9.73 23.14
CA ILE A 1209 -1.90 10.64 24.26
C ILE A 1209 -3.24 11.04 24.84
N ARG A 1210 -4.33 10.84 24.11
CA ARG A 1210 -5.66 11.14 24.64
C ARG A 1210 -6.41 9.89 25.07
N LEU A 1211 -5.91 8.71 24.74
CA LEU A 1211 -6.45 7.47 25.26
C LEU A 1211 -5.59 6.90 26.39
N GLU A 1212 -4.33 7.31 26.47
CA GLU A 1212 -3.54 7.11 27.68
C GLU A 1212 -3.71 8.24 28.67
N LEU A 1213 -4.60 9.19 28.38
CA LEU A 1213 -5.07 10.16 29.34
C LEU A 1213 -6.51 9.92 29.76
N VAL A 1214 -7.12 8.84 29.28
CA VAL A 1214 -8.46 8.44 29.73
C VAL A 1214 -8.38 7.16 30.52
N GLY A 1215 -7.53 6.23 30.10
CA GLY A 1215 -7.27 5.03 30.87
C GLY A 1215 -6.29 5.31 31.99
N ASN A 1216 -5.60 6.44 31.91
CA ASN A 1216 -4.74 6.90 32.99
C ASN A 1216 -5.48 7.83 33.93
N LEU A 1217 -6.53 8.50 33.46
CA LEU A 1217 -7.42 9.26 34.31
C LEU A 1217 -8.43 8.37 35.02
N THR A 1218 -8.53 7.10 34.63
CA THR A 1218 -9.37 6.13 35.31
C THR A 1218 -8.64 5.37 36.40
N VAL A 1219 -7.36 5.07 36.23
CA VAL A 1219 -6.58 4.50 37.33
C VAL A 1219 -6.32 5.56 38.39
N PHE A 1220 -6.74 6.80 38.15
CA PHE A 1220 -6.64 7.87 39.14
C PHE A 1220 -7.97 8.07 39.85
N PHE A 1221 -9.03 8.27 39.08
CA PHE A 1221 -10.37 8.46 39.65
C PHE A 1221 -10.92 7.19 40.28
N SER A 1222 -10.21 6.07 40.18
CA SER A 1222 -10.53 4.88 40.96
C SER A 1222 -9.61 4.69 42.15
N ALA A 1223 -8.30 4.88 41.98
CA ALA A 1223 -7.38 4.86 43.10
C ALA A 1223 -7.60 5.99 44.07
N LEU A 1224 -8.32 7.04 43.67
CA LEU A 1224 -8.68 8.14 44.56
C LEU A 1224 -10.03 7.93 45.23
N MET A 1225 -10.67 6.79 45.00
CA MET A 1225 -11.85 6.39 45.75
C MET A 1225 -11.60 5.15 46.60
N MET A 1226 -10.38 4.60 46.55
CA MET A 1226 -9.94 3.61 47.51
C MET A 1226 -9.37 4.24 48.76
N VAL A 1227 -9.20 5.56 48.76
CA VAL A 1227 -8.75 6.30 49.93
C VAL A 1227 -9.89 7.04 50.60
N ILE A 1228 -10.84 7.55 49.81
CA ILE A 1228 -12.04 8.16 50.38
C ILE A 1228 -12.84 7.11 51.14
N TYR A 1229 -12.98 5.92 50.57
CA TYR A 1229 -13.76 4.84 51.16
C TYR A 1229 -12.86 3.77 51.77
N ARG A 1230 -11.75 4.18 52.38
CA ARG A 1230 -10.85 3.22 53.02
C ARG A 1230 -11.47 2.54 54.22
N ASP A 1231 -12.59 3.03 54.72
CA ASP A 1231 -13.24 2.45 55.88
C ASP A 1231 -14.21 1.32 55.54
N THR A 1232 -14.49 1.09 54.26
CA THR A 1232 -15.40 0.04 53.83
C THR A 1232 -14.77 -0.94 52.86
N LEU A 1233 -13.63 -0.61 52.27
CA LEU A 1233 -13.02 -1.45 51.24
C LEU A 1233 -11.85 -2.21 51.83
N SER A 1234 -11.84 -3.53 51.65
CA SER A 1234 -10.76 -4.34 52.15
C SER A 1234 -9.51 -4.14 51.30
N GLY A 1235 -8.37 -4.55 51.86
CA GLY A 1235 -7.12 -4.47 51.12
C GLY A 1235 -7.13 -5.34 49.87
N ASP A 1236 -7.85 -6.46 49.92
CA ASP A 1236 -7.94 -7.33 48.75
C ASP A 1236 -8.66 -6.64 47.60
N THR A 1237 -9.76 -5.94 47.90
CA THR A 1237 -10.56 -5.33 46.85
C THR A 1237 -9.81 -4.26 46.08
N VAL A 1238 -8.82 -3.62 46.69
CA VAL A 1238 -8.07 -2.59 45.98
C VAL A 1238 -7.24 -3.21 44.87
N GLY A 1239 -6.52 -4.29 45.17
CA GLY A 1239 -5.79 -4.97 44.12
C GLY A 1239 -6.69 -5.55 43.06
N PHE A 1240 -7.87 -6.04 43.48
CA PHE A 1240 -8.82 -6.63 42.54
C PHE A 1240 -9.26 -5.59 41.51
N VAL A 1241 -9.25 -4.32 41.89
CA VAL A 1241 -9.74 -3.26 41.01
C VAL A 1241 -8.59 -2.55 40.29
N LEU A 1242 -7.54 -2.20 41.03
CA LEU A 1242 -6.46 -1.41 40.45
C LEU A 1242 -5.53 -2.24 39.55
N SER A 1243 -5.33 -3.51 39.86
CA SER A 1243 -4.48 -4.33 39.02
C SER A 1243 -5.09 -4.53 37.63
N ASN A 1244 -6.38 -4.26 37.48
CA ASN A 1244 -7.02 -4.34 36.17
C ASN A 1244 -7.00 -2.98 35.49
N ALA A 1245 -7.33 -1.93 36.24
CA ALA A 1245 -7.36 -0.59 35.67
C ALA A 1245 -6.00 -0.14 35.16
N LEU A 1246 -4.91 -0.78 35.58
CA LEU A 1246 -3.59 -0.39 35.11
C LEU A 1246 -3.33 -0.82 33.67
N ASN A 1247 -4.21 -1.64 33.09
CA ASN A 1247 -4.10 -2.05 31.71
C ASN A 1247 -5.39 -1.78 30.96
N ILE A 1248 -6.01 -0.63 31.24
CA ILE A 1248 -7.15 -0.15 30.46
C ILE A 1248 -6.72 0.91 29.47
N THR A 1249 -5.44 1.26 29.42
CA THR A 1249 -4.90 2.17 28.42
C THR A 1249 -4.46 1.43 27.17
N GLN A 1250 -3.82 0.26 27.33
CA GLN A 1250 -3.48 -0.56 26.18
C GLN A 1250 -4.73 -1.05 25.47
N THR A 1251 -5.74 -1.44 26.23
CA THR A 1251 -6.96 -1.99 25.63
C THR A 1251 -7.83 -0.92 25.01
N LEU A 1252 -7.72 0.33 25.49
CA LEU A 1252 -8.51 1.40 24.90
C LEU A 1252 -7.94 1.85 23.57
N ASN A 1253 -6.62 1.80 23.40
CA ASN A 1253 -6.02 2.12 22.12
C ASN A 1253 -6.44 1.11 21.06
N TRP A 1254 -6.35 -0.18 21.37
CA TRP A 1254 -6.60 -1.22 20.39
C TRP A 1254 -8.09 -1.43 20.13
N LEU A 1255 -8.98 -0.80 20.89
CA LEU A 1255 -10.39 -0.79 20.53
C LEU A 1255 -10.73 0.36 19.59
N VAL A 1256 -9.88 1.39 19.52
CA VAL A 1256 -10.09 2.50 18.59
C VAL A 1256 -9.28 2.35 17.32
N ARG A 1257 -8.26 1.49 17.32
CA ARG A 1257 -7.53 1.15 16.09
C ARG A 1257 -8.13 -0.04 15.38
N MET A 1258 -8.76 -0.96 16.10
CA MET A 1258 -9.49 -2.04 15.44
C MET A 1258 -10.90 -1.60 15.05
N THR A 1259 -11.33 -0.43 15.53
CA THR A 1259 -12.56 0.15 15.00
C THR A 1259 -12.29 0.93 13.72
N SER A 1260 -11.01 1.15 13.39
CA SER A 1260 -10.66 1.85 12.17
C SER A 1260 -10.41 0.87 11.03
N GLU A 1261 -9.90 -0.32 11.35
CA GLU A 1261 -9.71 -1.35 10.33
C GLU A 1261 -11.02 -2.00 9.92
N ILE A 1262 -11.99 -2.10 10.83
CA ILE A 1262 -13.32 -2.59 10.49
C ILE A 1262 -14.13 -1.56 9.70
N GLU A 1263 -13.57 -0.38 9.45
CA GLU A 1263 -14.21 0.61 8.59
C GLU A 1263 -13.46 0.81 7.29
N THR A 1264 -12.17 0.49 7.24
CA THR A 1264 -11.42 0.52 5.99
C THR A 1264 -11.45 -0.81 5.26
N ASN A 1265 -11.66 -1.92 5.97
CA ASN A 1265 -11.75 -3.24 5.34
C ASN A 1265 -13.18 -3.62 5.01
N ILE A 1266 -14.16 -3.13 5.77
CA ILE A 1266 -15.55 -3.47 5.48
C ILE A 1266 -16.04 -2.77 4.23
N VAL A 1267 -15.23 -1.90 3.63
CA VAL A 1267 -15.55 -1.38 2.32
C VAL A 1267 -15.57 -2.51 1.30
N ALA A 1268 -14.67 -3.49 1.49
CA ALA A 1268 -14.60 -4.62 0.57
C ALA A 1268 -15.96 -5.29 0.43
N VAL A 1269 -16.65 -5.54 1.54
CA VAL A 1269 -17.95 -6.19 1.49
C VAL A 1269 -19.00 -5.32 0.84
N GLU A 1270 -18.77 -4.01 0.73
CA GLU A 1270 -19.71 -3.16 0.02
C GLU A 1270 -19.65 -3.40 -1.48
N ARG A 1271 -18.44 -3.54 -2.04
CA ARG A 1271 -18.29 -3.78 -3.46
C ARG A 1271 -18.66 -5.22 -3.83
N ILE A 1272 -18.23 -6.19 -3.01
CA ILE A 1272 -18.58 -7.58 -3.27
C ILE A 1272 -20.08 -7.78 -3.25
N THR A 1273 -20.82 -6.88 -2.62
CA THR A 1273 -22.27 -7.00 -2.54
C THR A 1273 -23.02 -6.15 -3.56
N GLU A 1274 -22.46 -5.03 -3.99
CA GLU A 1274 -23.12 -4.25 -5.04
C GLU A 1274 -23.17 -5.02 -6.35
N TYR A 1275 -22.08 -5.70 -6.69
CA TYR A 1275 -22.06 -6.51 -7.91
C TYR A 1275 -22.94 -7.75 -7.76
N THR A 1276 -22.92 -8.37 -6.57
CA THR A 1276 -23.72 -9.57 -6.35
C THR A 1276 -25.21 -9.30 -6.50
N LYS A 1277 -25.64 -8.04 -6.40
CA LYS A 1277 -27.05 -7.71 -6.50
C LYS A 1277 -27.33 -6.87 -7.73
N VAL A 1278 -26.62 -7.15 -8.83
CA VAL A 1278 -26.86 -6.48 -10.10
C VAL A 1278 -27.96 -7.25 -10.83
N GLU A 1279 -28.58 -6.61 -11.82
CA GLU A 1279 -29.69 -7.19 -12.56
C GLU A 1279 -29.15 -8.36 -13.40
N ASN A 1280 -30.05 -9.28 -13.75
CA ASN A 1280 -29.65 -10.52 -14.42
C ASN A 1280 -30.48 -10.73 -15.67
N GLU A 1281 -29.98 -11.59 -16.55
CA GLU A 1281 -30.71 -11.93 -17.76
C GLU A 1281 -31.94 -12.77 -17.41
N ALA A 1282 -32.65 -13.19 -18.45
CA ALA A 1282 -33.84 -14.02 -18.27
C ALA A 1282 -33.42 -15.38 -17.71
N PRO A 1283 -34.32 -16.11 -17.04
CA PRO A 1283 -33.93 -17.40 -16.47
C PRO A 1283 -33.38 -18.34 -17.54
N TRP A 1284 -32.35 -19.09 -17.17
CA TRP A 1284 -31.71 -20.00 -18.12
C TRP A 1284 -32.69 -21.07 -18.60
N VAL A 1285 -33.47 -21.65 -17.69
CA VAL A 1285 -34.42 -22.70 -18.04
C VAL A 1285 -35.81 -22.25 -17.61
N THR A 1286 -36.76 -22.32 -18.53
CA THR A 1286 -38.14 -21.94 -18.27
C THR A 1286 -39.04 -23.16 -18.39
N ASP A 1287 -40.24 -23.04 -17.80
CA ASP A 1287 -41.19 -24.16 -17.82
C ASP A 1287 -41.56 -24.59 -19.23
N LYS A 1288 -41.61 -23.66 -20.18
CA LYS A 1288 -42.05 -23.95 -21.54
C LYS A 1288 -40.85 -24.43 -22.36
N ARG A 1289 -40.38 -25.63 -22.02
CA ARG A 1289 -39.29 -26.22 -22.79
C ARG A 1289 -39.79 -26.63 -24.17
N PRO A 1290 -38.96 -26.48 -25.21
CA PRO A 1290 -39.36 -26.94 -26.55
C PRO A 1290 -39.16 -28.43 -26.70
N PRO A 1291 -39.65 -29.02 -27.79
CA PRO A 1291 -39.42 -30.45 -28.02
C PRO A 1291 -37.94 -30.74 -28.14
N PRO A 1292 -37.50 -31.93 -27.73
CA PRO A 1292 -36.05 -32.22 -27.78
C PRO A 1292 -35.46 -32.11 -29.18
N ASP A 1293 -36.20 -32.48 -30.21
CA ASP A 1293 -35.73 -32.37 -31.59
C ASP A 1293 -35.80 -30.95 -32.12
N TRP A 1294 -36.48 -30.05 -31.42
CA TRP A 1294 -36.57 -28.65 -31.85
C TRP A 1294 -35.19 -28.00 -31.83
N PRO A 1295 -34.85 -27.20 -32.84
CA PRO A 1295 -35.60 -26.90 -34.07
C PRO A 1295 -35.47 -28.03 -35.07
N SER A 1296 -36.55 -28.34 -35.81
CA SER A 1296 -36.52 -29.44 -36.76
C SER A 1296 -36.26 -28.96 -38.19
N LYS A 1297 -36.77 -27.78 -38.56
CA LYS A 1297 -36.64 -27.26 -39.91
C LYS A 1297 -35.70 -26.06 -40.00
N GLY A 1298 -35.42 -25.38 -38.89
CA GLY A 1298 -34.52 -24.25 -38.93
C GLY A 1298 -35.11 -23.01 -39.56
N LYS A 1299 -36.43 -22.88 -39.58
CA LYS A 1299 -37.06 -21.69 -40.13
C LYS A 1299 -36.98 -20.55 -39.12
N ILE A 1300 -36.66 -19.35 -39.61
CA ILE A 1300 -36.54 -18.16 -38.78
C ILE A 1300 -37.41 -17.07 -39.36
N GLN A 1301 -38.19 -16.41 -38.50
CA GLN A 1301 -39.11 -15.35 -38.91
C GLN A 1301 -38.88 -14.13 -38.03
N PHE A 1302 -38.74 -12.97 -38.66
CA PHE A 1302 -38.64 -11.70 -37.96
C PHE A 1302 -39.91 -10.90 -38.21
N ASN A 1303 -40.49 -10.36 -37.14
CA ASN A 1303 -41.77 -9.67 -37.20
C ASN A 1303 -41.61 -8.29 -36.56
N ASN A 1304 -41.29 -7.29 -37.39
CA ASN A 1304 -41.17 -5.91 -36.91
C ASN A 1304 -40.24 -5.85 -35.70
N TYR A 1305 -39.11 -6.54 -35.78
CA TYR A 1305 -38.19 -6.62 -34.65
C TYR A 1305 -37.47 -5.29 -34.46
N GLN A 1306 -37.35 -4.86 -33.21
CA GLN A 1306 -36.63 -3.65 -32.85
C GLN A 1306 -35.76 -3.95 -31.63
N VAL A 1307 -34.56 -3.38 -31.62
CA VAL A 1307 -33.59 -3.61 -30.55
C VAL A 1307 -32.78 -2.35 -30.31
N ARG A 1308 -32.40 -2.14 -29.05
CA ARG A 1308 -31.54 -1.04 -28.65
C ARG A 1308 -30.52 -1.57 -27.66
N TYR A 1309 -29.27 -1.12 -27.80
CA TYR A 1309 -28.22 -1.57 -26.89
C TYR A 1309 -28.54 -1.20 -25.45
N ARG A 1310 -28.98 0.04 -25.22
CA ARG A 1310 -29.30 0.53 -23.90
C ARG A 1310 -30.59 1.34 -23.95
N PRO A 1311 -31.30 1.47 -22.84
CA PRO A 1311 -32.51 2.30 -22.85
C PRO A 1311 -32.23 3.74 -23.25
N GLU A 1312 -31.04 4.26 -22.95
CA GLU A 1312 -30.70 5.64 -23.26
C GLU A 1312 -30.20 5.82 -24.68
N LEU A 1313 -30.06 4.75 -25.46
CA LEU A 1313 -29.52 4.82 -26.80
C LEU A 1313 -30.61 4.50 -27.83
N ASP A 1314 -30.49 5.15 -28.99
CA ASP A 1314 -31.50 5.02 -30.04
C ASP A 1314 -31.58 3.58 -30.56
N LEU A 1315 -32.68 3.29 -31.24
CA LEU A 1315 -32.88 1.97 -31.80
C LEU A 1315 -31.77 1.64 -32.80
N VAL A 1316 -31.29 0.41 -32.75
CA VAL A 1316 -30.32 -0.07 -33.74
C VAL A 1316 -31.02 -0.70 -34.93
N LEU A 1317 -32.02 -1.54 -34.68
CA LEU A 1317 -32.87 -2.09 -35.72
C LEU A 1317 -34.23 -1.43 -35.62
N ARG A 1318 -34.82 -1.11 -36.78
CA ARG A 1318 -35.97 -0.21 -36.83
C ARG A 1318 -37.15 -0.85 -37.56
N GLY A 1319 -37.54 -2.05 -37.14
CA GLY A 1319 -38.69 -2.72 -37.73
C GLY A 1319 -38.30 -3.83 -38.69
N ILE A 1320 -37.30 -4.61 -38.32
CA ILE A 1320 -36.85 -5.71 -39.19
C ILE A 1320 -37.97 -6.72 -39.31
N THR A 1321 -38.32 -7.07 -40.55
CA THR A 1321 -39.33 -8.07 -40.84
C THR A 1321 -38.84 -8.93 -42.00
N CYS A 1322 -38.70 -10.23 -41.76
CA CYS A 1322 -38.22 -11.13 -42.78
C CYS A 1322 -38.61 -12.57 -42.41
N ASP A 1323 -38.54 -13.46 -43.40
CA ASP A 1323 -38.79 -14.87 -43.21
C ASP A 1323 -37.65 -15.66 -43.85
N ILE A 1324 -37.10 -16.62 -43.11
CA ILE A 1324 -36.00 -17.44 -43.57
C ILE A 1324 -36.48 -18.87 -43.67
N GLY A 1325 -36.39 -19.44 -44.87
CA GLY A 1325 -36.88 -20.79 -45.10
C GLY A 1325 -35.94 -21.84 -44.55
N SER A 1326 -36.45 -23.07 -44.49
CA SER A 1326 -35.69 -24.19 -43.99
C SER A 1326 -34.48 -24.46 -44.87
N MET A 1327 -33.34 -24.77 -44.25
CA MET A 1327 -32.10 -25.08 -44.95
C MET A 1327 -31.70 -23.99 -45.94
N GLU A 1328 -32.16 -22.75 -45.71
CA GLU A 1328 -31.89 -21.66 -46.62
C GLU A 1328 -30.56 -21.00 -46.28
N LYS A 1329 -29.68 -20.89 -47.27
CA LYS A 1329 -28.40 -20.20 -47.11
C LYS A 1329 -28.62 -18.73 -47.44
N ILE A 1330 -28.28 -17.87 -46.48
CA ILE A 1330 -28.54 -16.43 -46.57
C ILE A 1330 -27.25 -15.69 -46.27
N GLY A 1331 -26.93 -14.71 -47.11
CA GLY A 1331 -25.83 -13.80 -46.82
C GLY A 1331 -26.37 -12.46 -46.38
N VAL A 1332 -25.65 -11.82 -45.47
CA VAL A 1332 -26.05 -10.54 -44.90
C VAL A 1332 -24.98 -9.52 -45.27
N VAL A 1333 -25.39 -8.43 -45.90
CA VAL A 1333 -24.48 -7.40 -46.38
C VAL A 1333 -25.00 -6.03 -45.94
N GLY A 1334 -24.09 -5.08 -45.91
CA GLY A 1334 -24.44 -3.72 -45.52
C GLY A 1334 -23.19 -2.96 -45.07
N ARG A 1335 -23.40 -1.67 -44.82
CA ARG A 1335 -22.30 -0.84 -44.35
C ARG A 1335 -22.02 -1.13 -42.88
N THR A 1336 -20.78 -0.83 -42.48
CA THR A 1336 -20.39 -1.02 -41.09
C THR A 1336 -21.27 -0.17 -40.18
N GLY A 1337 -21.74 -0.78 -39.09
CA GLY A 1337 -22.65 -0.12 -38.18
C GLY A 1337 -24.10 -0.15 -38.59
N ALA A 1338 -24.42 -0.78 -39.72
CA ALA A 1338 -25.81 -0.86 -40.17
C ALA A 1338 -26.66 -1.79 -39.32
N GLY A 1339 -26.05 -2.56 -38.42
CA GLY A 1339 -26.76 -3.51 -37.60
C GLY A 1339 -26.55 -4.96 -37.96
N LYS A 1340 -25.56 -5.27 -38.79
CA LYS A 1340 -25.31 -6.66 -39.18
C LYS A 1340 -24.99 -7.51 -37.96
N SER A 1341 -23.90 -7.19 -37.26
CA SER A 1341 -23.56 -7.89 -36.04
C SER A 1341 -24.66 -7.78 -34.98
N SER A 1342 -25.41 -6.68 -35.00
CA SER A 1342 -26.51 -6.53 -34.03
C SER A 1342 -27.57 -7.61 -34.23
N LEU A 1343 -27.85 -7.97 -35.49
CA LEU A 1343 -28.85 -8.99 -35.76
C LEU A 1343 -28.48 -10.31 -35.10
N THR A 1344 -27.20 -10.68 -35.15
CA THR A 1344 -26.77 -11.95 -34.56
C THR A 1344 -27.06 -11.98 -33.06
N ASN A 1345 -26.77 -10.89 -32.36
CA ASN A 1345 -27.03 -10.84 -30.93
C ASN A 1345 -28.51 -11.06 -30.62
N CYS A 1346 -29.40 -10.55 -31.49
CA CYS A 1346 -30.82 -10.73 -31.29
C CYS A 1346 -31.21 -12.21 -31.36
N LEU A 1347 -30.62 -12.95 -32.29
CA LEU A 1347 -30.93 -14.37 -32.41
C LEU A 1347 -30.56 -15.12 -31.13
N PHE A 1348 -29.40 -14.81 -30.56
CA PHE A 1348 -28.98 -15.43 -29.30
C PHE A 1348 -29.62 -14.76 -28.09
N ARG A 1349 -30.45 -13.74 -28.30
CA ARG A 1349 -31.16 -13.08 -27.21
C ARG A 1349 -30.18 -12.42 -26.22
N ILE A 1350 -28.97 -12.14 -26.71
CA ILE A 1350 -28.06 -11.32 -25.93
C ILE A 1350 -28.64 -9.94 -25.70
N LEU A 1351 -29.24 -9.36 -26.73
CA LEU A 1351 -29.97 -8.10 -26.63
C LEU A 1351 -31.46 -8.44 -26.61
N GLU A 1352 -32.14 -8.09 -25.53
CA GLU A 1352 -33.57 -8.35 -25.44
C GLU A 1352 -34.34 -7.45 -26.39
N ALA A 1353 -35.46 -7.97 -26.89
CA ALA A 1353 -36.21 -7.26 -27.92
C ALA A 1353 -36.86 -6.00 -27.35
N ALA A 1354 -36.63 -4.88 -28.03
CA ALA A 1354 -37.38 -3.66 -27.74
C ALA A 1354 -38.73 -3.64 -28.43
N GLY A 1355 -38.88 -4.41 -29.51
CA GLY A 1355 -40.15 -4.51 -30.21
C GLY A 1355 -40.13 -5.67 -31.17
N GLY A 1356 -41.32 -6.09 -31.58
CA GLY A 1356 -41.45 -7.22 -32.45
C GLY A 1356 -41.19 -8.53 -31.75
N GLN A 1357 -41.01 -9.58 -32.55
CA GLN A 1357 -40.76 -10.92 -32.02
C GLN A 1357 -40.02 -11.74 -33.06
N ILE A 1358 -39.36 -12.79 -32.59
CA ILE A 1358 -38.65 -13.75 -33.44
C ILE A 1358 -39.20 -15.13 -33.17
N ILE A 1359 -39.59 -15.84 -34.23
CA ILE A 1359 -40.20 -17.16 -34.13
C ILE A 1359 -39.33 -18.13 -34.92
N ILE A 1360 -38.96 -19.24 -34.27
CA ILE A 1360 -38.16 -20.29 -34.89
C ILE A 1360 -38.98 -21.57 -34.86
N ASP A 1361 -39.23 -22.13 -36.05
CA ASP A 1361 -40.00 -23.37 -36.18
C ASP A 1361 -41.34 -23.25 -35.48
N GLY A 1362 -41.96 -22.08 -35.59
CA GLY A 1362 -43.29 -21.86 -35.02
C GLY A 1362 -43.31 -21.56 -33.54
N VAL A 1363 -42.16 -21.39 -32.91
CA VAL A 1363 -42.08 -21.11 -31.47
C VAL A 1363 -41.35 -19.80 -31.26
N ASP A 1364 -41.91 -18.94 -30.42
CA ASP A 1364 -41.29 -17.66 -30.13
C ASP A 1364 -40.16 -17.87 -29.12
N ILE A 1365 -38.94 -17.42 -29.48
CA ILE A 1365 -37.78 -17.63 -28.64
C ILE A 1365 -37.92 -16.93 -27.29
N ALA A 1366 -38.71 -15.86 -27.22
CA ALA A 1366 -38.84 -15.11 -25.98
C ALA A 1366 -39.44 -15.96 -24.86
N SER A 1367 -40.25 -16.96 -25.19
CA SER A 1367 -40.88 -17.80 -24.18
C SER A 1367 -39.99 -18.95 -23.73
N ILE A 1368 -38.89 -19.20 -24.42
CA ILE A 1368 -38.01 -20.33 -24.10
C ILE A 1368 -36.89 -19.84 -23.20
N GLY A 1369 -36.37 -20.75 -22.38
CA GLY A 1369 -35.21 -20.43 -21.57
C GLY A 1369 -34.00 -20.10 -22.41
N LEU A 1370 -33.18 -19.17 -21.91
CA LEU A 1370 -32.04 -18.70 -22.68
C LEU A 1370 -31.12 -19.85 -23.08
N HIS A 1371 -30.71 -20.68 -22.13
CA HIS A 1371 -29.82 -21.78 -22.46
C HIS A 1371 -30.46 -22.73 -23.47
N ASP A 1372 -31.72 -23.12 -23.25
CA ASP A 1372 -32.38 -24.02 -24.17
C ASP A 1372 -32.31 -23.51 -25.59
N LEU A 1373 -32.42 -22.19 -25.78
CA LEU A 1373 -32.27 -21.60 -27.11
C LEU A 1373 -30.81 -21.66 -27.55
N ARG A 1374 -29.88 -21.37 -26.64
CA ARG A 1374 -28.49 -21.21 -27.05
C ARG A 1374 -27.82 -22.54 -27.34
N GLU A 1375 -28.21 -23.62 -26.66
CA GLU A 1375 -27.57 -24.90 -26.91
C GLU A 1375 -27.84 -25.42 -28.32
N LYS A 1376 -28.90 -24.95 -28.97
CA LYS A 1376 -29.29 -25.44 -30.28
C LYS A 1376 -28.90 -24.51 -31.42
N LEU A 1377 -28.22 -23.41 -31.14
CA LEU A 1377 -27.72 -22.50 -32.16
C LEU A 1377 -26.21 -22.46 -32.12
N THR A 1378 -25.60 -22.24 -33.28
CA THR A 1378 -24.15 -22.21 -33.42
C THR A 1378 -23.73 -20.94 -34.15
N ILE A 1379 -22.60 -20.36 -33.71
CA ILE A 1379 -22.05 -19.16 -34.30
C ILE A 1379 -20.53 -19.31 -34.37
N ILE A 1380 -19.95 -18.91 -35.49
CA ILE A 1380 -18.51 -18.84 -35.66
C ILE A 1380 -18.11 -17.38 -35.48
N PRO A 1381 -17.43 -17.01 -34.39
CA PRO A 1381 -17.22 -15.60 -34.08
C PRO A 1381 -16.17 -14.94 -34.96
N GLN A 1382 -16.27 -13.61 -35.02
CA GLN A 1382 -15.26 -12.83 -35.73
C GLN A 1382 -13.89 -13.00 -35.10
N ASP A 1383 -13.84 -12.97 -33.76
CA ASP A 1383 -12.59 -13.14 -33.04
C ASP A 1383 -12.55 -14.54 -32.45
N PRO A 1384 -11.64 -15.43 -32.90
CA PRO A 1384 -11.59 -16.77 -32.32
C PRO A 1384 -10.84 -16.82 -31.01
N ILE A 1385 -11.50 -16.45 -29.91
CA ILE A 1385 -10.90 -16.45 -28.59
C ILE A 1385 -10.86 -17.87 -28.06
N LEU A 1386 -9.71 -18.26 -27.50
CA LEU A 1386 -9.52 -19.59 -26.93
C LEU A 1386 -9.02 -19.44 -25.50
N PHE A 1387 -9.67 -20.14 -24.58
CA PHE A 1387 -9.31 -20.09 -23.18
C PHE A 1387 -8.09 -20.97 -22.91
N SER A 1388 -7.41 -20.70 -21.81
CA SER A 1388 -6.25 -21.48 -21.42
C SER A 1388 -6.67 -22.87 -20.97
N GLY A 1389 -5.87 -23.86 -21.32
CA GLY A 1389 -6.11 -25.24 -20.95
C GLY A 1389 -5.78 -26.16 -22.10
N SER A 1390 -6.36 -27.36 -22.06
CA SER A 1390 -6.13 -28.34 -23.11
C SER A 1390 -7.09 -28.12 -24.28
N LEU A 1391 -6.64 -28.53 -25.47
CA LEU A 1391 -7.48 -28.37 -26.65
C LEU A 1391 -8.81 -29.08 -26.49
N ARG A 1392 -8.82 -30.21 -25.77
CA ARG A 1392 -10.08 -30.94 -25.57
C ARG A 1392 -11.08 -30.09 -24.80
N MET A 1393 -10.62 -29.39 -23.76
CA MET A 1393 -11.52 -28.54 -22.99
C MET A 1393 -12.08 -27.40 -23.84
N ASN A 1394 -11.22 -26.75 -24.64
CA ASN A 1394 -11.69 -25.68 -25.49
C ASN A 1394 -12.69 -26.15 -26.52
N LEU A 1395 -12.64 -27.42 -26.92
CA LEU A 1395 -13.57 -27.97 -27.89
C LEU A 1395 -14.82 -28.54 -27.22
N ASP A 1396 -14.64 -29.31 -26.15
CA ASP A 1396 -15.76 -29.96 -25.45
C ASP A 1396 -15.60 -29.76 -23.96
N PRO A 1397 -15.84 -28.53 -23.48
CA PRO A 1397 -15.73 -28.29 -22.03
C PRO A 1397 -16.70 -29.13 -21.20
N PHE A 1398 -17.88 -29.44 -21.73
CA PHE A 1398 -18.84 -30.30 -21.03
C PHE A 1398 -18.45 -31.77 -21.08
N ASN A 1399 -17.46 -32.15 -21.90
CA ASN A 1399 -16.99 -33.52 -22.07
C ASN A 1399 -18.13 -34.46 -22.43
N ASN A 1400 -19.07 -34.03 -23.29
CA ASN A 1400 -20.19 -34.89 -23.67
C ASN A 1400 -19.88 -35.73 -24.89
N TYR A 1401 -18.67 -35.64 -25.44
CA TYR A 1401 -18.33 -36.29 -26.69
C TYR A 1401 -17.00 -37.04 -26.56
N SER A 1402 -16.87 -38.10 -27.34
CA SER A 1402 -15.67 -38.93 -27.28
C SER A 1402 -14.54 -38.30 -28.08
N ASP A 1403 -13.32 -38.82 -27.85
CA ASP A 1403 -12.16 -38.33 -28.58
C ASP A 1403 -12.28 -38.62 -30.07
N GLU A 1404 -12.86 -39.76 -30.44
CA GLU A 1404 -12.99 -40.10 -31.85
C GLU A 1404 -13.80 -39.05 -32.60
N GLU A 1405 -14.92 -38.61 -32.01
CA GLU A 1405 -15.71 -37.57 -32.65
C GLU A 1405 -14.92 -36.27 -32.75
N ILE A 1406 -14.17 -35.91 -31.71
CA ILE A 1406 -13.36 -34.70 -31.75
C ILE A 1406 -12.30 -34.81 -32.84
N TRP A 1407 -11.63 -35.96 -32.93
CA TRP A 1407 -10.65 -36.17 -33.99
C TRP A 1407 -11.31 -36.09 -35.37
N LYS A 1408 -12.51 -36.68 -35.50
CA LYS A 1408 -13.23 -36.60 -36.76
C LYS A 1408 -13.55 -35.14 -37.11
N ALA A 1409 -13.99 -34.37 -36.12
CA ALA A 1409 -14.27 -32.95 -36.37
C ALA A 1409 -13.01 -32.22 -36.78
N LEU A 1410 -11.89 -32.50 -36.11
CA LEU A 1410 -10.63 -31.86 -36.48
C LEU A 1410 -10.21 -32.23 -37.90
N GLU A 1411 -10.42 -33.48 -38.30
CA GLU A 1411 -10.13 -33.87 -39.68
C GLU A 1411 -11.00 -33.07 -40.65
N LEU A 1412 -12.28 -32.91 -40.34
CA LEU A 1412 -13.14 -32.07 -41.16
C LEU A 1412 -12.69 -30.61 -41.13
N ALA A 1413 -12.09 -30.19 -40.02
CA ALA A 1413 -11.57 -28.84 -39.89
C ALA A 1413 -10.15 -28.69 -40.43
N HIS A 1414 -9.56 -29.78 -40.93
CA HIS A 1414 -8.22 -29.77 -41.52
C HIS A 1414 -7.14 -29.51 -40.47
N LEU A 1415 -7.48 -29.59 -39.20
CA LEU A 1415 -6.52 -29.40 -38.11
C LEU A 1415 -5.99 -30.71 -37.56
N LYS A 1416 -6.38 -31.85 -38.14
CA LYS A 1416 -5.93 -33.14 -37.63
C LYS A 1416 -4.41 -33.26 -37.70
N SER A 1417 -3.82 -32.86 -38.84
CA SER A 1417 -2.37 -32.97 -38.98
C SER A 1417 -1.65 -32.07 -37.98
N PHE A 1418 -2.09 -30.82 -37.85
CA PHE A 1418 -1.44 -29.91 -36.92
C PHE A 1418 -1.56 -30.38 -35.48
N VAL A 1419 -2.75 -30.85 -35.09
CA VAL A 1419 -2.95 -31.35 -33.74
C VAL A 1419 -2.14 -32.63 -33.53
N ALA A 1420 -2.10 -33.50 -34.55
CA ALA A 1420 -1.32 -34.72 -34.44
C ALA A 1420 0.16 -34.44 -34.27
N SER A 1421 0.68 -33.43 -34.97
CA SER A 1421 2.09 -33.10 -34.86
C SER A 1421 2.48 -32.69 -33.44
N LEU A 1422 1.55 -32.15 -32.67
CA LEU A 1422 1.84 -31.73 -31.31
C LEU A 1422 2.19 -32.93 -30.44
N GLN A 1423 3.11 -32.73 -29.49
CA GLN A 1423 3.52 -33.83 -28.62
C GLN A 1423 2.36 -34.34 -27.78
N LEU A 1424 1.56 -33.45 -27.21
CA LEU A 1424 0.46 -33.82 -26.33
C LEU A 1424 -0.85 -34.04 -27.05
N GLY A 1425 -0.92 -33.76 -28.36
CA GLY A 1425 -2.15 -33.95 -29.08
C GLY A 1425 -3.28 -33.11 -28.50
N LEU A 1426 -4.41 -33.75 -28.23
CA LEU A 1426 -5.56 -33.04 -27.68
C LEU A 1426 -5.27 -32.46 -26.31
N SER A 1427 -4.28 -32.99 -25.59
CA SER A 1427 -3.91 -32.49 -24.28
C SER A 1427 -2.95 -31.31 -24.34
N HIS A 1428 -2.61 -30.85 -25.54
CA HIS A 1428 -1.70 -29.71 -25.68
C HIS A 1428 -2.28 -28.51 -24.94
N GLU A 1429 -1.45 -27.86 -24.14
CA GLU A 1429 -1.89 -26.73 -23.31
C GLU A 1429 -2.04 -25.49 -24.19
N VAL A 1430 -3.10 -24.72 -23.95
CA VAL A 1430 -3.32 -23.48 -24.67
C VAL A 1430 -2.98 -22.31 -23.74
N THR A 1431 -2.18 -21.37 -24.24
CA THR A 1431 -1.86 -20.18 -23.49
C THR A 1431 -3.04 -19.22 -23.47
N GLU A 1432 -2.87 -18.10 -22.77
CA GLU A 1432 -3.94 -17.12 -22.65
C GLU A 1432 -4.37 -16.63 -24.03
N ALA A 1433 -5.67 -16.71 -24.30
CA ALA A 1433 -6.23 -16.24 -25.56
C ALA A 1433 -5.62 -17.00 -26.74
N GLY A 1434 -5.06 -18.17 -26.48
CA GLY A 1434 -4.42 -18.93 -27.55
C GLY A 1434 -3.26 -18.21 -28.21
N GLY A 1435 -2.40 -17.59 -27.42
CA GLY A 1435 -1.28 -16.83 -27.99
C GLY A 1435 -0.28 -17.68 -28.74
N ASN A 1436 -0.32 -19.00 -28.55
CA ASN A 1436 0.61 -19.91 -29.21
C ASN A 1436 0.06 -20.49 -30.50
N LEU A 1437 -1.13 -20.06 -30.93
CA LEU A 1437 -1.76 -20.55 -32.15
C LEU A 1437 -2.00 -19.39 -33.10
N SER A 1438 -1.83 -19.65 -34.41
CA SER A 1438 -2.05 -18.63 -35.41
C SER A 1438 -3.53 -18.27 -35.51
N ILE A 1439 -3.79 -17.08 -36.06
CA ILE A 1439 -5.16 -16.61 -36.18
C ILE A 1439 -5.99 -17.59 -37.00
N GLY A 1440 -5.44 -18.05 -38.13
CA GLY A 1440 -6.14 -19.04 -38.92
C GLY A 1440 -6.38 -20.33 -38.16
N GLN A 1441 -5.39 -20.77 -37.39
CA GLN A 1441 -5.55 -21.98 -36.59
C GLN A 1441 -6.69 -21.82 -35.59
N ARG A 1442 -6.75 -20.67 -34.91
CA ARG A 1442 -7.83 -20.44 -33.96
C ARG A 1442 -9.18 -20.48 -34.66
N GLN A 1443 -9.30 -19.84 -35.83
CA GLN A 1443 -10.56 -19.83 -36.56
C GLN A 1443 -10.95 -21.25 -36.97
N LEU A 1444 -9.98 -22.03 -37.43
CA LEU A 1444 -10.26 -23.43 -37.75
C LEU A 1444 -10.72 -24.19 -36.53
N LEU A 1445 -10.09 -23.94 -35.37
CA LEU A 1445 -10.53 -24.58 -34.14
C LEU A 1445 -11.96 -24.18 -33.80
N CYS A 1446 -12.32 -22.91 -34.00
CA CYS A 1446 -13.71 -22.50 -33.82
C CYS A 1446 -14.63 -23.25 -34.76
N LEU A 1447 -14.20 -23.45 -36.01
CA LEU A 1447 -14.97 -24.27 -36.93
C LEU A 1447 -15.15 -25.68 -36.39
N GLY A 1448 -14.11 -26.23 -35.74
CA GLY A 1448 -14.25 -27.53 -35.12
C GLY A 1448 -15.37 -27.55 -34.09
N ARG A 1449 -15.52 -26.47 -33.33
CA ARG A 1449 -16.64 -26.38 -32.40
C ARG A 1449 -17.96 -26.44 -33.14
N ALA A 1450 -18.08 -25.70 -34.25
CA ALA A 1450 -19.33 -25.66 -34.99
C ALA A 1450 -19.65 -27.01 -35.60
N LEU A 1451 -18.67 -27.65 -36.25
CA LEU A 1451 -18.91 -28.95 -36.86
C LEU A 1451 -19.32 -29.98 -35.82
N LEU A 1452 -18.81 -29.86 -34.60
CA LEU A 1452 -19.15 -30.81 -33.54
C LEU A 1452 -20.62 -30.70 -33.15
N ARG A 1453 -21.10 -29.48 -32.92
CA ARG A 1453 -22.44 -29.29 -32.38
C ARG A 1453 -23.52 -29.73 -33.37
N LYS A 1454 -23.31 -29.48 -34.66
CA LYS A 1454 -24.26 -29.92 -35.70
C LYS A 1454 -25.64 -29.31 -35.47
N SER A 1455 -25.67 -28.00 -35.22
CA SER A 1455 -26.93 -27.30 -35.04
C SER A 1455 -27.60 -27.07 -36.39
N LYS A 1456 -28.93 -27.13 -36.40
CA LYS A 1456 -29.68 -26.90 -37.62
C LYS A 1456 -29.56 -25.47 -38.12
N ILE A 1457 -29.24 -24.52 -37.24
CA ILE A 1457 -29.06 -23.12 -37.60
C ILE A 1457 -27.63 -22.73 -37.31
N LEU A 1458 -26.95 -22.17 -38.31
CA LEU A 1458 -25.57 -21.74 -38.19
C LEU A 1458 -25.47 -20.27 -38.58
N VAL A 1459 -24.61 -19.53 -37.89
CA VAL A 1459 -24.39 -18.11 -38.14
C VAL A 1459 -22.90 -17.89 -38.32
N LEU A 1460 -22.54 -17.20 -39.41
CA LEU A 1460 -21.15 -16.86 -39.71
C LEU A 1460 -21.02 -15.35 -39.67
N ASP A 1461 -20.20 -14.85 -38.74
CA ASP A 1461 -20.02 -13.41 -38.55
C ASP A 1461 -18.57 -13.06 -38.89
N GLU A 1462 -18.34 -12.77 -40.17
CA GLU A 1462 -17.00 -12.40 -40.64
C GLU A 1462 -15.97 -13.43 -40.21
N ALA A 1463 -16.33 -14.71 -40.34
CA ALA A 1463 -15.43 -15.78 -39.94
C ALA A 1463 -14.15 -15.83 -40.77
N THR A 1464 -14.13 -15.16 -41.93
CA THR A 1464 -12.98 -15.18 -42.82
C THR A 1464 -12.40 -13.79 -43.06
N ALA A 1465 -12.76 -12.81 -42.22
CA ALA A 1465 -12.21 -11.46 -42.40
C ALA A 1465 -10.70 -11.45 -42.19
N ALA A 1466 -10.23 -12.15 -41.16
CA ALA A 1466 -8.80 -12.23 -40.85
C ALA A 1466 -8.21 -13.59 -41.22
N VAL A 1467 -8.65 -14.17 -42.33
CA VAL A 1467 -8.22 -15.50 -42.76
C VAL A 1467 -7.67 -15.40 -44.17
N ASP A 1468 -6.52 -16.04 -44.40
CA ASP A 1468 -5.93 -16.05 -45.73
C ASP A 1468 -6.83 -16.80 -46.71
N LEU A 1469 -6.59 -16.58 -48.00
CA LEU A 1469 -7.46 -17.15 -49.02
C LEU A 1469 -7.45 -18.67 -48.99
N GLU A 1470 -6.27 -19.29 -48.81
CA GLU A 1470 -6.21 -20.74 -48.82
C GLU A 1470 -7.05 -21.34 -47.70
N THR A 1471 -6.90 -20.80 -46.48
CA THR A 1471 -7.73 -21.27 -45.37
C THR A 1471 -9.17 -20.86 -45.54
N ASP A 1472 -9.42 -19.68 -46.12
CA ASP A 1472 -10.79 -19.24 -46.36
C ASP A 1472 -11.52 -20.21 -47.28
N ASN A 1473 -10.86 -20.65 -48.35
CA ASN A 1473 -11.48 -21.62 -49.25
C ASN A 1473 -11.76 -22.93 -48.52
N LEU A 1474 -10.83 -23.37 -47.67
CA LEU A 1474 -11.06 -24.58 -46.89
C LEU A 1474 -12.28 -24.43 -45.98
N ILE A 1475 -12.40 -23.26 -45.34
CA ILE A 1475 -13.54 -23.02 -44.48
C ILE A 1475 -14.83 -23.06 -45.28
N GLN A 1476 -14.84 -22.40 -46.44
CA GLN A 1476 -16.03 -22.39 -47.28
C GLN A 1476 -16.37 -23.79 -47.77
N THR A 1477 -15.35 -24.54 -48.20
CA THR A 1477 -15.61 -25.89 -48.71
C THR A 1477 -16.20 -26.77 -47.62
N THR A 1478 -15.64 -26.72 -46.42
CA THR A 1478 -16.20 -27.49 -45.31
C THR A 1478 -17.61 -27.03 -44.97
N ILE A 1479 -17.84 -25.72 -44.94
CA ILE A 1479 -19.17 -25.21 -44.62
C ILE A 1479 -20.17 -25.64 -45.69
N GLN A 1480 -19.79 -25.54 -46.96
CA GLN A 1480 -20.70 -25.91 -48.04
C GLN A 1480 -21.07 -27.37 -47.97
N ASN A 1481 -20.10 -28.23 -47.67
CA ASN A 1481 -20.36 -29.67 -47.66
C ASN A 1481 -21.06 -30.11 -46.38
N GLU A 1482 -20.50 -29.74 -45.22
CA GLU A 1482 -21.02 -30.25 -43.95
C GLU A 1482 -22.31 -29.58 -43.53
N PHE A 1483 -22.48 -28.28 -43.83
CA PHE A 1483 -23.65 -27.53 -43.42
C PHE A 1483 -24.63 -27.31 -44.56
N ALA A 1484 -24.60 -28.15 -45.59
CA ALA A 1484 -25.57 -28.05 -46.67
C ALA A 1484 -26.99 -28.27 -46.17
N HIS A 1485 -27.14 -29.06 -45.11
CA HIS A 1485 -28.46 -29.41 -44.57
C HIS A 1485 -28.83 -28.57 -43.35
N CYS A 1486 -28.30 -27.35 -43.25
CA CYS A 1486 -28.58 -26.48 -42.12
C CYS A 1486 -28.83 -25.05 -42.61
N THR A 1487 -29.66 -24.32 -41.87
CA THR A 1487 -29.89 -22.92 -42.19
C THR A 1487 -28.67 -22.10 -41.81
N VAL A 1488 -28.09 -21.42 -42.79
CA VAL A 1488 -26.84 -20.67 -42.60
C VAL A 1488 -27.11 -19.20 -42.90
N ILE A 1489 -26.76 -18.34 -41.96
CA ILE A 1489 -26.82 -16.89 -42.13
C ILE A 1489 -25.39 -16.39 -42.06
N THR A 1490 -24.95 -15.69 -43.10
CA THR A 1490 -23.55 -15.30 -43.26
C THR A 1490 -23.44 -13.78 -43.26
N ILE A 1491 -22.58 -13.26 -42.38
CA ILE A 1491 -22.21 -11.85 -42.38
C ILE A 1491 -20.74 -11.76 -42.76
N ALA A 1492 -20.45 -11.12 -43.88
CA ALA A 1492 -19.07 -11.04 -44.36
C ALA A 1492 -18.89 -9.81 -45.20
N HIS A 1493 -17.71 -9.18 -45.05
CA HIS A 1493 -17.35 -8.05 -45.90
C HIS A 1493 -16.86 -8.50 -47.27
N ARG A 1494 -16.54 -9.78 -47.43
CA ARG A 1494 -16.10 -10.33 -48.71
C ARG A 1494 -17.33 -10.79 -49.49
N LEU A 1495 -17.67 -10.06 -50.55
CA LEU A 1495 -18.89 -10.38 -51.30
C LEU A 1495 -18.81 -11.74 -51.94
N HIS A 1496 -17.64 -12.13 -52.45
CA HIS A 1496 -17.52 -13.42 -53.13
C HIS A 1496 -17.93 -14.56 -52.22
N THR A 1497 -17.74 -14.42 -50.91
CA THR A 1497 -18.19 -15.44 -49.97
C THR A 1497 -19.72 -15.49 -49.88
N ILE A 1498 -20.41 -14.47 -50.38
CA ILE A 1498 -21.86 -14.39 -50.26
C ILE A 1498 -22.58 -14.68 -51.59
N MET A 1499 -21.86 -14.65 -52.71
CA MET A 1499 -22.51 -14.87 -54.00
C MET A 1499 -23.14 -16.26 -54.08
N ASP A 1500 -22.70 -17.19 -53.23
CA ASP A 1500 -23.25 -18.54 -53.23
C ASP A 1500 -24.52 -18.66 -52.39
N SER A 1501 -24.88 -17.62 -51.63
CA SER A 1501 -26.07 -17.68 -50.79
C SER A 1501 -27.33 -17.69 -51.64
N ASP A 1502 -28.36 -18.36 -51.13
CA ASP A 1502 -29.64 -18.39 -51.84
C ASP A 1502 -30.23 -16.99 -51.97
N LYS A 1503 -30.18 -16.21 -50.88
CA LYS A 1503 -30.67 -14.84 -50.89
C LYS A 1503 -29.68 -13.96 -50.15
N VAL A 1504 -29.70 -12.67 -50.48
CA VAL A 1504 -28.86 -11.67 -49.85
C VAL A 1504 -29.73 -10.52 -49.39
N MET A 1505 -29.57 -10.12 -48.12
CA MET A 1505 -30.29 -8.96 -47.57
C MET A 1505 -29.29 -7.84 -47.33
N VAL A 1506 -29.67 -6.63 -47.71
CA VAL A 1506 -28.85 -5.44 -47.56
C VAL A 1506 -29.37 -4.67 -46.35
N LEU A 1507 -28.52 -4.49 -45.34
CA LEU A 1507 -28.89 -3.77 -44.13
C LEU A 1507 -28.23 -2.40 -44.14
N ASP A 1508 -29.04 -1.36 -43.94
CA ASP A 1508 -28.55 0.01 -43.91
C ASP A 1508 -29.37 0.82 -42.92
N ASN A 1509 -28.69 1.37 -41.91
CA ASN A 1509 -29.33 2.21 -40.91
C ASN A 1509 -30.46 1.47 -40.20
N GLY A 1510 -30.26 0.17 -39.94
CA GLY A 1510 -31.21 -0.61 -39.19
C GLY A 1510 -32.44 -1.06 -39.95
N LYS A 1511 -32.43 -0.96 -41.28
CA LYS A 1511 -33.58 -1.36 -42.09
C LYS A 1511 -33.11 -2.22 -43.27
N ILE A 1512 -33.96 -3.16 -43.66
CA ILE A 1512 -33.68 -4.00 -44.81
C ILE A 1512 -34.17 -3.28 -46.07
N ILE A 1513 -33.25 -2.97 -46.97
CA ILE A 1513 -33.58 -2.26 -48.20
C ILE A 1513 -33.90 -3.24 -49.32
N GLU A 1514 -33.07 -4.25 -49.49
CA GLU A 1514 -33.23 -5.23 -50.56
C GLU A 1514 -33.11 -6.64 -50.00
N CYS A 1515 -33.86 -7.57 -50.59
CA CYS A 1515 -33.82 -8.96 -50.18
C CYS A 1515 -34.17 -9.82 -51.39
N GLY A 1516 -33.20 -10.58 -51.89
CA GLY A 1516 -33.44 -11.43 -53.05
C GLY A 1516 -32.19 -12.21 -53.39
N SER A 1517 -32.29 -12.96 -54.48
CA SER A 1517 -31.15 -13.74 -54.93
C SER A 1517 -30.03 -12.83 -55.41
N PRO A 1518 -28.77 -13.27 -55.31
CA PRO A 1518 -27.66 -12.41 -55.78
C PRO A 1518 -27.82 -11.99 -57.23
N GLU A 1519 -28.30 -12.89 -58.09
CA GLU A 1519 -28.48 -12.54 -59.50
C GLU A 1519 -29.52 -11.45 -59.67
N GLU A 1520 -30.65 -11.56 -58.98
CA GLU A 1520 -31.71 -10.58 -59.12
C GLU A 1520 -31.24 -9.20 -58.67
N LEU A 1521 -30.54 -9.14 -57.53
CA LEU A 1521 -30.04 -7.86 -57.04
C LEU A 1521 -29.02 -7.24 -57.97
N LEU A 1522 -28.11 -8.04 -58.55
CA LEU A 1522 -27.13 -7.53 -59.49
C LEU A 1522 -27.78 -6.89 -60.71
N GLN A 1523 -28.94 -7.39 -61.13
CA GLN A 1523 -29.65 -6.80 -62.26
C GLN A 1523 -30.27 -5.46 -61.93
N ILE A 1524 -30.69 -5.25 -60.69
CA ILE A 1524 -31.30 -4.00 -60.25
C ILE A 1524 -30.19 -3.07 -59.79
N PRO A 1525 -30.06 -1.85 -60.35
CA PRO A 1525 -28.99 -0.96 -59.91
C PRO A 1525 -29.23 -0.39 -58.52
N GLY A 1526 -29.18 -1.26 -57.51
CA GLY A 1526 -29.38 -0.84 -56.14
C GLY A 1526 -28.08 -0.83 -55.36
N PRO A 1527 -28.16 -0.64 -54.05
CA PRO A 1527 -26.94 -0.65 -53.23
C PRO A 1527 -26.11 -1.90 -53.40
N PHE A 1528 -26.76 -3.07 -53.51
CA PHE A 1528 -26.01 -4.31 -53.69
C PHE A 1528 -25.19 -4.27 -54.97
N TYR A 1529 -25.77 -3.75 -56.04
CA TYR A 1529 -25.03 -3.63 -57.30
C TYR A 1529 -23.81 -2.74 -57.14
N PHE A 1530 -23.97 -1.61 -56.44
CA PHE A 1530 -22.84 -0.70 -56.26
C PHE A 1530 -21.73 -1.35 -55.43
N MET A 1531 -22.10 -2.04 -54.34
CA MET A 1531 -21.09 -2.72 -53.53
C MET A 1531 -20.42 -3.83 -54.33
N ALA A 1532 -21.20 -4.60 -55.08
CA ALA A 1532 -20.61 -5.63 -55.93
C ALA A 1532 -19.69 -5.02 -56.98
N LYS A 1533 -20.10 -3.91 -57.58
CA LYS A 1533 -19.23 -3.21 -58.53
C LYS A 1533 -17.96 -2.72 -57.85
N GLU A 1534 -18.09 -2.15 -56.65
CA GLU A 1534 -16.91 -1.69 -55.92
C GLU A 1534 -15.99 -2.84 -55.57
N ALA A 1535 -16.53 -4.05 -55.43
CA ALA A 1535 -15.74 -5.22 -55.09
C ALA A 1535 -15.13 -5.90 -56.31
N GLY A 1536 -15.36 -5.36 -57.51
CA GLY A 1536 -14.82 -5.97 -58.71
C GLY A 1536 -15.67 -7.04 -59.32
N ILE A 1537 -16.85 -7.30 -58.76
CA ILE A 1537 -17.74 -8.33 -59.29
C ILE A 1537 -18.71 -7.68 -60.28
C1 CLR B . -5.67 -6.31 23.17
C2 CLR B . -5.95 -6.55 24.66
C3 CLR B . -6.71 -7.85 24.84
C4 CLR B . -5.87 -8.98 24.30
C5 CLR B . -5.51 -8.77 22.85
C6 CLR B . -5.75 -9.72 21.95
C7 CLR B . -5.32 -9.68 20.52
C8 CLR B . -4.42 -8.50 20.23
C9 CLR B . -4.98 -7.26 20.94
C10 CLR B . -4.88 -7.43 22.48
C11 CLR B . -4.42 -5.93 20.42
C12 CLR B . -4.31 -5.84 18.89
C13 CLR B . -3.51 -7.02 18.33
C14 CLR B . -4.31 -8.27 18.73
C15 CLR B . -3.75 -9.39 17.86
C16 CLR B . -3.29 -8.69 16.58
C17 CLR B . -3.43 -7.15 16.78
C18 CLR B . -2.09 -7.02 18.91
C19 CLR B . -3.44 -7.41 22.99
C20 CLR B . -2.38 -6.34 16.02
C21 CLR B . -2.61 -4.84 16.18
C22 CLR B . -2.32 -6.71 14.53
C23 CLR B . -1.13 -6.13 13.78
C24 CLR B . -0.20 -7.16 13.15
C25 CLR B . -0.21 -7.23 11.62
C26 CLR B . 1.00 -6.51 11.05
C27 CLR B . -0.25 -8.67 11.12
O1 CLR B . -7.00 -8.00 26.22
H11 CLR B . -5.17 -5.49 23.09
H12 CLR B . -6.51 -6.18 22.72
H21 CLR B . -6.47 -5.80 25.01
H22 CLR B . -5.13 -6.57 25.16
H3 CLR B . -7.52 -7.79 24.33
H41 CLR B . -6.34 -9.83 24.39
H42 CLR B . -5.07 -9.05 24.84
H6 CLR B . -6.24 -10.47 22.22
H71 CLR B . -6.11 -9.65 19.95
H72 CLR B . -4.87 -10.51 20.29
H8 CLR B . -3.53 -8.71 20.57
H9 CLR B . -5.93 -7.26 20.73
H111 CLR B . -3.54 -5.77 20.80
H112 CLR B . -4.98 -5.20 20.73
H121 CLR B . -3.86 -5.01 18.66
H122 CLR B . -5.20 -5.80 18.53
H14 CLR B . -5.21 -8.10 18.42
H151 CLR B . -4.42 -10.07 17.69
H152 CLR B . -3.02 -9.83 18.31
H161 CLR B . -3.80 -8.99 15.81
H162 CLR B . -2.36 -8.90 16.38
H17 CLR B . -4.31 -6.88 16.46
H181 CLR B . -1.52 -7.67 18.48
H182 CLR B . -2.07 -7.22 19.86
H183 CLR B . -1.67 -6.15 18.80
H191 CLR B . -2.89 -8.09 22.57
H192 CLR B . -3.39 -7.58 23.95
H193 CLR B . -3.01 -6.56 22.82
H20 CLR B . -1.51 -6.55 16.40
H211 CLR B . -2.18 -4.34 15.47
H212 CLR B . -2.27 -4.50 17.02
H213 CLR B . -3.56 -4.62 16.15
H221 CLR B . -3.14 -6.43 14.10
H222 CLR B . -2.28 -7.68 14.42
H231 CLR B . -0.61 -5.57 14.38
H232 CLR B . -1.44 -5.52 13.09
H241 CLR B . -0.41 -8.04 13.51
H242 CLR B . 0.71 -6.97 13.45
H25 CLR B . -1.01 -6.78 11.31
H261 CLR B . 0.95 -6.44 10.09
H262 CLR B . 1.83 -6.97 11.27
H263 CLR B . 1.06 -5.61 11.41
H271 CLR B . -0.26 -8.68 10.15
H272 CLR B . -1.04 -9.14 11.42
H273 CLR B . 0.52 -9.17 11.41
H1 CLR B . -7.61 -8.59 26.29
C13 FEI C . 2.65 1.32 16.38
C20 FEI C . 1.20 -5.02 20.41
C21 FEI C . 0.74 -6.41 20.85
C22 FEI C . 0.91 -7.23 19.84
C24 FEI C . 0.59 -8.72 19.82
C26 FEI C . 0.84 -10.36 17.77
C28 FEI C . 3.09 -9.94 17.24
C01 FEI C . 7.15 -2.93 19.25
C02 FEI C . 5.89 -3.60 18.70
C03 FEI C . 5.88 -4.66 17.92
N04 FEI C . 4.49 -4.98 17.63
C05 FEI C . 3.66 -4.01 18.32
C06 FEI C . 4.45 -3.17 18.95
C07 FEI C . 4.02 -2.00 19.83
C08 FEI C . 3.90 -0.71 19.01
C09 FEI C . 2.59 -0.03 19.38
O10 FEI C . 2.35 0.18 20.53
N11 FEI C . 1.65 0.34 18.35
C12 FEI C . 2.00 0.08 16.97
S14 FEI C . 1.48 2.70 16.62
O15 FEI C . 0.11 2.30 16.38
O16 FEI C . 1.70 3.87 15.73
O17 FEI C . 1.47 3.24 17.97
C18 FEI C . 2.13 -3.95 18.30
C19 FEI C . 1.60 -5.10 19.15
N23 FEI C . 1.44 -6.47 18.73
C25 FEI C . 1.36 -9.38 18.69
C27 FEI C . 1.87 -10.71 16.87
O29 FEI C . 4.33 -10.02 16.61
N30 FEI C . 2.76 -9.14 18.35
C31 FEI C . 1.76 -11.72 15.74
C32 FEI C . -0.58 -10.90 17.76
C33 FEI C . -1.02 -11.50 19.10
C34 FEI C . 0.21 -6.79 22.23
C35 FEI C . 1.19 -3.76 21.27
C36 FEI C . 2.10 -3.96 22.48
C37 FEI C . 2.09 -2.71 23.35
O38 FEI C . 1.08 -2.36 23.87
N39 FEI C . 3.32 -1.95 23.51
C40 FEI C . 3.35 -0.76 24.34
C41 FEI C . 4.65 0.00 24.11
S42 FEI C . 6.07 -1.03 24.54
O43 FEI C . 6.96 -0.45 25.54
O44 FEI C . 6.95 -1.33 23.40
O45 FEI C . 5.72 -2.35 25.07
C46 FEI C . 7.12 -5.40 17.43
C47 FEI C . 6.83 -6.29 16.21
C48 FEI C . 6.03 -5.96 15.06
C49 FEI C . 6.03 -7.08 14.20
C50 FEI C . 6.87 -8.14 14.81
O51 FEI C . 7.12 -9.39 14.26
N52 FEI C . 7.34 -7.65 16.03
C53 FEI C . 5.31 -7.17 12.86
C54 FEI C . 3.82 -7.44 13.03
C55 FEI C . 5.29 -4.65 14.81
#